data_4AUJ
# 
_entry.id   4AUJ 
# 
_audit_conform.dict_name       mmcif_pdbx.dic 
_audit_conform.dict_version    5.397 
_audit_conform.dict_location   http://mmcif.pdb.org/dictionaries/ascii/mmcif_pdbx.dic 
# 
loop_
_database_2.database_id 
_database_2.database_code 
_database_2.pdbx_database_accession 
_database_2.pdbx_DOI 
PDB   4AUJ         pdb_00004auj 10.2210/pdb4auj/pdb 
PDBE  EBI-52550    ?            ?                   
WWPDB D_1290052550 ?            ?                   
# 
loop_
_pdbx_audit_revision_history.ordinal 
_pdbx_audit_revision_history.data_content_type 
_pdbx_audit_revision_history.major_revision 
_pdbx_audit_revision_history.minor_revision 
_pdbx_audit_revision_history.revision_date 
1 'Structure model' 1 0 2013-05-29 
2 'Structure model' 1 1 2013-12-25 
3 'Structure model' 1 2 2014-06-18 
4 'Structure model' 1 3 2020-07-29 
5 'Structure model' 1 4 2023-12-20 
6 'Structure model' 1 5 2024-05-08 
7 'Structure model' 1 6 2024-10-23 
# 
loop_
_pdbx_audit_revision_details.ordinal 
_pdbx_audit_revision_details.revision_ordinal 
_pdbx_audit_revision_details.data_content_type 
_pdbx_audit_revision_details.provider 
_pdbx_audit_revision_details.type 
_pdbx_audit_revision_details.description 
_pdbx_audit_revision_details.details 
1 1 'Structure model' repository 'Initial release' ?                          ? 
2 4 'Structure model' repository Remediation       'Carbohydrate remediation' ? 
# 
loop_
_pdbx_audit_revision_group.ordinal 
_pdbx_audit_revision_group.revision_ordinal 
_pdbx_audit_revision_group.data_content_type 
_pdbx_audit_revision_group.group 
1  2 'Structure model' 'Database references'    
2  3 'Structure model' 'Database references'    
3  4 'Structure model' 'Derived calculations'   
4  4 'Structure model' Other                    
5  4 'Structure model' 'Structure summary'      
6  5 'Structure model' 'Data collection'        
7  5 'Structure model' 'Database references'    
8  5 'Structure model' 'Refinement description' 
9  5 'Structure model' 'Structure summary'      
10 6 'Structure model' 'Data collection'        
11 7 'Structure model' 'Structure summary'      
# 
loop_
_pdbx_audit_revision_category.ordinal 
_pdbx_audit_revision_category.revision_ordinal 
_pdbx_audit_revision_category.data_content_type 
_pdbx_audit_revision_category.category 
1  4 'Structure model' chem_comp                     
2  4 'Structure model' entity                        
3  4 'Structure model' pdbx_database_status          
4  4 'Structure model' pdbx_entity_nonpoly           
5  4 'Structure model' struct_site                   
6  4 'Structure model' struct_site_gen               
7  5 'Structure model' chem_comp                     
8  5 'Structure model' chem_comp_atom                
9  5 'Structure model' chem_comp_bond                
10 5 'Structure model' database_2                    
11 5 'Structure model' pdbx_initial_refinement_model 
12 6 'Structure model' diffrn_source                 
13 7 'Structure model' pdbx_entry_details            
14 7 'Structure model' pdbx_modification_feature     
# 
loop_
_pdbx_audit_revision_item.ordinal 
_pdbx_audit_revision_item.revision_ordinal 
_pdbx_audit_revision_item.data_content_type 
_pdbx_audit_revision_item.item 
1  4 'Structure model' '_chem_comp.mon_nstd_flag'                 
2  4 'Structure model' '_chem_comp.name'                          
3  4 'Structure model' '_chem_comp.type'                          
4  4 'Structure model' '_entity.pdbx_description'                 
5  4 'Structure model' '_pdbx_database_status.status_code_sf'     
6  4 'Structure model' '_pdbx_entity_nonpoly.name'                
7  5 'Structure model' '_chem_comp.pdbx_synonyms'                 
8  5 'Structure model' '_database_2.pdbx_DOI'                     
9  5 'Structure model' '_database_2.pdbx_database_accession'      
10 6 'Structure model' '_diffrn_source.pdbx_synchrotron_beamline' 
11 6 'Structure model' '_diffrn_source.pdbx_synchrotron_site'     
12 6 'Structure model' '_diffrn_source.type'                      
# 
_pdbx_database_status.status_code                     REL 
_pdbx_database_status.entry_id                        4AUJ 
_pdbx_database_status.deposit_site                    PDBE 
_pdbx_database_status.process_site                    PDBE 
_pdbx_database_status.SG_entry                        . 
_pdbx_database_status.recvd_initial_deposition_date   2012-05-17 
_pdbx_database_status.pdb_format_compatible           Y 
_pdbx_database_status.status_code_sf                  REL 
_pdbx_database_status.status_code_mr                  ? 
_pdbx_database_status.status_code_cs                  ? 
_pdbx_database_status.methods_development_category    ? 
_pdbx_database_status.status_code_nmr_data            ? 
# 
_pdbx_database_related.db_name        PDB 
_pdbx_database_related.db_id          4ATT 
_pdbx_database_related.content_type   unspecified 
_pdbx_database_related.details        
'FIMH LECTIN DOMAIN CO-CRYSTAL WITH A ALPHA-D- MANNOSIDE O-LINKED TO A PROPYNYL PARA METHOXY PHENYL' 
# 
loop_
_audit_author.name 
_audit_author.pdbx_ordinal 
'Bouckaert, J.'    1 
'Touaibia, M.'     2 
'Roos, G.'         3 
'Shiao, T.C.'      4 
'Wang, Q.'         5 
'Papadopoulos, A.' 6 
'Roy, R.'          7 
# 
_citation.id                        primary 
_citation.title                     
'Validation of Reactivity Descriptors to Assess the Aromatic Stacking within the Tyrosine Gate of Fimh.' 
_citation.journal_abbrev            'Acs Med.Chem.Lett.' 
_citation.journal_volume            4 
_citation.page_first                1085 
_citation.page_last                 ? 
_citation.year                      2013 
_citation.journal_id_ASTM           ? 
_citation.country                   US 
_citation.journal_id_ISSN           1948-5875 
_citation.journal_id_CSD            ? 
_citation.book_publisher            ? 
_citation.pdbx_database_id_PubMed   24900609 
_citation.pdbx_database_id_DOI      10.1021/ML400269V 
# 
loop_
_citation_author.citation_id 
_citation_author.name 
_citation_author.ordinal 
_citation_author.identifier_ORCID 
primary 'Roos, G.'      1 ? 
primary 'Wellens, A.'   2 ? 
primary 'Touaibia, M.'  3 ? 
primary 'Yamakawa, N.'  4 ? 
primary 'Geerlings, P.' 5 ? 
primary 'Roy, R.'       6 ? 
primary 'Wyns, L.'      7 ? 
primary 'Bouchaert, J.' 8 ? 
# 
loop_
_entity.id 
_entity.type 
_entity.src_method 
_entity.pdbx_description 
_entity.formula_weight 
_entity.pdbx_number_of_molecules 
_entity.pdbx_ec 
_entity.pdbx_mutation 
_entity.pdbx_fragment 
_entity.details 
1 polymer     man FIMH                                                        16916.828 1   ? ? 'LECTIN DOMAIN, RESIDUES 10-167' ? 
2 non-polymer syn '4-(3-hydroxyprop-1-yn-1-yl)phenyl alpha-D-mannopyranoside' 310.299   1   ? ? ?                                ? 
3 water       nat water                                                       18.015    187 ? ? ?                                ? 
# 
_entity_poly.entity_id                      1 
_entity_poly.type                           'polypeptide(L)' 
_entity_poly.nstd_linkage                   no 
_entity_poly.nstd_monomer                   no 
_entity_poly.pdbx_seq_one_letter_code       
;FACKTANGTAIPIGGGSANVYVNLAPVVNVGQNLVVDLSTQIFCHNDYPETITDYVTLQRGSAYGGVLSNFSGTVKYSGS
SYPFPTTSETPRVVYNSRTDKPWPVALYLTPVSSAGGVAIKAGSLIAVLILRQTNNYNSDDFQFVWNIYANNDVVVPT
;
_entity_poly.pdbx_seq_one_letter_code_can   
;FACKTANGTAIPIGGGSANVYVNLAPVVNVGQNLVVDLSTQIFCHNDYPETITDYVTLQRGSAYGGVLSNFSGTVKYSGS
SYPFPTTSETPRVVYNSRTDKPWPVALYLTPVSSAGGVAIKAGSLIAVLILRQTNNYNSDDFQFVWNIYANNDVVVPT
;
_entity_poly.pdbx_strand_id                 A 
_entity_poly.pdbx_target_identifier         ? 
# 
loop_
_pdbx_entity_nonpoly.entity_id 
_pdbx_entity_nonpoly.name 
_pdbx_entity_nonpoly.comp_id 
2 '4-(3-hydroxyprop-1-yn-1-yl)phenyl alpha-D-mannopyranoside' HNW 
3 water                                                       HOH 
# 
loop_
_entity_poly_seq.entity_id 
_entity_poly_seq.num 
_entity_poly_seq.mon_id 
_entity_poly_seq.hetero 
1 1   PHE n 
1 2   ALA n 
1 3   CYS n 
1 4   LYS n 
1 5   THR n 
1 6   ALA n 
1 7   ASN n 
1 8   GLY n 
1 9   THR n 
1 10  ALA n 
1 11  ILE n 
1 12  PRO n 
1 13  ILE n 
1 14  GLY n 
1 15  GLY n 
1 16  GLY n 
1 17  SER n 
1 18  ALA n 
1 19  ASN n 
1 20  VAL n 
1 21  TYR n 
1 22  VAL n 
1 23  ASN n 
1 24  LEU n 
1 25  ALA n 
1 26  PRO n 
1 27  VAL n 
1 28  VAL n 
1 29  ASN n 
1 30  VAL n 
1 31  GLY n 
1 32  GLN n 
1 33  ASN n 
1 34  LEU n 
1 35  VAL n 
1 36  VAL n 
1 37  ASP n 
1 38  LEU n 
1 39  SER n 
1 40  THR n 
1 41  GLN n 
1 42  ILE n 
1 43  PHE n 
1 44  CYS n 
1 45  HIS n 
1 46  ASN n 
1 47  ASP n 
1 48  TYR n 
1 49  PRO n 
1 50  GLU n 
1 51  THR n 
1 52  ILE n 
1 53  THR n 
1 54  ASP n 
1 55  TYR n 
1 56  VAL n 
1 57  THR n 
1 58  LEU n 
1 59  GLN n 
1 60  ARG n 
1 61  GLY n 
1 62  SER n 
1 63  ALA n 
1 64  TYR n 
1 65  GLY n 
1 66  GLY n 
1 67  VAL n 
1 68  LEU n 
1 69  SER n 
1 70  ASN n 
1 71  PHE n 
1 72  SER n 
1 73  GLY n 
1 74  THR n 
1 75  VAL n 
1 76  LYS n 
1 77  TYR n 
1 78  SER n 
1 79  GLY n 
1 80  SER n 
1 81  SER n 
1 82  TYR n 
1 83  PRO n 
1 84  PHE n 
1 85  PRO n 
1 86  THR n 
1 87  THR n 
1 88  SER n 
1 89  GLU n 
1 90  THR n 
1 91  PRO n 
1 92  ARG n 
1 93  VAL n 
1 94  VAL n 
1 95  TYR n 
1 96  ASN n 
1 97  SER n 
1 98  ARG n 
1 99  THR n 
1 100 ASP n 
1 101 LYS n 
1 102 PRO n 
1 103 TRP n 
1 104 PRO n 
1 105 VAL n 
1 106 ALA n 
1 107 LEU n 
1 108 TYR n 
1 109 LEU n 
1 110 THR n 
1 111 PRO n 
1 112 VAL n 
1 113 SER n 
1 114 SER n 
1 115 ALA n 
1 116 GLY n 
1 117 GLY n 
1 118 VAL n 
1 119 ALA n 
1 120 ILE n 
1 121 LYS n 
1 122 ALA n 
1 123 GLY n 
1 124 SER n 
1 125 LEU n 
1 126 ILE n 
1 127 ALA n 
1 128 VAL n 
1 129 LEU n 
1 130 ILE n 
1 131 LEU n 
1 132 ARG n 
1 133 GLN n 
1 134 THR n 
1 135 ASN n 
1 136 ASN n 
1 137 TYR n 
1 138 ASN n 
1 139 SER n 
1 140 ASP n 
1 141 ASP n 
1 142 PHE n 
1 143 GLN n 
1 144 PHE n 
1 145 VAL n 
1 146 TRP n 
1 147 ASN n 
1 148 ILE n 
1 149 TYR n 
1 150 ALA n 
1 151 ASN n 
1 152 ASN n 
1 153 ASP n 
1 154 VAL n 
1 155 VAL n 
1 156 VAL n 
1 157 PRO n 
1 158 THR n 
# 
_entity_src_gen.entity_id                          1 
_entity_src_gen.pdbx_src_id                        1 
_entity_src_gen.pdbx_alt_source_flag               sample 
_entity_src_gen.pdbx_seq_type                      ? 
_entity_src_gen.pdbx_beg_seq_num                   ? 
_entity_src_gen.pdbx_end_seq_num                   ? 
_entity_src_gen.gene_src_common_name               ? 
_entity_src_gen.gene_src_genus                     ? 
_entity_src_gen.pdbx_gene_src_gene                 ? 
_entity_src_gen.gene_src_species                   ? 
_entity_src_gen.gene_src_strain                    UTI89 
_entity_src_gen.gene_src_tissue                    ? 
_entity_src_gen.gene_src_tissue_fraction           ? 
_entity_src_gen.gene_src_details                   ? 
_entity_src_gen.pdbx_gene_src_fragment             ? 
_entity_src_gen.pdbx_gene_src_scientific_name      'ESCHERICHIA COLI' 
_entity_src_gen.pdbx_gene_src_ncbi_taxonomy_id     364106 
_entity_src_gen.pdbx_gene_src_variant              ? 
_entity_src_gen.pdbx_gene_src_cell_line            ? 
_entity_src_gen.pdbx_gene_src_atcc                 ? 
_entity_src_gen.pdbx_gene_src_organ                ? 
_entity_src_gen.pdbx_gene_src_organelle            ? 
_entity_src_gen.pdbx_gene_src_cell                 ? 
_entity_src_gen.pdbx_gene_src_cellular_location    ? 
_entity_src_gen.host_org_common_name               ? 
_entity_src_gen.pdbx_host_org_scientific_name      'ESCHERICHIA COLI' 
_entity_src_gen.pdbx_host_org_ncbi_taxonomy_id     469008 
_entity_src_gen.host_org_genus                     ? 
_entity_src_gen.pdbx_host_org_gene                 ? 
_entity_src_gen.pdbx_host_org_organ                ? 
_entity_src_gen.host_org_species                   ? 
_entity_src_gen.pdbx_host_org_tissue               ? 
_entity_src_gen.pdbx_host_org_tissue_fraction      ? 
_entity_src_gen.pdbx_host_org_strain               'BL21(DE3)' 
_entity_src_gen.pdbx_host_org_variant              C43 
_entity_src_gen.pdbx_host_org_cell_line            ? 
_entity_src_gen.pdbx_host_org_atcc                 ? 
_entity_src_gen.pdbx_host_org_culture_collection   ? 
_entity_src_gen.pdbx_host_org_cell                 ? 
_entity_src_gen.pdbx_host_org_organelle            ? 
_entity_src_gen.pdbx_host_org_cellular_location    ? 
_entity_src_gen.pdbx_host_org_vector_type          PLASMID 
_entity_src_gen.pdbx_host_org_vector               ? 
_entity_src_gen.host_org_details                   ? 
_entity_src_gen.expression_system_id               ? 
_entity_src_gen.plasmid_name                       PET24A 
_entity_src_gen.plasmid_details                    ? 
_entity_src_gen.pdbx_description                   ? 
# 
loop_
_chem_comp.id 
_chem_comp.type 
_chem_comp.mon_nstd_flag 
_chem_comp.name 
_chem_comp.pdbx_synonyms 
_chem_comp.formula 
_chem_comp.formula_weight 
ALA 'L-peptide linking' y ALANINE                                                     ? 'C3 H7 N O2'     89.093  
ARG 'L-peptide linking' y ARGININE                                                    ? 'C6 H15 N4 O2 1' 175.209 
ASN 'L-peptide linking' y ASPARAGINE                                                  ? 'C4 H8 N2 O3'    132.118 
ASP 'L-peptide linking' y 'ASPARTIC ACID'                                             ? 'C4 H7 N O4'     133.103 
CYS 'L-peptide linking' y CYSTEINE                                                    ? 'C3 H7 N O2 S'   121.158 
GLN 'L-peptide linking' y GLUTAMINE                                                   ? 'C5 H10 N2 O3'   146.144 
GLU 'L-peptide linking' y 'GLUTAMIC ACID'                                             ? 'C5 H9 N O4'     147.129 
GLY 'peptide linking'   y GLYCINE                                                     ? 'C2 H5 N O2'     75.067  
HIS 'L-peptide linking' y HISTIDINE                                                   ? 'C6 H10 N3 O2 1' 156.162 
HNW D-saccharide        n '4-(3-hydroxyprop-1-yn-1-yl)phenyl alpha-D-mannopyranoside' 
;D-MANNOSE ALPHA1O P-HYDROXYPROPYNYL-PHENYL; 4-(3-hydroxyprop-1-yn-1-yl)phenyl alpha-D-mannoside; 4-(3-hydroxyprop-1-yn-1-yl)phenyl D-mannoside; 4-(3-hydroxyprop-1-yn-1-yl)phenyl mannoside
;
'C15 H18 O7'     310.299 
HOH non-polymer         . WATER                                                       ? 'H2 O'           18.015  
ILE 'L-peptide linking' y ISOLEUCINE                                                  ? 'C6 H13 N O2'    131.173 
LEU 'L-peptide linking' y LEUCINE                                                     ? 'C6 H13 N O2'    131.173 
LYS 'L-peptide linking' y LYSINE                                                      ? 'C6 H15 N2 O2 1' 147.195 
PHE 'L-peptide linking' y PHENYLALANINE                                               ? 'C9 H11 N O2'    165.189 
PRO 'L-peptide linking' y PROLINE                                                     ? 'C5 H9 N O2'     115.130 
SER 'L-peptide linking' y SERINE                                                      ? 'C3 H7 N O3'     105.093 
THR 'L-peptide linking' y THREONINE                                                   ? 'C4 H9 N O3'     119.119 
TRP 'L-peptide linking' y TRYPTOPHAN                                                  ? 'C11 H12 N2 O2'  204.225 
TYR 'L-peptide linking' y TYROSINE                                                    ? 'C9 H11 N O3'    181.189 
VAL 'L-peptide linking' y VALINE                                                      ? 'C5 H11 N O2'    117.146 
# 
loop_
_pdbx_poly_seq_scheme.asym_id 
_pdbx_poly_seq_scheme.entity_id 
_pdbx_poly_seq_scheme.seq_id 
_pdbx_poly_seq_scheme.mon_id 
_pdbx_poly_seq_scheme.ndb_seq_num 
_pdbx_poly_seq_scheme.pdb_seq_num 
_pdbx_poly_seq_scheme.auth_seq_num 
_pdbx_poly_seq_scheme.pdb_mon_id 
_pdbx_poly_seq_scheme.auth_mon_id 
_pdbx_poly_seq_scheme.pdb_strand_id 
_pdbx_poly_seq_scheme.pdb_ins_code 
_pdbx_poly_seq_scheme.hetero 
A 1 1   PHE 1   1   1   PHE PHE A . n 
A 1 2   ALA 2   2   2   ALA ALA A . n 
A 1 3   CYS 3   3   3   CYS CYS A . n 
A 1 4   LYS 4   4   4   LYS LYS A . n 
A 1 5   THR 5   5   5   THR THR A . n 
A 1 6   ALA 6   6   6   ALA ALA A . n 
A 1 7   ASN 7   7   7   ASN ASN A . n 
A 1 8   GLY 8   8   8   GLY GLY A . n 
A 1 9   THR 9   9   9   THR THR A . n 
A 1 10  ALA 10  10  10  ALA ALA A . n 
A 1 11  ILE 11  11  11  ILE ILE A . n 
A 1 12  PRO 12  12  12  PRO PRO A . n 
A 1 13  ILE 13  13  13  ILE ILE A . n 
A 1 14  GLY 14  14  14  GLY GLY A . n 
A 1 15  GLY 15  15  15  GLY GLY A . n 
A 1 16  GLY 16  16  16  GLY GLY A . n 
A 1 17  SER 17  17  17  SER SER A . n 
A 1 18  ALA 18  18  18  ALA ALA A . n 
A 1 19  ASN 19  19  19  ASN ASN A . n 
A 1 20  VAL 20  20  20  VAL VAL A . n 
A 1 21  TYR 21  21  21  TYR TYR A . n 
A 1 22  VAL 22  22  22  VAL VAL A . n 
A 1 23  ASN 23  23  23  ASN ASN A . n 
A 1 24  LEU 24  24  24  LEU LEU A . n 
A 1 25  ALA 25  25  25  ALA ALA A . n 
A 1 26  PRO 26  26  26  PRO PRO A . n 
A 1 27  VAL 27  27  27  VAL VAL A . n 
A 1 28  VAL 28  28  28  VAL VAL A . n 
A 1 29  ASN 29  29  29  ASN ASN A . n 
A 1 30  VAL 30  30  30  VAL VAL A . n 
A 1 31  GLY 31  31  31  GLY GLY A . n 
A 1 32  GLN 32  32  32  GLN GLN A . n 
A 1 33  ASN 33  33  33  ASN ASN A . n 
A 1 34  LEU 34  34  34  LEU LEU A . n 
A 1 35  VAL 35  35  35  VAL VAL A . n 
A 1 36  VAL 36  36  36  VAL VAL A . n 
A 1 37  ASP 37  37  37  ASP ASP A . n 
A 1 38  LEU 38  38  38  LEU LEU A . n 
A 1 39  SER 39  39  39  SER SER A . n 
A 1 40  THR 40  40  40  THR THR A . n 
A 1 41  GLN 41  41  41  GLN GLN A . n 
A 1 42  ILE 42  42  42  ILE ILE A . n 
A 1 43  PHE 43  43  43  PHE PHE A . n 
A 1 44  CYS 44  44  44  CYS CYS A . n 
A 1 45  HIS 45  45  45  HIS HIS A . n 
A 1 46  ASN 46  46  46  ASN ASN A . n 
A 1 47  ASP 47  47  47  ASP ASP A . n 
A 1 48  TYR 48  48  48  TYR TYR A . n 
A 1 49  PRO 49  49  49  PRO PRO A . n 
A 1 50  GLU 50  50  50  GLU GLU A . n 
A 1 51  THR 51  51  51  THR THR A . n 
A 1 52  ILE 52  52  52  ILE ILE A . n 
A 1 53  THR 53  53  53  THR THR A . n 
A 1 54  ASP 54  54  54  ASP ASP A . n 
A 1 55  TYR 55  55  55  TYR TYR A . n 
A 1 56  VAL 56  56  56  VAL VAL A . n 
A 1 57  THR 57  57  57  THR THR A . n 
A 1 58  LEU 58  58  58  LEU LEU A . n 
A 1 59  GLN 59  59  59  GLN GLN A . n 
A 1 60  ARG 60  60  60  ARG ARG A . n 
A 1 61  GLY 61  61  61  GLY GLY A . n 
A 1 62  SER 62  62  62  SER SER A . n 
A 1 63  ALA 63  63  63  ALA ALA A . n 
A 1 64  TYR 64  64  64  TYR TYR A . n 
A 1 65  GLY 65  65  65  GLY GLY A . n 
A 1 66  GLY 66  66  66  GLY GLY A . n 
A 1 67  VAL 67  67  67  VAL VAL A . n 
A 1 68  LEU 68  68  68  LEU LEU A . n 
A 1 69  SER 69  69  69  SER SER A . n 
A 1 70  ASN 70  70  70  ASN ASN A . n 
A 1 71  PHE 71  71  71  PHE PHE A . n 
A 1 72  SER 72  72  72  SER SER A . n 
A 1 73  GLY 73  73  73  GLY GLY A . n 
A 1 74  THR 74  74  74  THR THR A . n 
A 1 75  VAL 75  75  75  VAL VAL A . n 
A 1 76  LYS 76  76  76  LYS LYS A . n 
A 1 77  TYR 77  77  77  TYR TYR A . n 
A 1 78  SER 78  78  78  SER SER A . n 
A 1 79  GLY 79  79  79  GLY GLY A . n 
A 1 80  SER 80  80  80  SER SER A . n 
A 1 81  SER 81  81  81  SER SER A . n 
A 1 82  TYR 82  82  82  TYR TYR A . n 
A 1 83  PRO 83  83  83  PRO PRO A . n 
A 1 84  PHE 84  84  84  PHE PHE A . n 
A 1 85  PRO 85  85  85  PRO PRO A . n 
A 1 86  THR 86  86  86  THR THR A . n 
A 1 87  THR 87  87  87  THR THR A . n 
A 1 88  SER 88  88  88  SER SER A . n 
A 1 89  GLU 89  89  89  GLU GLU A . n 
A 1 90  THR 90  90  90  THR THR A . n 
A 1 91  PRO 91  91  91  PRO PRO A . n 
A 1 92  ARG 92  92  92  ARG ARG A . n 
A 1 93  VAL 93  93  93  VAL VAL A . n 
A 1 94  VAL 94  94  94  VAL VAL A . n 
A 1 95  TYR 95  95  95  TYR TYR A . n 
A 1 96  ASN 96  96  96  ASN ASN A . n 
A 1 97  SER 97  97  97  SER SER A . n 
A 1 98  ARG 98  98  98  ARG ARG A . n 
A 1 99  THR 99  99  99  THR THR A . n 
A 1 100 ASP 100 100 100 ASP ASP A . n 
A 1 101 LYS 101 101 101 LYS LYS A . n 
A 1 102 PRO 102 102 102 PRO PRO A . n 
A 1 103 TRP 103 103 103 TRP TRP A . n 
A 1 104 PRO 104 104 104 PRO PRO A . n 
A 1 105 VAL 105 105 105 VAL VAL A . n 
A 1 106 ALA 106 106 106 ALA ALA A . n 
A 1 107 LEU 107 107 107 LEU LEU A . n 
A 1 108 TYR 108 108 108 TYR TYR A . n 
A 1 109 LEU 109 109 109 LEU LEU A . n 
A 1 110 THR 110 110 110 THR THR A . n 
A 1 111 PRO 111 111 111 PRO PRO A . n 
A 1 112 VAL 112 112 112 VAL VAL A . n 
A 1 113 SER 113 113 113 SER SER A . n 
A 1 114 SER 114 114 114 SER SER A . n 
A 1 115 ALA 115 115 115 ALA ALA A . n 
A 1 116 GLY 116 116 116 GLY GLY A . n 
A 1 117 GLY 117 117 117 GLY GLY A . n 
A 1 118 VAL 118 118 118 VAL VAL A . n 
A 1 119 ALA 119 119 119 ALA ALA A . n 
A 1 120 ILE 120 120 120 ILE ILE A . n 
A 1 121 LYS 121 121 121 LYS LYS A . n 
A 1 122 ALA 122 122 122 ALA ALA A . n 
A 1 123 GLY 123 123 123 GLY GLY A . n 
A 1 124 SER 124 124 124 SER SER A . n 
A 1 125 LEU 125 125 125 LEU LEU A . n 
A 1 126 ILE 126 126 126 ILE ILE A . n 
A 1 127 ALA 127 127 127 ALA ALA A . n 
A 1 128 VAL 128 128 128 VAL VAL A . n 
A 1 129 LEU 129 129 129 LEU LEU A . n 
A 1 130 ILE 130 130 130 ILE ILE A . n 
A 1 131 LEU 131 131 131 LEU LEU A . n 
A 1 132 ARG 132 132 132 ARG ARG A . n 
A 1 133 GLN 133 133 133 GLN GLN A . n 
A 1 134 THR 134 134 134 THR THR A . n 
A 1 135 ASN 135 135 135 ASN ASN A . n 
A 1 136 ASN 136 136 136 ASN ASN A . n 
A 1 137 TYR 137 137 137 TYR TYR A . n 
A 1 138 ASN 138 138 138 ASN ASN A . n 
A 1 139 SER 139 139 139 SER SER A . n 
A 1 140 ASP 140 140 140 ASP ASP A . n 
A 1 141 ASP 141 141 141 ASP ASP A . n 
A 1 142 PHE 142 142 142 PHE PHE A . n 
A 1 143 GLN 143 143 143 GLN GLN A . n 
A 1 144 PHE 144 144 144 PHE PHE A . n 
A 1 145 VAL 145 145 145 VAL VAL A . n 
A 1 146 TRP 146 146 146 TRP TRP A . n 
A 1 147 ASN 147 147 147 ASN ASN A . n 
A 1 148 ILE 148 148 148 ILE ILE A . n 
A 1 149 TYR 149 149 149 TYR TYR A . n 
A 1 150 ALA 150 150 150 ALA ALA A . n 
A 1 151 ASN 151 151 151 ASN ASN A . n 
A 1 152 ASN 152 152 152 ASN ASN A . n 
A 1 153 ASP 153 153 153 ASP ASP A . n 
A 1 154 VAL 154 154 154 VAL VAL A . n 
A 1 155 VAL 155 155 155 VAL VAL A . n 
A 1 156 VAL 156 156 156 VAL VAL A . n 
A 1 157 PRO 157 157 157 PRO PRO A . n 
A 1 158 THR 158 158 158 THR THR A . n 
# 
loop_
_pdbx_nonpoly_scheme.asym_id 
_pdbx_nonpoly_scheme.entity_id 
_pdbx_nonpoly_scheme.mon_id 
_pdbx_nonpoly_scheme.ndb_seq_num 
_pdbx_nonpoly_scheme.pdb_seq_num 
_pdbx_nonpoly_scheme.auth_seq_num 
_pdbx_nonpoly_scheme.pdb_mon_id 
_pdbx_nonpoly_scheme.auth_mon_id 
_pdbx_nonpoly_scheme.pdb_strand_id 
_pdbx_nonpoly_scheme.pdb_ins_code 
B 2 HNW 1   201  201  HNW HNW A . 
C 3 HOH 1   2001 2001 HOH HOH A . 
C 3 HOH 2   2002 2002 HOH HOH A . 
C 3 HOH 3   2003 2003 HOH HOH A . 
C 3 HOH 4   2004 2004 HOH HOH A . 
C 3 HOH 5   2005 2005 HOH HOH A . 
C 3 HOH 6   2006 2006 HOH HOH A . 
C 3 HOH 7   2007 2007 HOH HOH A . 
C 3 HOH 8   2008 2008 HOH HOH A . 
C 3 HOH 9   2009 2009 HOH HOH A . 
C 3 HOH 10  2010 2010 HOH HOH A . 
C 3 HOH 11  2011 2011 HOH HOH A . 
C 3 HOH 12  2012 2012 HOH HOH A . 
C 3 HOH 13  2013 2013 HOH HOH A . 
C 3 HOH 14  2014 2014 HOH HOH A . 
C 3 HOH 15  2015 2015 HOH HOH A . 
C 3 HOH 16  2016 2016 HOH HOH A . 
C 3 HOH 17  2017 2017 HOH HOH A . 
C 3 HOH 18  2018 2018 HOH HOH A . 
C 3 HOH 19  2019 2019 HOH HOH A . 
C 3 HOH 20  2020 2020 HOH HOH A . 
C 3 HOH 21  2021 2021 HOH HOH A . 
C 3 HOH 22  2022 2022 HOH HOH A . 
C 3 HOH 23  2023 2023 HOH HOH A . 
C 3 HOH 24  2024 2024 HOH HOH A . 
C 3 HOH 25  2025 2025 HOH HOH A . 
C 3 HOH 26  2026 2026 HOH HOH A . 
C 3 HOH 27  2027 2027 HOH HOH A . 
C 3 HOH 28  2028 2028 HOH HOH A . 
C 3 HOH 29  2029 2029 HOH HOH A . 
C 3 HOH 30  2030 2030 HOH HOH A . 
C 3 HOH 31  2031 2031 HOH HOH A . 
C 3 HOH 32  2032 2032 HOH HOH A . 
C 3 HOH 33  2033 2033 HOH HOH A . 
C 3 HOH 34  2034 2034 HOH HOH A . 
C 3 HOH 35  2035 2035 HOH HOH A . 
C 3 HOH 36  2036 2036 HOH HOH A . 
C 3 HOH 37  2037 2037 HOH HOH A . 
C 3 HOH 38  2038 2038 HOH HOH A . 
C 3 HOH 39  2039 2039 HOH HOH A . 
C 3 HOH 40  2040 2040 HOH HOH A . 
C 3 HOH 41  2041 2041 HOH HOH A . 
C 3 HOH 42  2042 2042 HOH HOH A . 
C 3 HOH 43  2043 2043 HOH HOH A . 
C 3 HOH 44  2044 2044 HOH HOH A . 
C 3 HOH 45  2045 2045 HOH HOH A . 
C 3 HOH 46  2046 2046 HOH HOH A . 
C 3 HOH 47  2047 2047 HOH HOH A . 
C 3 HOH 48  2048 2048 HOH HOH A . 
C 3 HOH 49  2049 2049 HOH HOH A . 
C 3 HOH 50  2050 2050 HOH HOH A . 
C 3 HOH 51  2051 2051 HOH HOH A . 
C 3 HOH 52  2052 2052 HOH HOH A . 
C 3 HOH 53  2053 2053 HOH HOH A . 
C 3 HOH 54  2054 2054 HOH HOH A . 
C 3 HOH 55  2055 2055 HOH HOH A . 
C 3 HOH 56  2056 2056 HOH HOH A . 
C 3 HOH 57  2057 2057 HOH HOH A . 
C 3 HOH 58  2058 2058 HOH HOH A . 
C 3 HOH 59  2059 2059 HOH HOH A . 
C 3 HOH 60  2060 2060 HOH HOH A . 
C 3 HOH 61  2061 2061 HOH HOH A . 
C 3 HOH 62  2062 2062 HOH HOH A . 
C 3 HOH 63  2063 2063 HOH HOH A . 
C 3 HOH 64  2064 2064 HOH HOH A . 
C 3 HOH 65  2065 2065 HOH HOH A . 
C 3 HOH 66  2066 2066 HOH HOH A . 
C 3 HOH 67  2067 2067 HOH HOH A . 
C 3 HOH 68  2068 2068 HOH HOH A . 
C 3 HOH 69  2069 2069 HOH HOH A . 
C 3 HOH 70  2070 2070 HOH HOH A . 
C 3 HOH 71  2071 2071 HOH HOH A . 
C 3 HOH 72  2072 2072 HOH HOH A . 
C 3 HOH 73  2073 2073 HOH HOH A . 
C 3 HOH 74  2074 2074 HOH HOH A . 
C 3 HOH 75  2075 2075 HOH HOH A . 
C 3 HOH 76  2076 2076 HOH HOH A . 
C 3 HOH 77  2077 2077 HOH HOH A . 
C 3 HOH 78  2078 2078 HOH HOH A . 
C 3 HOH 79  2079 2079 HOH HOH A . 
C 3 HOH 80  2080 2080 HOH HOH A . 
C 3 HOH 81  2081 2081 HOH HOH A . 
C 3 HOH 82  2082 2082 HOH HOH A . 
C 3 HOH 83  2083 2083 HOH HOH A . 
C 3 HOH 84  2084 2084 HOH HOH A . 
C 3 HOH 85  2085 2085 HOH HOH A . 
C 3 HOH 86  2086 2086 HOH HOH A . 
C 3 HOH 87  2087 2087 HOH HOH A . 
C 3 HOH 88  2088 2088 HOH HOH A . 
C 3 HOH 89  2089 2089 HOH HOH A . 
C 3 HOH 90  2090 2090 HOH HOH A . 
C 3 HOH 91  2091 2091 HOH HOH A . 
C 3 HOH 92  2092 2092 HOH HOH A . 
C 3 HOH 93  2093 2093 HOH HOH A . 
C 3 HOH 94  2094 2094 HOH HOH A . 
C 3 HOH 95  2095 2095 HOH HOH A . 
C 3 HOH 96  2096 2096 HOH HOH A . 
C 3 HOH 97  2097 2097 HOH HOH A . 
C 3 HOH 98  2098 2098 HOH HOH A . 
C 3 HOH 99  2099 2099 HOH HOH A . 
C 3 HOH 100 2100 2100 HOH HOH A . 
C 3 HOH 101 2101 2101 HOH HOH A . 
C 3 HOH 102 2102 2102 HOH HOH A . 
C 3 HOH 103 2103 2103 HOH HOH A . 
C 3 HOH 104 2104 2104 HOH HOH A . 
C 3 HOH 105 2105 2105 HOH HOH A . 
C 3 HOH 106 2106 2106 HOH HOH A . 
C 3 HOH 107 2107 2107 HOH HOH A . 
C 3 HOH 108 2108 2108 HOH HOH A . 
C 3 HOH 109 2109 2109 HOH HOH A . 
C 3 HOH 110 2110 2110 HOH HOH A . 
C 3 HOH 111 2111 2111 HOH HOH A . 
C 3 HOH 112 2112 2112 HOH HOH A . 
C 3 HOH 113 2113 2113 HOH HOH A . 
C 3 HOH 114 2114 2114 HOH HOH A . 
C 3 HOH 115 2115 2115 HOH HOH A . 
C 3 HOH 116 2116 2116 HOH HOH A . 
C 3 HOH 117 2117 2117 HOH HOH A . 
C 3 HOH 118 2118 2118 HOH HOH A . 
C 3 HOH 119 2119 2119 HOH HOH A . 
C 3 HOH 120 2120 2120 HOH HOH A . 
C 3 HOH 121 2121 2121 HOH HOH A . 
C 3 HOH 122 2122 2122 HOH HOH A . 
C 3 HOH 123 2123 2123 HOH HOH A . 
C 3 HOH 124 2124 2124 HOH HOH A . 
C 3 HOH 125 2125 2125 HOH HOH A . 
C 3 HOH 126 2126 2126 HOH HOH A . 
C 3 HOH 127 2127 2127 HOH HOH A . 
C 3 HOH 128 2128 2128 HOH HOH A . 
C 3 HOH 129 2129 2129 HOH HOH A . 
C 3 HOH 130 2130 2130 HOH HOH A . 
C 3 HOH 131 2131 2131 HOH HOH A . 
C 3 HOH 132 2132 2132 HOH HOH A . 
C 3 HOH 133 2133 2133 HOH HOH A . 
C 3 HOH 134 2134 2134 HOH HOH A . 
C 3 HOH 135 2135 2135 HOH HOH A . 
C 3 HOH 136 2136 2136 HOH HOH A . 
C 3 HOH 137 2137 2137 HOH HOH A . 
C 3 HOH 138 2138 2138 HOH HOH A . 
C 3 HOH 139 2139 2139 HOH HOH A . 
C 3 HOH 140 2140 2140 HOH HOH A . 
C 3 HOH 141 2141 2141 HOH HOH A . 
C 3 HOH 142 2142 2142 HOH HOH A . 
C 3 HOH 143 2143 2143 HOH HOH A . 
C 3 HOH 144 2144 2144 HOH HOH A . 
C 3 HOH 145 2145 2145 HOH HOH A . 
C 3 HOH 146 2146 2146 HOH HOH A . 
C 3 HOH 147 2147 2147 HOH HOH A . 
C 3 HOH 148 2148 2148 HOH HOH A . 
C 3 HOH 149 2149 2149 HOH HOH A . 
C 3 HOH 150 2150 2150 HOH HOH A . 
C 3 HOH 151 2151 2151 HOH HOH A . 
C 3 HOH 152 2152 2152 HOH HOH A . 
C 3 HOH 153 2153 2153 HOH HOH A . 
C 3 HOH 154 2154 2154 HOH HOH A . 
C 3 HOH 155 2155 2155 HOH HOH A . 
C 3 HOH 156 2156 2156 HOH HOH A . 
C 3 HOH 157 2157 2157 HOH HOH A . 
C 3 HOH 158 2158 2158 HOH HOH A . 
C 3 HOH 159 2159 2159 HOH HOH A . 
C 3 HOH 160 2160 2160 HOH HOH A . 
C 3 HOH 161 2161 2161 HOH HOH A . 
C 3 HOH 162 2162 2162 HOH HOH A . 
C 3 HOH 163 2163 2163 HOH HOH A . 
C 3 HOH 164 2164 2164 HOH HOH A . 
C 3 HOH 165 2165 2165 HOH HOH A . 
C 3 HOH 166 2166 2166 HOH HOH A . 
C 3 HOH 167 2167 2167 HOH HOH A . 
C 3 HOH 168 2168 2168 HOH HOH A . 
C 3 HOH 169 2169 2169 HOH HOH A . 
C 3 HOH 170 2170 2170 HOH HOH A . 
C 3 HOH 171 2171 2171 HOH HOH A . 
C 3 HOH 172 2172 2172 HOH HOH A . 
C 3 HOH 173 2173 2173 HOH HOH A . 
C 3 HOH 174 2174 2174 HOH HOH A . 
C 3 HOH 175 2175 2175 HOH HOH A . 
C 3 HOH 176 2176 2176 HOH HOH A . 
C 3 HOH 177 2177 2177 HOH HOH A . 
C 3 HOH 178 2178 2178 HOH HOH A . 
C 3 HOH 179 2179 2179 HOH HOH A . 
C 3 HOH 180 2180 2180 HOH HOH A . 
C 3 HOH 181 2181 2181 HOH HOH A . 
C 3 HOH 182 2182 2182 HOH HOH A . 
C 3 HOH 183 2183 2183 HOH HOH A . 
C 3 HOH 184 2184 2184 HOH HOH A . 
C 3 HOH 185 2185 2185 HOH HOH A . 
C 3 HOH 186 2186 2186 HOH HOH A . 
C 3 HOH 187 2187 2187 HOH HOH A . 
# 
loop_
_pdbx_unobs_or_zero_occ_atoms.id 
_pdbx_unobs_or_zero_occ_atoms.PDB_model_num 
_pdbx_unobs_or_zero_occ_atoms.polymer_flag 
_pdbx_unobs_or_zero_occ_atoms.occupancy_flag 
_pdbx_unobs_or_zero_occ_atoms.auth_asym_id 
_pdbx_unobs_or_zero_occ_atoms.auth_comp_id 
_pdbx_unobs_or_zero_occ_atoms.auth_seq_id 
_pdbx_unobs_or_zero_occ_atoms.PDB_ins_code 
_pdbx_unobs_or_zero_occ_atoms.auth_atom_id 
_pdbx_unobs_or_zero_occ_atoms.label_alt_id 
_pdbx_unobs_or_zero_occ_atoms.label_asym_id 
_pdbx_unobs_or_zero_occ_atoms.label_comp_id 
_pdbx_unobs_or_zero_occ_atoms.label_seq_id 
_pdbx_unobs_or_zero_occ_atoms.label_atom_id 
1 1 Y 1 A ALA 6   ? CB ? A ALA 6   CB 
2 1 Y 1 A SER 113 ? CB ? A SER 113 CB 
3 1 Y 1 A SER 113 ? OG ? A SER 113 OG 
4 1 Y 1 A SER 114 ? OG ? A SER 114 OG 
# 
loop_
_software.name 
_software.classification 
_software.version 
_software.citation_id 
_software.pdbx_ordinal 
_software.date 
_software.type 
_software.location 
_software.language 
PHENIX refinement       '(PHENIX.REFINE)' ? 1 ? ? ? ? 
XDS    'data reduction' .                 ? 2 ? ? ? ? 
XSCALE 'data scaling'   .                 ? 3 ? ? ? ? 
PHASER phasing          .                 ? 4 ? ? ? ? 
# 
_cell.entry_id           4AUJ 
_cell.length_a           32.920 
_cell.length_b           42.290 
_cell.length_c           96.340 
_cell.angle_alpha        90.00 
_cell.angle_beta         90.00 
_cell.angle_gamma        90.00 
_cell.Z_PDB              4 
_cell.pdbx_unique_axis   ? 
# 
_symmetry.entry_id                         4AUJ 
_symmetry.space_group_name_H-M             'P 21 21 21' 
_symmetry.pdbx_full_space_group_name_H-M   ? 
_symmetry.cell_setting                     ? 
_symmetry.Int_Tables_number                19 
# 
_exptl.entry_id          4AUJ 
_exptl.method            'X-RAY DIFFRACTION' 
_exptl.crystals_number   1 
# 
_exptl_crystal.id                    1 
_exptl_crystal.density_meas          ? 
_exptl_crystal.density_Matthews      1.97 
_exptl_crystal.density_percent_sol   37.68 
_exptl_crystal.description           NONE 
_exptl_crystal.preparation           ? 
# 
_exptl_crystal_grow.crystal_id      1 
_exptl_crystal_grow.method          ? 
_exptl_crystal_grow.temp            ? 
_exptl_crystal_grow.temp_details    ? 
_exptl_crystal_grow.pH              ? 
_exptl_crystal_grow.pdbx_pH_range   ? 
_exptl_crystal_grow.pdbx_details    '70% 2 METHYL 2,4 PENTANE DIOL' 
# 
_diffrn.id                               1 
_diffrn.ambient_temp                     100 
_diffrn.ambient_temp_details             ? 
_diffrn.crystal_id                       1 
_diffrn.pdbx_serial_crystal_experiment   ? 
# 
_diffrn_detector.diffrn_id              1 
_diffrn_detector.detector               CCD 
_diffrn_detector.type                   'MARMOSAIC 225 mm CCD' 
_diffrn_detector.pdbx_collection_date   ? 
_diffrn_detector.details                ? 
# 
_diffrn_radiation.diffrn_id                        1 
_diffrn_radiation.wavelength_id                    1 
_diffrn_radiation.pdbx_monochromatic_or_laue_m_l   M 
_diffrn_radiation.monochromator                    ? 
_diffrn_radiation.pdbx_diffrn_protocol             'SINGLE WAVELENGTH' 
_diffrn_radiation.pdbx_scattering_type             x-ray 
# 
_diffrn_radiation_wavelength.id           1 
_diffrn_radiation_wavelength.wavelength   0.980 
_diffrn_radiation_wavelength.wt           1.0 
# 
_diffrn_source.diffrn_id                   1 
_diffrn_source.source                      SYNCHROTRON 
_diffrn_source.type                        'SOLEIL BEAMLINE PROXIMA 1' 
_diffrn_source.pdbx_synchrotron_site       SOLEIL 
_diffrn_source.pdbx_synchrotron_beamline   'PROXIMA 1' 
_diffrn_source.pdbx_wavelength             0.980 
_diffrn_source.pdbx_wavelength_list        ? 
# 
_reflns.pdbx_diffrn_id               1 
_reflns.pdbx_ordinal                 1 
_reflns.entry_id                     4AUJ 
_reflns.observed_criterion_sigma_I   0.0 
_reflns.observed_criterion_sigma_F   ? 
_reflns.d_resolution_low             48.17 
_reflns.d_resolution_high            1.53 
_reflns.number_obs                   21157 
_reflns.number_all                   ? 
_reflns.percent_possible_obs         99.8 
_reflns.pdbx_Rmerge_I_obs            0.06 
_reflns.pdbx_Rsym_value              ? 
_reflns.pdbx_netI_over_sigmaI        22.90 
_reflns.B_iso_Wilson_estimate        12.05 
_reflns.pdbx_redundancy              8.1 
# 
_reflns_shell.pdbx_diffrn_id         1 
_reflns_shell.pdbx_ordinal           1 
_reflns_shell.d_res_high             1.53 
_reflns_shell.d_res_low              1.60 
_reflns_shell.percent_possible_all   98.8 
_reflns_shell.Rmerge_I_obs           0.35 
_reflns_shell.pdbx_Rsym_value        ? 
_reflns_shell.meanI_over_sigI_obs    4.30 
_reflns_shell.pdbx_redundancy        7.6 
# 
_refine.pdbx_refine_id                           'X-RAY DIFFRACTION' 
_refine.entry_id                                 4AUJ 
_refine.pdbx_diffrn_id                           1 
_refine.pdbx_TLS_residual_ADP_flag               ? 
_refine.ls_number_reflns_obs                     21115 
_refine.ls_number_reflns_all                     ? 
_refine.pdbx_ls_sigma_I                          ? 
_refine.pdbx_ls_sigma_F                          1.40 
_refine.pdbx_data_cutoff_high_absF               ? 
_refine.pdbx_data_cutoff_low_absF                ? 
_refine.pdbx_data_cutoff_high_rms_absF           ? 
_refine.ls_d_res_low                             31.780 
_refine.ls_d_res_high                            1.527 
_refine.ls_percent_reflns_obs                    99.81 
_refine.ls_R_factor_obs                          0.1616 
_refine.ls_R_factor_all                          ? 
_refine.ls_R_factor_R_work                       0.1604 
_refine.ls_R_factor_R_free                       0.1852 
_refine.ls_R_factor_R_free_error                 ? 
_refine.ls_R_factor_R_free_error_details         ? 
_refine.ls_percent_reflns_R_free                 5.1 
_refine.ls_number_reflns_R_free                  1082 
_refine.ls_number_parameters                     ? 
_refine.ls_number_restraints                     ? 
_refine.occupancy_min                            ? 
_refine.occupancy_max                            ? 
_refine.correlation_coeff_Fo_to_Fc               ? 
_refine.correlation_coeff_Fo_to_Fc_free          ? 
_refine.B_iso_mean                               12.2 
_refine.aniso_B[1][1]                            0.4852 
_refine.aniso_B[2][2]                            -0.2216 
_refine.aniso_B[3][3]                            -0.2636 
_refine.aniso_B[1][2]                            0.0000 
_refine.aniso_B[1][3]                            0.0000 
_refine.aniso_B[2][3]                            0.0000 
_refine.solvent_model_details                    'FLAT BULK SOLVENT MODEL' 
_refine.solvent_model_param_ksol                 0.371 
_refine.solvent_model_param_bsol                 54.473 
_refine.pdbx_solvent_vdw_probe_radii             1.00 
_refine.pdbx_solvent_ion_probe_radii             ? 
_refine.pdbx_solvent_shrinkage_radii             0.73 
_refine.pdbx_ls_cross_valid_method               ? 
_refine.details                                  ? 
_refine.pdbx_starting_model                      'PDB ENTRY 1UWF' 
_refine.pdbx_method_to_determine_struct          'MOLECULAR REPLACEMENT' 
_refine.pdbx_isotropic_thermal_model             ? 
_refine.pdbx_stereochemistry_target_values       ML 
_refine.pdbx_stereochem_target_val_spec_case     ? 
_refine.pdbx_R_Free_selection_details            ? 
_refine.pdbx_overall_ESU_R                       ? 
_refine.pdbx_overall_ESU_R_Free                  ? 
_refine.overall_SU_ML                            0.16 
_refine.pdbx_overall_phase_error                 15.01 
_refine.overall_SU_B                             ? 
_refine.overall_SU_R_Cruickshank_DPI             ? 
_refine.pdbx_overall_SU_R_free_Cruickshank_DPI   ? 
_refine.pdbx_overall_SU_R_Blow_DPI               ? 
_refine.pdbx_overall_SU_R_free_Blow_DPI          ? 
# 
_refine_hist.pdbx_refine_id                   'X-RAY DIFFRACTION' 
_refine_hist.cycle_id                         LAST 
_refine_hist.pdbx_number_atoms_protein        1192 
_refine_hist.pdbx_number_atoms_nucleic_acid   0 
_refine_hist.pdbx_number_atoms_ligand         22 
_refine_hist.number_atoms_solvent             187 
_refine_hist.number_atoms_total               1401 
_refine_hist.d_res_high                       1.527 
_refine_hist.d_res_low                        31.780 
# 
loop_
_refine_ls_restr.type 
_refine_ls_restr.dev_ideal 
_refine_ls_restr.dev_ideal_target 
_refine_ls_restr.weight 
_refine_ls_restr.number 
_refine_ls_restr.pdbx_refine_id 
_refine_ls_restr.pdbx_restraint_function 
f_bond_d           0.007  ? ? 1312 'X-RAY DIFFRACTION' ? 
f_angle_d          1.245  ? ? 1822 'X-RAY DIFFRACTION' ? 
f_dihedral_angle_d 18.351 ? ? 477  'X-RAY DIFFRACTION' ? 
f_chiral_restr     0.075  ? ? 216  'X-RAY DIFFRACTION' ? 
f_plane_restr      0.005  ? ? 238  'X-RAY DIFFRACTION' ? 
# 
loop_
_refine_ls_shell.pdbx_refine_id 
_refine_ls_shell.pdbx_total_number_of_bins_used 
_refine_ls_shell.d_res_high 
_refine_ls_shell.d_res_low 
_refine_ls_shell.number_reflns_R_work 
_refine_ls_shell.R_factor_R_work 
_refine_ls_shell.percent_reflns_obs 
_refine_ls_shell.R_factor_R_free 
_refine_ls_shell.R_factor_R_free_error 
_refine_ls_shell.percent_reflns_R_free 
_refine_ls_shell.number_reflns_R_free 
_refine_ls_shell.number_reflns_all 
_refine_ls_shell.R_factor_all 
'X-RAY DIFFRACTION' . 1.5271 1.5966  2432 0.2110 99.00  0.2361 . . 148 . . 
'X-RAY DIFFRACTION' . 1.5966 1.6807  2453 0.1823 100.00 0.1977 . . 129 . . 
'X-RAY DIFFRACTION' . 1.6807 1.7860  2460 0.1644 100.00 0.2233 . . 139 . . 
'X-RAY DIFFRACTION' . 1.7860 1.9239  2462 0.1574 100.00 0.2018 . . 154 . . 
'X-RAY DIFFRACTION' . 1.9239 2.1175  2502 0.1487 100.00 0.1810 . . 119 . . 
'X-RAY DIFFRACTION' . 2.1175 2.4238  2501 0.1484 100.00 0.1674 . . 126 . . 
'X-RAY DIFFRACTION' . 2.4238 3.0534  2549 0.1587 100.00 0.1805 . . 132 . . 
'X-RAY DIFFRACTION' . 3.0534 31.7871 2674 0.1592 100.00 0.1716 . . 135 . . 
# 
_struct.entry_id                  4AUJ 
_struct.title                     'FimH lectin domain co-crystal with a alpha-D-mannoside O-linked to para hydroxypropargyl phenyl' 
_struct.pdbx_model_details        ? 
_struct.pdbx_CASP_flag            ? 
_struct.pdbx_model_type_details   ? 
# 
_struct_keywords.entry_id        4AUJ 
_struct_keywords.pdbx_keywords   'SUGAR BINDING PROTEIN' 
_struct_keywords.text            'SUGAR BINDING PROTEIN, FIMBRIAE, VARIABLE IMMUNOGLOBULIN FOLD, URINARY TRACT INFECTION' 
# 
loop_
_struct_asym.id 
_struct_asym.pdbx_blank_PDB_chainid_flag 
_struct_asym.pdbx_modified 
_struct_asym.entity_id 
_struct_asym.details 
A N N 1 ? 
B N N 2 ? 
C N N 3 ? 
# 
_struct_ref.id                         1 
_struct_ref.db_name                    UNP 
_struct_ref.db_code                    A2IC68_ECOLX 
_struct_ref.entity_id                  1 
_struct_ref.pdbx_seq_one_letter_code   ? 
_struct_ref.pdbx_align_begin           ? 
_struct_ref.pdbx_db_accession          A2IC68 
_struct_ref.pdbx_db_isoform            ? 
# 
_struct_ref_seq.align_id                      1 
_struct_ref_seq.ref_id                        1 
_struct_ref_seq.pdbx_PDB_id_code              4AUJ 
_struct_ref_seq.pdbx_strand_id                A 
_struct_ref_seq.seq_align_beg                 1 
_struct_ref_seq.pdbx_seq_align_beg_ins_code   ? 
_struct_ref_seq.seq_align_end                 158 
_struct_ref_seq.pdbx_seq_align_end_ins_code   ? 
_struct_ref_seq.pdbx_db_accession             A2IC68 
_struct_ref_seq.db_align_beg                  10 
_struct_ref_seq.pdbx_db_align_beg_ins_code    ? 
_struct_ref_seq.db_align_end                  167 
_struct_ref_seq.pdbx_db_align_end_ins_code    ? 
_struct_ref_seq.pdbx_auth_seq_align_beg       1 
_struct_ref_seq.pdbx_auth_seq_align_end       158 
# 
_pdbx_struct_assembly.id                   1 
_pdbx_struct_assembly.details              author_and_software_defined_assembly 
_pdbx_struct_assembly.method_details       PISA 
_pdbx_struct_assembly.oligomeric_details   monomeric 
_pdbx_struct_assembly.oligomeric_count     1 
# 
_pdbx_struct_assembly_gen.assembly_id       1 
_pdbx_struct_assembly_gen.oper_expression   1 
_pdbx_struct_assembly_gen.asym_id_list      A,B,C 
# 
_pdbx_struct_oper_list.id                   1 
_pdbx_struct_oper_list.type                 'identity operation' 
_pdbx_struct_oper_list.name                 1_555 
_pdbx_struct_oper_list.symmetry_operation   x,y,z 
_pdbx_struct_oper_list.matrix[1][1]         1.0000000000 
_pdbx_struct_oper_list.matrix[1][2]         0.0000000000 
_pdbx_struct_oper_list.matrix[1][3]         0.0000000000 
_pdbx_struct_oper_list.vector[1]            0.0000000000 
_pdbx_struct_oper_list.matrix[2][1]         0.0000000000 
_pdbx_struct_oper_list.matrix[2][2]         1.0000000000 
_pdbx_struct_oper_list.matrix[2][3]         0.0000000000 
_pdbx_struct_oper_list.vector[2]            0.0000000000 
_pdbx_struct_oper_list.matrix[3][1]         0.0000000000 
_pdbx_struct_oper_list.matrix[3][2]         0.0000000000 
_pdbx_struct_oper_list.matrix[3][3]         1.0000000000 
_pdbx_struct_oper_list.vector[3]            0.0000000000 
# 
_struct_conf.conf_type_id            HELX_P 
_struct_conf.id                      HELX_P1 
_struct_conf.pdbx_PDB_helix_id       1 
_struct_conf.beg_label_comp_id       TYR 
_struct_conf.beg_label_asym_id       A 
_struct_conf.beg_label_seq_id        64 
_struct_conf.pdbx_beg_PDB_ins_code   ? 
_struct_conf.end_label_comp_id       ASN 
_struct_conf.end_label_asym_id       A 
_struct_conf.end_label_seq_id        70 
_struct_conf.pdbx_end_PDB_ins_code   ? 
_struct_conf.beg_auth_comp_id        TYR 
_struct_conf.beg_auth_asym_id        A 
_struct_conf.beg_auth_seq_id         64 
_struct_conf.end_auth_comp_id        ASN 
_struct_conf.end_auth_asym_id        A 
_struct_conf.end_auth_seq_id         70 
_struct_conf.pdbx_PDB_helix_class    1 
_struct_conf.details                 ? 
_struct_conf.pdbx_PDB_helix_length   7 
# 
_struct_conf_type.id          HELX_P 
_struct_conf_type.criteria    ? 
_struct_conf_type.reference   ? 
# 
_struct_conn.id                            disulf1 
_struct_conn.conn_type_id                  disulf 
_struct_conn.pdbx_leaving_atom_flag        ? 
_struct_conn.pdbx_PDB_id                   ? 
_struct_conn.ptnr1_label_asym_id           A 
_struct_conn.ptnr1_label_comp_id           CYS 
_struct_conn.ptnr1_label_seq_id            3 
_struct_conn.ptnr1_label_atom_id           SG 
_struct_conn.pdbx_ptnr1_label_alt_id       ? 
_struct_conn.pdbx_ptnr1_PDB_ins_code       ? 
_struct_conn.pdbx_ptnr1_standard_comp_id   ? 
_struct_conn.ptnr1_symmetry                1_555 
_struct_conn.ptnr2_label_asym_id           A 
_struct_conn.ptnr2_label_comp_id           CYS 
_struct_conn.ptnr2_label_seq_id            44 
_struct_conn.ptnr2_label_atom_id           SG 
_struct_conn.pdbx_ptnr2_label_alt_id       A 
_struct_conn.pdbx_ptnr2_PDB_ins_code       ? 
_struct_conn.ptnr1_auth_asym_id            A 
_struct_conn.ptnr1_auth_comp_id            CYS 
_struct_conn.ptnr1_auth_seq_id             3 
_struct_conn.ptnr2_auth_asym_id            A 
_struct_conn.ptnr2_auth_comp_id            CYS 
_struct_conn.ptnr2_auth_seq_id             44 
_struct_conn.ptnr2_symmetry                1_555 
_struct_conn.pdbx_ptnr3_label_atom_id      ? 
_struct_conn.pdbx_ptnr3_label_seq_id       ? 
_struct_conn.pdbx_ptnr3_label_comp_id      ? 
_struct_conn.pdbx_ptnr3_label_asym_id      ? 
_struct_conn.pdbx_ptnr3_label_alt_id       ? 
_struct_conn.pdbx_ptnr3_PDB_ins_code       ? 
_struct_conn.details                       ? 
_struct_conn.pdbx_dist_value               2.053 
_struct_conn.pdbx_value_order              ? 
_struct_conn.pdbx_role                     ? 
# 
_struct_conn_type.id          disulf 
_struct_conn_type.criteria    ? 
_struct_conn_type.reference   ? 
# 
_pdbx_modification_feature.ordinal                            1 
_pdbx_modification_feature.label_comp_id                      CYS 
_pdbx_modification_feature.label_asym_id                      A 
_pdbx_modification_feature.label_seq_id                       3 
_pdbx_modification_feature.label_alt_id                       ? 
_pdbx_modification_feature.modified_residue_label_comp_id     CYS 
_pdbx_modification_feature.modified_residue_label_asym_id     A 
_pdbx_modification_feature.modified_residue_label_seq_id      44 
_pdbx_modification_feature.modified_residue_label_alt_id      A 
_pdbx_modification_feature.auth_comp_id                       CYS 
_pdbx_modification_feature.auth_asym_id                       A 
_pdbx_modification_feature.auth_seq_id                        3 
_pdbx_modification_feature.PDB_ins_code                       ? 
_pdbx_modification_feature.symmetry                           1_555 
_pdbx_modification_feature.modified_residue_auth_comp_id      CYS 
_pdbx_modification_feature.modified_residue_auth_asym_id      A 
_pdbx_modification_feature.modified_residue_auth_seq_id       44 
_pdbx_modification_feature.modified_residue_PDB_ins_code      ? 
_pdbx_modification_feature.modified_residue_symmetry          1_555 
_pdbx_modification_feature.comp_id_linking_atom               SG 
_pdbx_modification_feature.modified_residue_id_linking_atom   SG 
_pdbx_modification_feature.modified_residue_id                . 
_pdbx_modification_feature.ref_pcm_id                         . 
_pdbx_modification_feature.ref_comp_id                        . 
_pdbx_modification_feature.type                               None 
_pdbx_modification_feature.category                           'Disulfide bridge' 
# 
_struct_mon_prot_cis.pdbx_id                1 
_struct_mon_prot_cis.label_comp_id          PHE 
_struct_mon_prot_cis.label_seq_id           84 
_struct_mon_prot_cis.label_asym_id          A 
_struct_mon_prot_cis.label_alt_id           . 
_struct_mon_prot_cis.pdbx_PDB_ins_code      ? 
_struct_mon_prot_cis.auth_comp_id           PHE 
_struct_mon_prot_cis.auth_seq_id            84 
_struct_mon_prot_cis.auth_asym_id           A 
_struct_mon_prot_cis.pdbx_label_comp_id_2   PRO 
_struct_mon_prot_cis.pdbx_label_seq_id_2    85 
_struct_mon_prot_cis.pdbx_label_asym_id_2   A 
_struct_mon_prot_cis.pdbx_PDB_ins_code_2    ? 
_struct_mon_prot_cis.pdbx_auth_comp_id_2    PRO 
_struct_mon_prot_cis.pdbx_auth_seq_id_2     85 
_struct_mon_prot_cis.pdbx_auth_asym_id_2    A 
_struct_mon_prot_cis.pdbx_PDB_model_num     1 
_struct_mon_prot_cis.pdbx_omega_angle       2.59 
# 
loop_
_struct_sheet.id 
_struct_sheet.type 
_struct_sheet.number_strands 
_struct_sheet.details 
AA ? 4 ? 
AB ? 5 ? 
AC ? 4 ? 
AD ? 2 ? 
# 
loop_
_struct_sheet_order.sheet_id 
_struct_sheet_order.range_id_1 
_struct_sheet_order.range_id_2 
_struct_sheet_order.offset 
_struct_sheet_order.sense 
AA 1 2 ? anti-parallel 
AA 2 3 ? anti-parallel 
AA 3 4 ? anti-parallel 
AB 1 2 ? parallel      
AB 2 3 ? anti-parallel 
AB 3 4 ? anti-parallel 
AB 4 5 ? anti-parallel 
AC 1 2 ? anti-parallel 
AC 2 3 ? anti-parallel 
AC 3 4 ? anti-parallel 
AD 1 2 ? anti-parallel 
# 
loop_
_struct_sheet_range.sheet_id 
_struct_sheet_range.id 
_struct_sheet_range.beg_label_comp_id 
_struct_sheet_range.beg_label_asym_id 
_struct_sheet_range.beg_label_seq_id 
_struct_sheet_range.pdbx_beg_PDB_ins_code 
_struct_sheet_range.end_label_comp_id 
_struct_sheet_range.end_label_asym_id 
_struct_sheet_range.end_label_seq_id 
_struct_sheet_range.pdbx_end_PDB_ins_code 
_struct_sheet_range.beg_auth_comp_id 
_struct_sheet_range.beg_auth_asym_id 
_struct_sheet_range.beg_auth_seq_id 
_struct_sheet_range.end_auth_comp_id 
_struct_sheet_range.end_auth_asym_id 
_struct_sheet_range.end_auth_seq_id 
AA 1 ALA A 10  ? ILE A 11  ? ALA A 10  ILE A 11  
AA 2 ALA A 2   ? THR A 5   ? ALA A 2   THR A 5   
AA 3 ILE A 42  ? HIS A 45  ? ILE A 42  HIS A 45  
AA 4 LYS A 101 ? PRO A 102 ? LYS A 101 PRO A 102 
AB 1 GLY A 16  ? VAL A 22  ? GLY A 16  VAL A 22  
AB 2 PHE A 142 ? ALA A 150 ? PHE A 142 ALA A 150 
AB 3 LEU A 125 ? ASN A 135 ? LEU A 125 ASN A 135 
AB 4 ASP A 54  ? ALA A 63  ? ASP A 54  ALA A 63  
AB 5 VAL A 93  ? TYR A 95  ? VAL A 93  TYR A 95  
AC 1 LEU A 34  ? ASP A 37  ? LEU A 34  ASP A 37  
AC 2 VAL A 105 ? PRO A 111 ? VAL A 105 PRO A 111 
AC 3 PHE A 71  ? TYR A 77  ? PHE A 71  TYR A 77  
AC 4 SER A 80  ? PHE A 84  ? SER A 80  PHE A 84  
AD 1 GLY A 117 ? ILE A 120 ? GLY A 117 ILE A 120 
AD 2 VAL A 154 ? VAL A 156 ? VAL A 154 VAL A 156 
# 
loop_
_pdbx_struct_sheet_hbond.sheet_id 
_pdbx_struct_sheet_hbond.range_id_1 
_pdbx_struct_sheet_hbond.range_id_2 
_pdbx_struct_sheet_hbond.range_1_label_atom_id 
_pdbx_struct_sheet_hbond.range_1_label_comp_id 
_pdbx_struct_sheet_hbond.range_1_label_asym_id 
_pdbx_struct_sheet_hbond.range_1_label_seq_id 
_pdbx_struct_sheet_hbond.range_1_PDB_ins_code 
_pdbx_struct_sheet_hbond.range_1_auth_atom_id 
_pdbx_struct_sheet_hbond.range_1_auth_comp_id 
_pdbx_struct_sheet_hbond.range_1_auth_asym_id 
_pdbx_struct_sheet_hbond.range_1_auth_seq_id 
_pdbx_struct_sheet_hbond.range_2_label_atom_id 
_pdbx_struct_sheet_hbond.range_2_label_comp_id 
_pdbx_struct_sheet_hbond.range_2_label_asym_id 
_pdbx_struct_sheet_hbond.range_2_label_seq_id 
_pdbx_struct_sheet_hbond.range_2_PDB_ins_code 
_pdbx_struct_sheet_hbond.range_2_auth_atom_id 
_pdbx_struct_sheet_hbond.range_2_auth_comp_id 
_pdbx_struct_sheet_hbond.range_2_auth_asym_id 
_pdbx_struct_sheet_hbond.range_2_auth_seq_id 
AA 1 2 N ILE A 11  ? N ILE A 11  O CYS A 3   ? O CYS A 3   
AA 2 3 N LYS A 4   ? N LYS A 4   O PHE A 43  ? O PHE A 43  
AA 3 4 N CYS A 44  ? N CYS A 44  O LYS A 101 ? O LYS A 101 
AB 1 2 N GLY A 16  ? N GLY A 16  O GLN A 143 ? O GLN A 143 
AB 2 3 O ILE A 148 ? O ILE A 148 N ILE A 126 ? N ILE A 126 
AB 3 4 N THR A 134 ? N THR A 134 O TYR A 55  ? O TYR A 55  
AB 4 5 N VAL A 56  ? N VAL A 56  O VAL A 93  ? O VAL A 93  
AC 1 2 N VAL A 36  ? N VAL A 36  O LEU A 107 ? O LEU A 107 
AC 2 3 N THR A 110 ? N THR A 110 O SER A 72  ? O SER A 72  
AC 3 4 N TYR A 77  ? N TYR A 77  O SER A 80  ? O SER A 80  
AD 1 2 N ALA A 119 ? N ALA A 119 O VAL A 154 ? O VAL A 154 
# 
_pdbx_entry_details.entry_id                   4AUJ 
_pdbx_entry_details.compound_details           ? 
_pdbx_entry_details.source_details             ? 
_pdbx_entry_details.nonpolymer_details         ? 
_pdbx_entry_details.sequence_details           ? 
_pdbx_entry_details.has_ligand_of_interest     ? 
_pdbx_entry_details.has_protein_modification   Y 
# 
loop_
_pdbx_validate_close_contact.id 
_pdbx_validate_close_contact.PDB_model_num 
_pdbx_validate_close_contact.auth_atom_id_1 
_pdbx_validate_close_contact.auth_asym_id_1 
_pdbx_validate_close_contact.auth_comp_id_1 
_pdbx_validate_close_contact.auth_seq_id_1 
_pdbx_validate_close_contact.PDB_ins_code_1 
_pdbx_validate_close_contact.label_alt_id_1 
_pdbx_validate_close_contact.auth_atom_id_2 
_pdbx_validate_close_contact.auth_asym_id_2 
_pdbx_validate_close_contact.auth_comp_id_2 
_pdbx_validate_close_contact.auth_seq_id_2 
_pdbx_validate_close_contact.PDB_ins_code_2 
_pdbx_validate_close_contact.label_alt_id_2 
_pdbx_validate_close_contact.dist 
1 1 O   A HOH 2024 ? ? O   A HOH 2068 ? ? 1.96 
2 1 OD1 A ASN 33   ? ? OG1 A THR 110  ? B 2.15 
# 
_pdbx_validate_rmsd_bond.id                        1 
_pdbx_validate_rmsd_bond.PDB_model_num             1 
_pdbx_validate_rmsd_bond.auth_atom_id_1            C 
_pdbx_validate_rmsd_bond.auth_asym_id_1            A 
_pdbx_validate_rmsd_bond.auth_comp_id_1            SER 
_pdbx_validate_rmsd_bond.auth_seq_id_1             80 
_pdbx_validate_rmsd_bond.PDB_ins_code_1            ? 
_pdbx_validate_rmsd_bond.label_alt_id_1            ? 
_pdbx_validate_rmsd_bond.auth_atom_id_2            N 
_pdbx_validate_rmsd_bond.auth_asym_id_2            A 
_pdbx_validate_rmsd_bond.auth_comp_id_2            SER 
_pdbx_validate_rmsd_bond.auth_seq_id_2             81 
_pdbx_validate_rmsd_bond.PDB_ins_code_2            ? 
_pdbx_validate_rmsd_bond.label_alt_id_2            ? 
_pdbx_validate_rmsd_bond.bond_value                1.181 
_pdbx_validate_rmsd_bond.bond_target_value         1.336 
_pdbx_validate_rmsd_bond.bond_deviation            -0.155 
_pdbx_validate_rmsd_bond.bond_standard_deviation   0.023 
_pdbx_validate_rmsd_bond.linker_flag               Y 
# 
loop_
_pdbx_validate_rmsd_angle.id 
_pdbx_validate_rmsd_angle.PDB_model_num 
_pdbx_validate_rmsd_angle.auth_atom_id_1 
_pdbx_validate_rmsd_angle.auth_asym_id_1 
_pdbx_validate_rmsd_angle.auth_comp_id_1 
_pdbx_validate_rmsd_angle.auth_seq_id_1 
_pdbx_validate_rmsd_angle.PDB_ins_code_1 
_pdbx_validate_rmsd_angle.label_alt_id_1 
_pdbx_validate_rmsd_angle.auth_atom_id_2 
_pdbx_validate_rmsd_angle.auth_asym_id_2 
_pdbx_validate_rmsd_angle.auth_comp_id_2 
_pdbx_validate_rmsd_angle.auth_seq_id_2 
_pdbx_validate_rmsd_angle.PDB_ins_code_2 
_pdbx_validate_rmsd_angle.label_alt_id_2 
_pdbx_validate_rmsd_angle.auth_atom_id_3 
_pdbx_validate_rmsd_angle.auth_asym_id_3 
_pdbx_validate_rmsd_angle.auth_comp_id_3 
_pdbx_validate_rmsd_angle.auth_seq_id_3 
_pdbx_validate_rmsd_angle.PDB_ins_code_3 
_pdbx_validate_rmsd_angle.label_alt_id_3 
_pdbx_validate_rmsd_angle.angle_value 
_pdbx_validate_rmsd_angle.angle_target_value 
_pdbx_validate_rmsd_angle.angle_deviation 
_pdbx_validate_rmsd_angle.angle_standard_deviation 
_pdbx_validate_rmsd_angle.linker_flag 
1 1 O  A GLY 79 ? ? C A GLY 79 ? ? N A SER 80 ? ? 109.84 122.70 -12.86 1.60 Y 
2 1 CA A SER 80 ? B C A SER 80 ? ? N A SER 81 ? ? 103.47 117.20 -13.73 2.20 Y 
# 
loop_
_pdbx_validate_torsion.id 
_pdbx_validate_torsion.PDB_model_num 
_pdbx_validate_torsion.auth_comp_id 
_pdbx_validate_torsion.auth_asym_id 
_pdbx_validate_torsion.auth_seq_id 
_pdbx_validate_torsion.PDB_ins_code 
_pdbx_validate_torsion.label_alt_id 
_pdbx_validate_torsion.phi 
_pdbx_validate_torsion.psi 
1 1 TYR A 48  ? ? -149.80 55.82   
2 1 ASN A 138 ? ? -144.96 -159.18 
# 
_pdbx_validate_polymer_linkage.id               1 
_pdbx_validate_polymer_linkage.PDB_model_num    1 
_pdbx_validate_polymer_linkage.auth_atom_id_1   C 
_pdbx_validate_polymer_linkage.auth_asym_id_1   A 
_pdbx_validate_polymer_linkage.auth_comp_id_1   SER 
_pdbx_validate_polymer_linkage.auth_seq_id_1    80 
_pdbx_validate_polymer_linkage.PDB_ins_code_1   ? 
_pdbx_validate_polymer_linkage.label_alt_id_1   ? 
_pdbx_validate_polymer_linkage.auth_atom_id_2   N 
_pdbx_validate_polymer_linkage.auth_asym_id_2   A 
_pdbx_validate_polymer_linkage.auth_comp_id_2   SER 
_pdbx_validate_polymer_linkage.auth_seq_id_2    81 
_pdbx_validate_polymer_linkage.PDB_ins_code_2   ? 
_pdbx_validate_polymer_linkage.label_alt_id_2   ? 
_pdbx_validate_polymer_linkage.dist             1.18 
# 
loop_
_chem_comp_atom.comp_id 
_chem_comp_atom.atom_id 
_chem_comp_atom.type_symbol 
_chem_comp_atom.pdbx_aromatic_flag 
_chem_comp_atom.pdbx_stereo_config 
_chem_comp_atom.pdbx_ordinal 
ALA N    N N N 1   
ALA CA   C N S 2   
ALA C    C N N 3   
ALA O    O N N 4   
ALA CB   C N N 5   
ALA OXT  O N N 6   
ALA H    H N N 7   
ALA H2   H N N 8   
ALA HA   H N N 9   
ALA HB1  H N N 10  
ALA HB2  H N N 11  
ALA HB3  H N N 12  
ALA HXT  H N N 13  
ARG N    N N N 14  
ARG CA   C N S 15  
ARG C    C N N 16  
ARG O    O N N 17  
ARG CB   C N N 18  
ARG CG   C N N 19  
ARG CD   C N N 20  
ARG NE   N N N 21  
ARG CZ   C N N 22  
ARG NH1  N N N 23  
ARG NH2  N N N 24  
ARG OXT  O N N 25  
ARG H    H N N 26  
ARG H2   H N N 27  
ARG HA   H N N 28  
ARG HB2  H N N 29  
ARG HB3  H N N 30  
ARG HG2  H N N 31  
ARG HG3  H N N 32  
ARG HD2  H N N 33  
ARG HD3  H N N 34  
ARG HE   H N N 35  
ARG HH11 H N N 36  
ARG HH12 H N N 37  
ARG HH21 H N N 38  
ARG HH22 H N N 39  
ARG HXT  H N N 40  
ASN N    N N N 41  
ASN CA   C N S 42  
ASN C    C N N 43  
ASN O    O N N 44  
ASN CB   C N N 45  
ASN CG   C N N 46  
ASN OD1  O N N 47  
ASN ND2  N N N 48  
ASN OXT  O N N 49  
ASN H    H N N 50  
ASN H2   H N N 51  
ASN HA   H N N 52  
ASN HB2  H N N 53  
ASN HB3  H N N 54  
ASN HD21 H N N 55  
ASN HD22 H N N 56  
ASN HXT  H N N 57  
ASP N    N N N 58  
ASP CA   C N S 59  
ASP C    C N N 60  
ASP O    O N N 61  
ASP CB   C N N 62  
ASP CG   C N N 63  
ASP OD1  O N N 64  
ASP OD2  O N N 65  
ASP OXT  O N N 66  
ASP H    H N N 67  
ASP H2   H N N 68  
ASP HA   H N N 69  
ASP HB2  H N N 70  
ASP HB3  H N N 71  
ASP HD2  H N N 72  
ASP HXT  H N N 73  
CYS N    N N N 74  
CYS CA   C N R 75  
CYS C    C N N 76  
CYS O    O N N 77  
CYS CB   C N N 78  
CYS SG   S N N 79  
CYS OXT  O N N 80  
CYS H    H N N 81  
CYS H2   H N N 82  
CYS HA   H N N 83  
CYS HB2  H N N 84  
CYS HB3  H N N 85  
CYS HG   H N N 86  
CYS HXT  H N N 87  
GLN N    N N N 88  
GLN CA   C N S 89  
GLN C    C N N 90  
GLN O    O N N 91  
GLN CB   C N N 92  
GLN CG   C N N 93  
GLN CD   C N N 94  
GLN OE1  O N N 95  
GLN NE2  N N N 96  
GLN OXT  O N N 97  
GLN H    H N N 98  
GLN H2   H N N 99  
GLN HA   H N N 100 
GLN HB2  H N N 101 
GLN HB3  H N N 102 
GLN HG2  H N N 103 
GLN HG3  H N N 104 
GLN HE21 H N N 105 
GLN HE22 H N N 106 
GLN HXT  H N N 107 
GLU N    N N N 108 
GLU CA   C N S 109 
GLU C    C N N 110 
GLU O    O N N 111 
GLU CB   C N N 112 
GLU CG   C N N 113 
GLU CD   C N N 114 
GLU OE1  O N N 115 
GLU OE2  O N N 116 
GLU OXT  O N N 117 
GLU H    H N N 118 
GLU H2   H N N 119 
GLU HA   H N N 120 
GLU HB2  H N N 121 
GLU HB3  H N N 122 
GLU HG2  H N N 123 
GLU HG3  H N N 124 
GLU HE2  H N N 125 
GLU HXT  H N N 126 
GLY N    N N N 127 
GLY CA   C N N 128 
GLY C    C N N 129 
GLY O    O N N 130 
GLY OXT  O N N 131 
GLY H    H N N 132 
GLY H2   H N N 133 
GLY HA2  H N N 134 
GLY HA3  H N N 135 
GLY HXT  H N N 136 
HIS N    N N N 137 
HIS CA   C N S 138 
HIS C    C N N 139 
HIS O    O N N 140 
HIS CB   C N N 141 
HIS CG   C Y N 142 
HIS ND1  N Y N 143 
HIS CD2  C Y N 144 
HIS CE1  C Y N 145 
HIS NE2  N Y N 146 
HIS OXT  O N N 147 
HIS H    H N N 148 
HIS H2   H N N 149 
HIS HA   H N N 150 
HIS HB2  H N N 151 
HIS HB3  H N N 152 
HIS HD1  H N N 153 
HIS HD2  H N N 154 
HIS HE1  H N N 155 
HIS HE2  H N N 156 
HIS HXT  H N N 157 
HNW O6   O N N 158 
HNW C6   C N N 159 
HNW C5   C N R 160 
HNW O5   O N N 161 
HNW C4   C N S 162 
HNW O4   O N N 163 
HNW C3   C N S 164 
HNW O3   O N N 165 
HNW C2   C N S 166 
HNW O2   O N N 167 
HNW O7   O N N 168 
HNW C7   C N N 169 
HNW C8   C N N 170 
HNW C9   C N N 171 
HNW C10  C Y N 172 
HNW C15  C Y N 173 
HNW C14  C Y N 174 
HNW C13  C Y N 175 
HNW O1   O N N 176 
HNW C1   C N R 177 
HNW C12  C Y N 178 
HNW C11  C Y N 179 
HNW HO6  H N N 180 
HNW H61  H N N 181 
HNW H62  H N N 182 
HNW H5   H N N 183 
HNW H4   H N N 184 
HNW H1   H N N 185 
HNW HO4  H N N 186 
HNW H3   H N N 187 
HNW HO3  H N N 188 
HNW H2   H N N 189 
HNW HO2  H N N 190 
HNW HD   H N N 191 
HNW H71C H N N 192 
HNW H72C H N N 193 
HNW H15  H N N 194 
HNW H11  H N N 195 
HNW H14  H N N 196 
HNW H12  H N N 197 
HOH O    O N N 198 
HOH H1   H N N 199 
HOH H2   H N N 200 
ILE N    N N N 201 
ILE CA   C N S 202 
ILE C    C N N 203 
ILE O    O N N 204 
ILE CB   C N S 205 
ILE CG1  C N N 206 
ILE CG2  C N N 207 
ILE CD1  C N N 208 
ILE OXT  O N N 209 
ILE H    H N N 210 
ILE H2   H N N 211 
ILE HA   H N N 212 
ILE HB   H N N 213 
ILE HG12 H N N 214 
ILE HG13 H N N 215 
ILE HG21 H N N 216 
ILE HG22 H N N 217 
ILE HG23 H N N 218 
ILE HD11 H N N 219 
ILE HD12 H N N 220 
ILE HD13 H N N 221 
ILE HXT  H N N 222 
LEU N    N N N 223 
LEU CA   C N S 224 
LEU C    C N N 225 
LEU O    O N N 226 
LEU CB   C N N 227 
LEU CG   C N N 228 
LEU CD1  C N N 229 
LEU CD2  C N N 230 
LEU OXT  O N N 231 
LEU H    H N N 232 
LEU H2   H N N 233 
LEU HA   H N N 234 
LEU HB2  H N N 235 
LEU HB3  H N N 236 
LEU HG   H N N 237 
LEU HD11 H N N 238 
LEU HD12 H N N 239 
LEU HD13 H N N 240 
LEU HD21 H N N 241 
LEU HD22 H N N 242 
LEU HD23 H N N 243 
LEU HXT  H N N 244 
LYS N    N N N 245 
LYS CA   C N S 246 
LYS C    C N N 247 
LYS O    O N N 248 
LYS CB   C N N 249 
LYS CG   C N N 250 
LYS CD   C N N 251 
LYS CE   C N N 252 
LYS NZ   N N N 253 
LYS OXT  O N N 254 
LYS H    H N N 255 
LYS H2   H N N 256 
LYS HA   H N N 257 
LYS HB2  H N N 258 
LYS HB3  H N N 259 
LYS HG2  H N N 260 
LYS HG3  H N N 261 
LYS HD2  H N N 262 
LYS HD3  H N N 263 
LYS HE2  H N N 264 
LYS HE3  H N N 265 
LYS HZ1  H N N 266 
LYS HZ2  H N N 267 
LYS HZ3  H N N 268 
LYS HXT  H N N 269 
PHE N    N N N 270 
PHE CA   C N S 271 
PHE C    C N N 272 
PHE O    O N N 273 
PHE CB   C N N 274 
PHE CG   C Y N 275 
PHE CD1  C Y N 276 
PHE CD2  C Y N 277 
PHE CE1  C Y N 278 
PHE CE2  C Y N 279 
PHE CZ   C Y N 280 
PHE OXT  O N N 281 
PHE H    H N N 282 
PHE H2   H N N 283 
PHE HA   H N N 284 
PHE HB2  H N N 285 
PHE HB3  H N N 286 
PHE HD1  H N N 287 
PHE HD2  H N N 288 
PHE HE1  H N N 289 
PHE HE2  H N N 290 
PHE HZ   H N N 291 
PHE HXT  H N N 292 
PRO N    N N N 293 
PRO CA   C N S 294 
PRO C    C N N 295 
PRO O    O N N 296 
PRO CB   C N N 297 
PRO CG   C N N 298 
PRO CD   C N N 299 
PRO OXT  O N N 300 
PRO H    H N N 301 
PRO HA   H N N 302 
PRO HB2  H N N 303 
PRO HB3  H N N 304 
PRO HG2  H N N 305 
PRO HG3  H N N 306 
PRO HD2  H N N 307 
PRO HD3  H N N 308 
PRO HXT  H N N 309 
SER N    N N N 310 
SER CA   C N S 311 
SER C    C N N 312 
SER O    O N N 313 
SER CB   C N N 314 
SER OG   O N N 315 
SER OXT  O N N 316 
SER H    H N N 317 
SER H2   H N N 318 
SER HA   H N N 319 
SER HB2  H N N 320 
SER HB3  H N N 321 
SER HG   H N N 322 
SER HXT  H N N 323 
THR N    N N N 324 
THR CA   C N S 325 
THR C    C N N 326 
THR O    O N N 327 
THR CB   C N R 328 
THR OG1  O N N 329 
THR CG2  C N N 330 
THR OXT  O N N 331 
THR H    H N N 332 
THR H2   H N N 333 
THR HA   H N N 334 
THR HB   H N N 335 
THR HG1  H N N 336 
THR HG21 H N N 337 
THR HG22 H N N 338 
THR HG23 H N N 339 
THR HXT  H N N 340 
TRP N    N N N 341 
TRP CA   C N S 342 
TRP C    C N N 343 
TRP O    O N N 344 
TRP CB   C N N 345 
TRP CG   C Y N 346 
TRP CD1  C Y N 347 
TRP CD2  C Y N 348 
TRP NE1  N Y N 349 
TRP CE2  C Y N 350 
TRP CE3  C Y N 351 
TRP CZ2  C Y N 352 
TRP CZ3  C Y N 353 
TRP CH2  C Y N 354 
TRP OXT  O N N 355 
TRP H    H N N 356 
TRP H2   H N N 357 
TRP HA   H N N 358 
TRP HB2  H N N 359 
TRP HB3  H N N 360 
TRP HD1  H N N 361 
TRP HE1  H N N 362 
TRP HE3  H N N 363 
TRP HZ2  H N N 364 
TRP HZ3  H N N 365 
TRP HH2  H N N 366 
TRP HXT  H N N 367 
TYR N    N N N 368 
TYR CA   C N S 369 
TYR C    C N N 370 
TYR O    O N N 371 
TYR CB   C N N 372 
TYR CG   C Y N 373 
TYR CD1  C Y N 374 
TYR CD2  C Y N 375 
TYR CE1  C Y N 376 
TYR CE2  C Y N 377 
TYR CZ   C Y N 378 
TYR OH   O N N 379 
TYR OXT  O N N 380 
TYR H    H N N 381 
TYR H2   H N N 382 
TYR HA   H N N 383 
TYR HB2  H N N 384 
TYR HB3  H N N 385 
TYR HD1  H N N 386 
TYR HD2  H N N 387 
TYR HE1  H N N 388 
TYR HE2  H N N 389 
TYR HH   H N N 390 
TYR HXT  H N N 391 
VAL N    N N N 392 
VAL CA   C N S 393 
VAL C    C N N 394 
VAL O    O N N 395 
VAL CB   C N N 396 
VAL CG1  C N N 397 
VAL CG2  C N N 398 
VAL OXT  O N N 399 
VAL H    H N N 400 
VAL H2   H N N 401 
VAL HA   H N N 402 
VAL HB   H N N 403 
VAL HG11 H N N 404 
VAL HG12 H N N 405 
VAL HG13 H N N 406 
VAL HG21 H N N 407 
VAL HG22 H N N 408 
VAL HG23 H N N 409 
VAL HXT  H N N 410 
# 
loop_
_chem_comp_bond.comp_id 
_chem_comp_bond.atom_id_1 
_chem_comp_bond.atom_id_2 
_chem_comp_bond.value_order 
_chem_comp_bond.pdbx_aromatic_flag 
_chem_comp_bond.pdbx_stereo_config 
_chem_comp_bond.pdbx_ordinal 
ALA N   CA   sing N N 1   
ALA N   H    sing N N 2   
ALA N   H2   sing N N 3   
ALA CA  C    sing N N 4   
ALA CA  CB   sing N N 5   
ALA CA  HA   sing N N 6   
ALA C   O    doub N N 7   
ALA C   OXT  sing N N 8   
ALA CB  HB1  sing N N 9   
ALA CB  HB2  sing N N 10  
ALA CB  HB3  sing N N 11  
ALA OXT HXT  sing N N 12  
ARG N   CA   sing N N 13  
ARG N   H    sing N N 14  
ARG N   H2   sing N N 15  
ARG CA  C    sing N N 16  
ARG CA  CB   sing N N 17  
ARG CA  HA   sing N N 18  
ARG C   O    doub N N 19  
ARG C   OXT  sing N N 20  
ARG CB  CG   sing N N 21  
ARG CB  HB2  sing N N 22  
ARG CB  HB3  sing N N 23  
ARG CG  CD   sing N N 24  
ARG CG  HG2  sing N N 25  
ARG CG  HG3  sing N N 26  
ARG CD  NE   sing N N 27  
ARG CD  HD2  sing N N 28  
ARG CD  HD3  sing N N 29  
ARG NE  CZ   sing N N 30  
ARG NE  HE   sing N N 31  
ARG CZ  NH1  sing N N 32  
ARG CZ  NH2  doub N N 33  
ARG NH1 HH11 sing N N 34  
ARG NH1 HH12 sing N N 35  
ARG NH2 HH21 sing N N 36  
ARG NH2 HH22 sing N N 37  
ARG OXT HXT  sing N N 38  
ASN N   CA   sing N N 39  
ASN N   H    sing N N 40  
ASN N   H2   sing N N 41  
ASN CA  C    sing N N 42  
ASN CA  CB   sing N N 43  
ASN CA  HA   sing N N 44  
ASN C   O    doub N N 45  
ASN C   OXT  sing N N 46  
ASN CB  CG   sing N N 47  
ASN CB  HB2  sing N N 48  
ASN CB  HB3  sing N N 49  
ASN CG  OD1  doub N N 50  
ASN CG  ND2  sing N N 51  
ASN ND2 HD21 sing N N 52  
ASN ND2 HD22 sing N N 53  
ASN OXT HXT  sing N N 54  
ASP N   CA   sing N N 55  
ASP N   H    sing N N 56  
ASP N   H2   sing N N 57  
ASP CA  C    sing N N 58  
ASP CA  CB   sing N N 59  
ASP CA  HA   sing N N 60  
ASP C   O    doub N N 61  
ASP C   OXT  sing N N 62  
ASP CB  CG   sing N N 63  
ASP CB  HB2  sing N N 64  
ASP CB  HB3  sing N N 65  
ASP CG  OD1  doub N N 66  
ASP CG  OD2  sing N N 67  
ASP OD2 HD2  sing N N 68  
ASP OXT HXT  sing N N 69  
CYS N   CA   sing N N 70  
CYS N   H    sing N N 71  
CYS N   H2   sing N N 72  
CYS CA  C    sing N N 73  
CYS CA  CB   sing N N 74  
CYS CA  HA   sing N N 75  
CYS C   O    doub N N 76  
CYS C   OXT  sing N N 77  
CYS CB  SG   sing N N 78  
CYS CB  HB2  sing N N 79  
CYS CB  HB3  sing N N 80  
CYS SG  HG   sing N N 81  
CYS OXT HXT  sing N N 82  
GLN N   CA   sing N N 83  
GLN N   H    sing N N 84  
GLN N   H2   sing N N 85  
GLN CA  C    sing N N 86  
GLN CA  CB   sing N N 87  
GLN CA  HA   sing N N 88  
GLN C   O    doub N N 89  
GLN C   OXT  sing N N 90  
GLN CB  CG   sing N N 91  
GLN CB  HB2  sing N N 92  
GLN CB  HB3  sing N N 93  
GLN CG  CD   sing N N 94  
GLN CG  HG2  sing N N 95  
GLN CG  HG3  sing N N 96  
GLN CD  OE1  doub N N 97  
GLN CD  NE2  sing N N 98  
GLN NE2 HE21 sing N N 99  
GLN NE2 HE22 sing N N 100 
GLN OXT HXT  sing N N 101 
GLU N   CA   sing N N 102 
GLU N   H    sing N N 103 
GLU N   H2   sing N N 104 
GLU CA  C    sing N N 105 
GLU CA  CB   sing N N 106 
GLU CA  HA   sing N N 107 
GLU C   O    doub N N 108 
GLU C   OXT  sing N N 109 
GLU CB  CG   sing N N 110 
GLU CB  HB2  sing N N 111 
GLU CB  HB3  sing N N 112 
GLU CG  CD   sing N N 113 
GLU CG  HG2  sing N N 114 
GLU CG  HG3  sing N N 115 
GLU CD  OE1  doub N N 116 
GLU CD  OE2  sing N N 117 
GLU OE2 HE2  sing N N 118 
GLU OXT HXT  sing N N 119 
GLY N   CA   sing N N 120 
GLY N   H    sing N N 121 
GLY N   H2   sing N N 122 
GLY CA  C    sing N N 123 
GLY CA  HA2  sing N N 124 
GLY CA  HA3  sing N N 125 
GLY C   O    doub N N 126 
GLY C   OXT  sing N N 127 
GLY OXT HXT  sing N N 128 
HIS N   CA   sing N N 129 
HIS N   H    sing N N 130 
HIS N   H2   sing N N 131 
HIS CA  C    sing N N 132 
HIS CA  CB   sing N N 133 
HIS CA  HA   sing N N 134 
HIS C   O    doub N N 135 
HIS C   OXT  sing N N 136 
HIS CB  CG   sing N N 137 
HIS CB  HB2  sing N N 138 
HIS CB  HB3  sing N N 139 
HIS CG  ND1  sing Y N 140 
HIS CG  CD2  doub Y N 141 
HIS ND1 CE1  doub Y N 142 
HIS ND1 HD1  sing N N 143 
HIS CD2 NE2  sing Y N 144 
HIS CD2 HD2  sing N N 145 
HIS CE1 NE2  sing Y N 146 
HIS CE1 HE1  sing N N 147 
HIS NE2 HE2  sing N N 148 
HIS OXT HXT  sing N N 149 
HNW O6  C6   sing N N 150 
HNW C6  C5   sing N N 151 
HNW C5  O5   sing N N 152 
HNW C5  C4   sing N N 153 
HNW O5  C1   sing N N 154 
HNW C4  O4   sing N N 155 
HNW C4  C3   sing N N 156 
HNW C3  O3   sing N N 157 
HNW C3  C2   sing N N 158 
HNW C2  O2   sing N N 159 
HNW C2  C1   sing N N 160 
HNW O7  C7   sing N N 161 
HNW C7  C8   sing N N 162 
HNW C8  C9   trip N N 163 
HNW C9  C10  sing N N 164 
HNW C10 C15  sing Y N 165 
HNW C10 C11  doub Y N 166 
HNW C15 C14  doub Y N 167 
HNW C14 C13  sing Y N 168 
HNW C13 O1   sing N N 169 
HNW C13 C12  doub Y N 170 
HNW O1  C1   sing N N 171 
HNW C12 C11  sing Y N 172 
HNW O6  HO6  sing N N 173 
HNW C6  H61  sing N N 174 
HNW C6  H62  sing N N 175 
HNW C5  H5   sing N N 176 
HNW C4  H4   sing N N 177 
HNW C1  H1   sing N N 178 
HNW O4  HO4  sing N N 179 
HNW C3  H3   sing N N 180 
HNW O3  HO3  sing N N 181 
HNW C2  H2   sing N N 182 
HNW O2  HO2  sing N N 183 
HNW O7  HD   sing N N 184 
HNW C7  H71C sing N N 185 
HNW C7  H72C sing N N 186 
HNW C15 H15  sing N N 187 
HNW C11 H11  sing N N 188 
HNW C14 H14  sing N N 189 
HNW C12 H12  sing N N 190 
HOH O   H1   sing N N 191 
HOH O   H2   sing N N 192 
ILE N   CA   sing N N 193 
ILE N   H    sing N N 194 
ILE N   H2   sing N N 195 
ILE CA  C    sing N N 196 
ILE CA  CB   sing N N 197 
ILE CA  HA   sing N N 198 
ILE C   O    doub N N 199 
ILE C   OXT  sing N N 200 
ILE CB  CG1  sing N N 201 
ILE CB  CG2  sing N N 202 
ILE CB  HB   sing N N 203 
ILE CG1 CD1  sing N N 204 
ILE CG1 HG12 sing N N 205 
ILE CG1 HG13 sing N N 206 
ILE CG2 HG21 sing N N 207 
ILE CG2 HG22 sing N N 208 
ILE CG2 HG23 sing N N 209 
ILE CD1 HD11 sing N N 210 
ILE CD1 HD12 sing N N 211 
ILE CD1 HD13 sing N N 212 
ILE OXT HXT  sing N N 213 
LEU N   CA   sing N N 214 
LEU N   H    sing N N 215 
LEU N   H2   sing N N 216 
LEU CA  C    sing N N 217 
LEU CA  CB   sing N N 218 
LEU CA  HA   sing N N 219 
LEU C   O    doub N N 220 
LEU C   OXT  sing N N 221 
LEU CB  CG   sing N N 222 
LEU CB  HB2  sing N N 223 
LEU CB  HB3  sing N N 224 
LEU CG  CD1  sing N N 225 
LEU CG  CD2  sing N N 226 
LEU CG  HG   sing N N 227 
LEU CD1 HD11 sing N N 228 
LEU CD1 HD12 sing N N 229 
LEU CD1 HD13 sing N N 230 
LEU CD2 HD21 sing N N 231 
LEU CD2 HD22 sing N N 232 
LEU CD2 HD23 sing N N 233 
LEU OXT HXT  sing N N 234 
LYS N   CA   sing N N 235 
LYS N   H    sing N N 236 
LYS N   H2   sing N N 237 
LYS CA  C    sing N N 238 
LYS CA  CB   sing N N 239 
LYS CA  HA   sing N N 240 
LYS C   O    doub N N 241 
LYS C   OXT  sing N N 242 
LYS CB  CG   sing N N 243 
LYS CB  HB2  sing N N 244 
LYS CB  HB3  sing N N 245 
LYS CG  CD   sing N N 246 
LYS CG  HG2  sing N N 247 
LYS CG  HG3  sing N N 248 
LYS CD  CE   sing N N 249 
LYS CD  HD2  sing N N 250 
LYS CD  HD3  sing N N 251 
LYS CE  NZ   sing N N 252 
LYS CE  HE2  sing N N 253 
LYS CE  HE3  sing N N 254 
LYS NZ  HZ1  sing N N 255 
LYS NZ  HZ2  sing N N 256 
LYS NZ  HZ3  sing N N 257 
LYS OXT HXT  sing N N 258 
PHE N   CA   sing N N 259 
PHE N   H    sing N N 260 
PHE N   H2   sing N N 261 
PHE CA  C    sing N N 262 
PHE CA  CB   sing N N 263 
PHE CA  HA   sing N N 264 
PHE C   O    doub N N 265 
PHE C   OXT  sing N N 266 
PHE CB  CG   sing N N 267 
PHE CB  HB2  sing N N 268 
PHE CB  HB3  sing N N 269 
PHE CG  CD1  doub Y N 270 
PHE CG  CD2  sing Y N 271 
PHE CD1 CE1  sing Y N 272 
PHE CD1 HD1  sing N N 273 
PHE CD2 CE2  doub Y N 274 
PHE CD2 HD2  sing N N 275 
PHE CE1 CZ   doub Y N 276 
PHE CE1 HE1  sing N N 277 
PHE CE2 CZ   sing Y N 278 
PHE CE2 HE2  sing N N 279 
PHE CZ  HZ   sing N N 280 
PHE OXT HXT  sing N N 281 
PRO N   CA   sing N N 282 
PRO N   CD   sing N N 283 
PRO N   H    sing N N 284 
PRO CA  C    sing N N 285 
PRO CA  CB   sing N N 286 
PRO CA  HA   sing N N 287 
PRO C   O    doub N N 288 
PRO C   OXT  sing N N 289 
PRO CB  CG   sing N N 290 
PRO CB  HB2  sing N N 291 
PRO CB  HB3  sing N N 292 
PRO CG  CD   sing N N 293 
PRO CG  HG2  sing N N 294 
PRO CG  HG3  sing N N 295 
PRO CD  HD2  sing N N 296 
PRO CD  HD3  sing N N 297 
PRO OXT HXT  sing N N 298 
SER N   CA   sing N N 299 
SER N   H    sing N N 300 
SER N   H2   sing N N 301 
SER CA  C    sing N N 302 
SER CA  CB   sing N N 303 
SER CA  HA   sing N N 304 
SER C   O    doub N N 305 
SER C   OXT  sing N N 306 
SER CB  OG   sing N N 307 
SER CB  HB2  sing N N 308 
SER CB  HB3  sing N N 309 
SER OG  HG   sing N N 310 
SER OXT HXT  sing N N 311 
THR N   CA   sing N N 312 
THR N   H    sing N N 313 
THR N   H2   sing N N 314 
THR CA  C    sing N N 315 
THR CA  CB   sing N N 316 
THR CA  HA   sing N N 317 
THR C   O    doub N N 318 
THR C   OXT  sing N N 319 
THR CB  OG1  sing N N 320 
THR CB  CG2  sing N N 321 
THR CB  HB   sing N N 322 
THR OG1 HG1  sing N N 323 
THR CG2 HG21 sing N N 324 
THR CG2 HG22 sing N N 325 
THR CG2 HG23 sing N N 326 
THR OXT HXT  sing N N 327 
TRP N   CA   sing N N 328 
TRP N   H    sing N N 329 
TRP N   H2   sing N N 330 
TRP CA  C    sing N N 331 
TRP CA  CB   sing N N 332 
TRP CA  HA   sing N N 333 
TRP C   O    doub N N 334 
TRP C   OXT  sing N N 335 
TRP CB  CG   sing N N 336 
TRP CB  HB2  sing N N 337 
TRP CB  HB3  sing N N 338 
TRP CG  CD1  doub Y N 339 
TRP CG  CD2  sing Y N 340 
TRP CD1 NE1  sing Y N 341 
TRP CD1 HD1  sing N N 342 
TRP CD2 CE2  doub Y N 343 
TRP CD2 CE3  sing Y N 344 
TRP NE1 CE2  sing Y N 345 
TRP NE1 HE1  sing N N 346 
TRP CE2 CZ2  sing Y N 347 
TRP CE3 CZ3  doub Y N 348 
TRP CE3 HE3  sing N N 349 
TRP CZ2 CH2  doub Y N 350 
TRP CZ2 HZ2  sing N N 351 
TRP CZ3 CH2  sing Y N 352 
TRP CZ3 HZ3  sing N N 353 
TRP CH2 HH2  sing N N 354 
TRP OXT HXT  sing N N 355 
TYR N   CA   sing N N 356 
TYR N   H    sing N N 357 
TYR N   H2   sing N N 358 
TYR CA  C    sing N N 359 
TYR CA  CB   sing N N 360 
TYR CA  HA   sing N N 361 
TYR C   O    doub N N 362 
TYR C   OXT  sing N N 363 
TYR CB  CG   sing N N 364 
TYR CB  HB2  sing N N 365 
TYR CB  HB3  sing N N 366 
TYR CG  CD1  doub Y N 367 
TYR CG  CD2  sing Y N 368 
TYR CD1 CE1  sing Y N 369 
TYR CD1 HD1  sing N N 370 
TYR CD2 CE2  doub Y N 371 
TYR CD2 HD2  sing N N 372 
TYR CE1 CZ   doub Y N 373 
TYR CE1 HE1  sing N N 374 
TYR CE2 CZ   sing Y N 375 
TYR CE2 HE2  sing N N 376 
TYR CZ  OH   sing N N 377 
TYR OH  HH   sing N N 378 
TYR OXT HXT  sing N N 379 
VAL N   CA   sing N N 380 
VAL N   H    sing N N 381 
VAL N   H2   sing N N 382 
VAL CA  C    sing N N 383 
VAL CA  CB   sing N N 384 
VAL CA  HA   sing N N 385 
VAL C   O    doub N N 386 
VAL C   OXT  sing N N 387 
VAL CB  CG1  sing N N 388 
VAL CB  CG2  sing N N 389 
VAL CB  HB   sing N N 390 
VAL CG1 HG11 sing N N 391 
VAL CG1 HG12 sing N N 392 
VAL CG1 HG13 sing N N 393 
VAL CG2 HG21 sing N N 394 
VAL CG2 HG22 sing N N 395 
VAL CG2 HG23 sing N N 396 
VAL OXT HXT  sing N N 397 
# 
_pdbx_initial_refinement_model.id               1 
_pdbx_initial_refinement_model.entity_id_list   ? 
_pdbx_initial_refinement_model.type             'experimental model' 
_pdbx_initial_refinement_model.source_name      PDB 
_pdbx_initial_refinement_model.accession_code   1UWF 
_pdbx_initial_refinement_model.details          'PDB ENTRY 1UWF' 
# 
_atom_sites.entry_id                    4AUJ 
_atom_sites.fract_transf_matrix[1][1]   0.00641390 
_atom_sites.fract_transf_matrix[1][2]   0.01853528 
_atom_sites.fract_transf_matrix[1][3]   -0.02319628 
_atom_sites.fract_transf_matrix[2][1]   -0.01010874 
_atom_sites.fract_transf_matrix[2][2]   0.01797549 
_atom_sites.fract_transf_matrix[2][3]   0.01156842 
_atom_sites.fract_transf_matrix[3][1]   0.00912413 
_atom_sites.fract_transf_matrix[3][2]   0.00231628 
_atom_sites.fract_transf_matrix[3][3]   0.00437373 
_atom_sites.fract_transf_vector[1]      0.450781 
_atom_sites.fract_transf_vector[2]      -0.017326 
_atom_sites.fract_transf_vector[3]      -0.106548 
# 
loop_
_atom_type.symbol 
C 
N 
O 
S 
# 
loop_
_atom_site.group_PDB 
_atom_site.id 
_atom_site.type_symbol 
_atom_site.label_atom_id 
_atom_site.label_alt_id 
_atom_site.label_comp_id 
_atom_site.label_asym_id 
_atom_site.label_entity_id 
_atom_site.label_seq_id 
_atom_site.pdbx_PDB_ins_code 
_atom_site.Cartn_x 
_atom_site.Cartn_y 
_atom_site.Cartn_z 
_atom_site.occupancy 
_atom_site.B_iso_or_equiv 
_atom_site.pdbx_formal_charge 
_atom_site.auth_seq_id 
_atom_site.auth_comp_id 
_atom_site.auth_asym_id 
_atom_site.auth_atom_id 
_atom_site.pdbx_PDB_model_num 
ATOM   1    N N   . PHE A 1 1   ? 16.169  4.646   9.216   1.00 6.64  ? 1    PHE A N   1 
ATOM   2    C CA  . PHE A 1 1   ? 14.794  4.535   8.732   1.00 5.55  ? 1    PHE A CA  1 
ATOM   3    C C   . PHE A 1 1   ? 14.416  3.071   8.600   1.00 7.08  ? 1    PHE A C   1 
ATOM   4    O O   . PHE A 1 1   ? 15.136  2.277   7.976   1.00 7.41  ? 1    PHE A O   1 
ATOM   5    C CB  . PHE A 1 1   ? 14.627  5.223   7.373   1.00 6.93  ? 1    PHE A CB  1 
ATOM   6    C CG  . PHE A 1 1   ? 13.231  5.130   6.826   1.00 5.47  ? 1    PHE A CG  1 
ATOM   7    C CD1 . PHE A 1 1   ? 12.845  4.039   6.037   1.00 7.08  ? 1    PHE A CD1 1 
ATOM   8    C CD2 . PHE A 1 1   ? 12.296  6.112   7.119   1.00 5.65  ? 1    PHE A CD2 1 
ATOM   9    C CE1 . PHE A 1 1   ? 11.555  3.928   5.546   1.00 6.80  ? 1    PHE A CE1 1 
ATOM   10   C CE2 . PHE A 1 1   ? 10.999  6.027   6.637   1.00 5.57  ? 1    PHE A CE2 1 
ATOM   11   C CZ  . PHE A 1 1   ? 10.623  4.929   5.837   1.00 5.71  ? 1    PHE A CZ  1 
ATOM   12   N N   . ALA A 1 2   ? 13.271  2.710   9.180   1.00 6.86  ? 2    ALA A N   1 
ATOM   13   C CA  . ALA A 1 2   ? 12.778  1.345   9.089   1.00 5.32  ? 2    ALA A CA  1 
ATOM   14   C C   . ALA A 1 2   ? 11.288  1.334   9.291   1.00 6.71  ? 2    ALA A C   1 
ATOM   15   O O   . ALA A 1 2   ? 10.703  2.339   9.719   1.00 7.72  ? 2    ALA A O   1 
ATOM   16   C CB  . ALA A 1 2   ? 13.464  0.451   10.123  1.00 7.85  ? 2    ALA A CB  1 
ATOM   17   N N   . CYS A 1 3   ? 10.675  0.195   8.988   1.00 7.15  ? 3    CYS A N   1 
ATOM   18   C CA  . CYS A 1 3   ? 9.227   0.100   8.984   1.00 8.41  ? 3    CYS A CA  1 
ATOM   19   C C   . CYS A 1 3   ? 8.753   -1.171  9.660   1.00 8.40  ? 3    CYS A C   1 
ATOM   20   O O   . CYS A 1 3   ? 9.477   -2.162  9.727   1.00 10.94 ? 3    CYS A O   1 
ATOM   21   C CB  . CYS A 1 3   ? 8.714   0.084   7.555   1.00 6.27  ? 3    CYS A CB  1 
ATOM   22   S SG  . CYS A 1 3   ? 9.105   1.542   6.576   1.00 10.27 ? 3    CYS A SG  1 
ATOM   23   N N   . LYS A 1 4   ? 7.513   -1.143  10.138  1.00 8.09  ? 4    LYS A N   1 
ATOM   24   C CA  . LYS A 1 4   ? 6.928   -2.316  10.776  1.00 9.00  ? 4    LYS A CA  1 
ATOM   25   C C   . LYS A 1 4   ? 5.438   -2.363  10.484  1.00 7.65  ? 4    LYS A C   1 
ATOM   26   O O   . LYS A 1 4   ? 4.824   -1.345  10.161  1.00 9.81  ? 4    LYS A O   1 
ATOM   27   C CB  . LYS A 1 4   ? 7.150   -2.274  12.287  1.00 16.91 ? 4    LYS A CB  1 
ATOM   28   C CG  . LYS A 1 4   ? 6.386   -1.170  12.980  1.00 22.83 ? 4    LYS A CG  1 
ATOM   29   C CD  . LYS A 1 4   ? 6.371   -1.355  14.489  1.00 44.75 ? 4    LYS A CD  1 
ATOM   30   C CE  . LYS A 1 4   ? 5.319   -0.460  15.145  1.00 47.46 ? 4    LYS A CE  1 
ATOM   31   N NZ  . LYS A 1 4   ? 3.926   -0.762  14.694  1.00 38.28 ? 4    LYS A NZ  1 
ATOM   32   N N   . THR A 1 5   ? 4.848   -3.553  10.592  1.00 9.80  ? 5    THR A N   1 
ATOM   33   C CA  . THR A 1 5   ? 3.421   -3.697  10.325  1.00 10.43 ? 5    THR A CA  1 
ATOM   34   C C   . THR A 1 5   ? 2.609   -4.143  11.533  1.00 14.67 ? 5    THR A C   1 
ATOM   35   O O   . THR A 1 5   ? 3.154   -4.646  12.526  1.00 17.59 ? 5    THR A O   1 
ATOM   36   C CB  . THR A 1 5   ? 3.142   -4.720  9.225   1.00 11.43 ? 5    THR A CB  1 
ATOM   37   O OG1 . THR A 1 5   ? 3.392   -6.031  9.737   1.00 12.05 ? 5    THR A OG1 1 
ATOM   38   C CG2 . THR A 1 5   ? 4.027   -4.476  8.005   1.00 12.74 ? 5    THR A CG2 1 
ATOM   39   N N   . ALA A 1 6   ? 1.295   -3.973  11.425  1.00 14.60 ? 6    ALA A N   1 
ATOM   40   C CA  . ALA A 1 6   ? 0.373   -4.563  12.383  1.00 22.98 ? 6    ALA A CA  1 
ATOM   41   C C   . ALA A 1 6   ? 0.339   -6.091  12.434  1.00 22.28 ? 6    ALA A C   1 
ATOM   42   O O   . ALA A 1 6   ? -0.120  -6.651  13.434  1.00 28.10 ? 6    ALA A O   1 
ATOM   43   N N   . ASN A 1 7   ? 0.776   -6.787  11.381  1.00 18.84 ? 7    ASN A N   1 
ATOM   44   C CA  A ASN A 1 7   ? 0.861   -8.253  11.362  0.53 17.58 ? 7    ASN A CA  1 
ATOM   45   C CA  B ASN A 1 7   ? 0.797   -8.252  11.494  0.47 17.32 ? 7    ASN A CA  1 
ATOM   46   C C   . ASN A 1 7   ? 2.105   -8.791  12.050  1.00 22.45 ? 7    ASN A C   1 
ATOM   47   O O   . ASN A 1 7   ? 2.338   -10.002 12.053  1.00 26.53 ? 7    ASN A O   1 
ATOM   48   C CB  A ASN A 1 7   ? 0.890   -8.771  9.921   0.53 20.87 ? 7    ASN A CB  1 
ATOM   49   C CB  B ASN A 1 7   ? 0.377   -8.985  10.208  0.47 22.52 ? 7    ASN A CB  1 
ATOM   50   C CG  A ASN A 1 7   ? -0.364  -8.437  9.152   0.53 18.29 ? 7    ASN A CG  1 
ATOM   51   C CG  B ASN A 1 7   ? 0.764   -8.247  8.946   0.47 20.87 ? 7    ASN A CG  1 
ATOM   52   O OD1 A ASN A 1 7   ? -0.311  -7.745  8.138   0.53 18.53 ? 7    ASN A OD1 1 
ATOM   53   O OD1 B ASN A 1 7   ? -0.090  -7.677  8.269   0.47 17.89 ? 7    ASN A OD1 1 
ATOM   54   N ND2 A ASN A 1 7   ? -1.503  -8.937  9.623   0.53 15.25 ? 7    ASN A ND2 1 
ATOM   55   N ND2 B ASN A 1 7   ? 2.050   -8.266  8.610   0.47 20.03 ? 7    ASN A ND2 1 
ATOM   56   N N   . GLY A 1 8   ? 2.932   -7.889  12.564  1.00 16.84 ? 8    GLY A N   1 
ATOM   57   C CA  . GLY A 1 8   ? 4.167   -8.281  13.214  1.00 20.84 ? 8    GLY A CA  1 
ATOM   58   C C   . GLY A 1 8   ? 5.307   -8.565  12.256  1.00 29.37 ? 8    GLY A C   1 
ATOM   59   O O   . GLY A 1 8   ? 6.256   -9.267  12.606  1.00 31.15 ? 8    GLY A O   1 
ATOM   60   N N   . THR A 1 9   ? 5.214   -8.031  11.042  1.00 22.00 ? 9    THR A N   1 
ATOM   61   C CA  . THR A 1 9   ? 6.329   -8.115  10.105  1.00 15.40 ? 9    THR A CA  1 
ATOM   62   C C   . THR A 1 9   ? 7.083   -6.778  10.082  1.00 19.09 ? 9    THR A C   1 
ATOM   63   O O   . THR A 1 9   ? 6.569   -5.749  10.502  1.00 16.18 ? 9    THR A O   1 
ATOM   64   C CB  . THR A 1 9   ? 5.875   -8.531  8.690   1.00 18.16 ? 9    THR A CB  1 
ATOM   65   O OG1 . THR A 1 9   ? 4.942   -7.572  8.176   1.00 18.33 ? 9    THR A OG1 1 
ATOM   66   C CG2 . THR A 1 9   ? 5.191   -9.891  8.724   1.00 17.54 ? 9    THR A CG2 1 
ATOM   67   N N   . ALA A 1 10  ? 8.319   -6.796  9.609   1.00 20.52 ? 10   ALA A N   1 
ATOM   68   C CA  . ALA A 1 10  ? 9.135   -5.592  9.690   1.00 22.87 ? 10   ALA A CA  1 
ATOM   69   C C   . ALA A 1 10  ? 10.219  -5.613  8.641   1.00 21.83 ? 10   ALA A C   1 
ATOM   70   O O   . ALA A 1 10  ? 10.612  -6.680  8.177   1.00 16.46 ? 10   ALA A O   1 
ATOM   71   C CB  . ALA A 1 10  ? 9.756   -5.479  11.053  1.00 14.15 ? 10   ALA A CB  1 
ATOM   72   N N   . ILE A 1 11  ? 10.697  -4.428  8.272   1.00 11.46 ? 11   ILE A N   1 
ATOM   73   C CA  . ILE A 1 11  ? 11.799  -4.313  7.330   1.00 9.63  ? 11   ILE A CA  1 
ATOM   74   C C   . ILE A 1 11  ? 12.798  -3.319  7.913   1.00 10.30 ? 11   ILE A C   1 
ATOM   75   O O   . ILE A 1 11  ? 12.425  -2.198  8.259   1.00 8.71  ? 11   ILE A O   1 
ATOM   76   C CB  . ILE A 1 11  ? 11.329  -3.782  5.966   1.00 7.40  ? 11   ILE A CB  1 
ATOM   77   C CG1 . ILE A 1 11  ? 10.191  -4.628  5.381   1.00 11.10 ? 11   ILE A CG1 1 
ATOM   78   C CG2 . ILE A 1 11  ? 12.484  -3.754  5.000   1.00 9.56  ? 11   ILE A CG2 1 
ATOM   79   C CD1 . ILE A 1 11  ? 9.639   -4.080  4.072   1.00 9.86  ? 11   ILE A CD1 1 
ATOM   80   N N   . PRO A 1 12  ? 14.070  -3.729  8.036   1.00 9.12  ? 12   PRO A N   1 
ATOM   81   C CA  . PRO A 1 12  ? 15.061  -2.914  8.737   1.00 10.27 ? 12   PRO A CA  1 
ATOM   82   C C   . PRO A 1 12  ? 15.721  -1.866  7.850   1.00 7.95  ? 12   PRO A C   1 
ATOM   83   O O   . PRO A 1 12  ? 15.402  -1.737  6.661   1.00 8.62  ? 12   PRO A O   1 
ATOM   84   C CB  . PRO A 1 12  ? 16.095  -3.957  9.176   1.00 8.67  ? 12   PRO A CB  1 
ATOM   85   C CG  . PRO A 1 12  ? 16.092  -4.936  8.038   1.00 9.76  ? 12   PRO A CG  1 
ATOM   86   C CD  . PRO A 1 12  ? 14.643  -5.007  7.565   1.00 12.80 ? 12   PRO A CD  1 
ATOM   87   N N   . ILE A 1 13  ? 16.624  -1.112  8.466   1.00 8.09  ? 13   ILE A N   1 
ATOM   88   C CA  . ILE A 1 13  ? 17.493  -0.180  7.759   1.00 6.29  ? 13   ILE A CA  1 
ATOM   89   C C   . ILE A 1 13  ? 18.035  -0.850  6.511   1.00 6.69  ? 13   ILE A C   1 
ATOM   90   O O   . ILE A 1 13  ? 18.508  -1.997  6.580   1.00 9.44  ? 13   ILE A O   1 
ATOM   91   C CB  . ILE A 1 13  ? 18.644  0.277   8.667   1.00 7.48  ? 13   ILE A CB  1 
ATOM   92   C CG1 . ILE A 1 13  ? 18.132  1.300   9.683   1.00 8.11  ? 13   ILE A CG1 1 
ATOM   93   C CG2 . ILE A 1 13  ? 19.772  0.885   7.840   1.00 8.32  ? 13   ILE A CG2 1 
ATOM   94   C CD1 . ILE A 1 13  ? 19.054  1.446   10.888  1.00 10.78 ? 13   ILE A CD1 1 
ATOM   95   N N   . GLY A 1 14  ? 17.932  -0.153  5.375   1.00 6.96  ? 14   GLY A N   1 
ATOM   96   C CA  . GLY A 1 14  ? 18.438  -0.660  4.110   1.00 6.83  ? 14   GLY A CA  1 
ATOM   97   C C   . GLY A 1 14  ? 17.389  -1.307  3.229   1.00 6.99  ? 14   GLY A C   1 
ATOM   98   O O   . GLY A 1 14  ? 17.666  -1.636  2.076   1.00 9.09  ? 14   GLY A O   1 
ATOM   99   N N   . GLY A 1 15  ? 16.187  -1.511  3.767   1.00 6.89  ? 15   GLY A N   1 
ATOM   100  C CA  . GLY A 1 15  ? 15.110  -2.022  2.946   1.00 6.42  ? 15   GLY A CA  1 
ATOM   101  C C   . GLY A 1 15  ? 15.018  -3.532  2.923   1.00 9.14  ? 15   GLY A C   1 
ATOM   102  O O   . GLY A 1 15  ? 15.721  -4.220  3.652   1.00 8.81  ? 15   GLY A O   1 
ATOM   103  N N   . GLY A 1 16  ? 14.145  -4.033  2.064   1.00 6.94  ? 16   GLY A N   1 
ATOM   104  C CA  . GLY A 1 16  ? 13.803  -5.441  2.062   1.00 7.86  ? 16   GLY A CA  1 
ATOM   105  C C   . GLY A 1 16  ? 12.349  -5.622  1.695   1.00 8.37  ? 16   GLY A C   1 
ATOM   106  O O   . GLY A 1 16  ? 11.749  -4.748  1.071   1.00 8.86  ? 16   GLY A O   1 
ATOM   107  N N   A SER A 1 17  ? 11.794  -6.776  2.067   0.64 10.35 ? 17   SER A N   1 
ATOM   108  N N   B SER A 1 17  ? 11.790  -6.767  2.073   0.36 10.36 ? 17   SER A N   1 
ATOM   109  C CA  A SER A 1 17  ? 10.426  -7.141  1.706   0.64 8.80  ? 17   SER A CA  1 
ATOM   110  C CA  B SER A 1 17  ? 10.415  -7.090  1.727   0.36 8.86  ? 17   SER A CA  1 
ATOM   111  C C   A SER A 1 17  ? 9.694   -7.689  2.919   0.64 8.29  ? 17   SER A C   1 
ATOM   112  C C   B SER A 1 17  ? 9.691   -7.682  2.921   0.36 8.36  ? 17   SER A C   1 
ATOM   113  O O   A SER A 1 17  ? 10.309  -8.279  3.810   0.64 11.69 ? 17   SER A O   1 
ATOM   114  O O   B SER A 1 17  ? 10.306  -8.295  3.795   0.36 11.70 ? 17   SER A O   1 
ATOM   115  C CB  A SER A 1 17  ? 10.426  -8.204  0.598   0.64 11.13 ? 17   SER A CB  1 
ATOM   116  C CB  B SER A 1 17  ? 10.375  -8.083  0.563   0.36 11.31 ? 17   SER A CB  1 
ATOM   117  O OG  A SER A 1 17  ? 11.056  -7.730  -0.580  0.64 14.17 ? 17   SER A OG  1 
ATOM   118  O OG  B SER A 1 17  ? 10.939  -9.328  0.933   0.36 15.87 ? 17   SER A OG  1 
ATOM   119  N N   . ALA A 1 18  ? 8.376   -7.491  2.954   1.00 8.12  ? 18   ALA A N   1 
ATOM   120  C CA  . ALA A 1 18  ? 7.545   -8.050  4.018   1.00 8.23  ? 18   ALA A CA  1 
ATOM   121  C C   . ALA A 1 18  ? 6.130   -8.261  3.536   1.00 9.14  ? 18   ALA A C   1 
ATOM   122  O O   . ALA A 1 18  ? 5.676   -7.626  2.583   1.00 9.23  ? 18   ALA A O   1 
ATOM   123  C CB  . ALA A 1 18  ? 7.543   -7.158  5.253   1.00 11.30 ? 18   ALA A CB  1 
ATOM   124  N N   . ASN A 1 19  ? 5.423   -9.148  4.225   1.00 8.17  ? 19   ASN A N   1 
ATOM   125  C CA  . ASN A 1 19  ? 4.046   -9.452  3.890   1.00 8.09  ? 19   ASN A CA  1 
ATOM   126  C C   . ASN A 1 19  ? 3.068   -8.717  4.782   1.00 7.71  ? 19   ASN A C   1 
ATOM   127  O O   . ASN A 1 19  ? 3.302   -8.560  5.987   1.00 9.18  ? 19   ASN A O   1 
ATOM   128  C CB  . ASN A 1 19  ? 3.809   -10.955 4.027   1.00 7.14  ? 19   ASN A CB  1 
ATOM   129  C CG  . ASN A 1 19  ? 4.734   -11.760 3.151   1.00 7.34  ? 19   ASN A CG  1 
ATOM   130  O OD1 . ASN A 1 19  ? 4.944   -11.414 1.997   1.00 10.01 ? 19   ASN A OD1 1 
ATOM   131  N ND2 . ASN A 1 19  ? 5.326   -12.816 3.705   1.00 11.74 ? 19   ASN A ND2 1 
ATOM   132  N N   . VAL A 1 20  ? 1.968   -8.260  4.184   1.00 6.66  ? 20   VAL A N   1 
ATOM   133  C CA  . VAL A 1 20  ? 0.915   -7.573  4.920   1.00 8.56  ? 20   VAL A CA  1 
ATOM   134  C C   . VAL A 1 20  ? -0.403  -8.289  4.642   1.00 10.66 ? 20   VAL A C   1 
ATOM   135  O O   . VAL A 1 20  ? -0.729  -8.570  3.497   1.00 9.37  ? 20   VAL A O   1 
ATOM   136  C CB  . VAL A 1 20  ? 0.815   -6.095  4.481   1.00 8.70  ? 20   VAL A CB  1 
ATOM   137  C CG1 . VAL A 1 20  ? -0.250  -5.362  5.276   1.00 12.32 ? 20   VAL A CG1 1 
ATOM   138  C CG2 . VAL A 1 20  ? 2.149   -5.409  4.649   1.00 9.55  ? 20   VAL A CG2 1 
ATOM   139  N N   . TYR A 1 21  ? -1.146  -8.612  5.699   1.00 10.46 ? 21   TYR A N   1 
ATOM   140  C CA  . TYR A 1 21  ? -2.384  -9.357  5.553   1.00 9.31  ? 21   TYR A CA  1 
ATOM   141  C C   . TYR A 1 21  ? -3.524  -8.477  5.992   1.00 11.31 ? 21   TYR A C   1 
ATOM   142  O O   . TYR A 1 21  ? -3.544  -8.008  7.126   1.00 14.86 ? 21   TYR A O   1 
ATOM   143  C CB  . TYR A 1 21  ? -2.336  -10.632 6.396   1.00 10.10 ? 21   TYR A CB  1 
ATOM   144  C CG  . TYR A 1 21  ? -1.204  -11.515 5.972   1.00 13.12 ? 21   TYR A CG  1 
ATOM   145  C CD1 . TYR A 1 21  ? -1.368  -12.430 4.934   1.00 12.46 ? 21   TYR A CD1 1 
ATOM   146  C CD2 . TYR A 1 21  ? 0.050   -11.402 6.559   1.00 13.79 ? 21   TYR A CD2 1 
ATOM   147  C CE1 . TYR A 1 21  ? -0.320  -13.237 4.510   1.00 16.88 ? 21   TYR A CE1 1 
ATOM   148  C CE2 . TYR A 1 21  ? 1.107   -12.198 6.138   1.00 13.07 ? 21   TYR A CE2 1 
ATOM   149  C CZ  . TYR A 1 21  ? 0.913   -13.111 5.113   1.00 13.15 ? 21   TYR A CZ  1 
ATOM   150  O OH  . TYR A 1 21  ? 1.960   -13.899 4.708   1.00 22.30 ? 21   TYR A OH  1 
ATOM   151  N N   . VAL A 1 22  ? -4.471  -8.254  5.085   1.00 12.38 ? 22   VAL A N   1 
ATOM   152  C CA  . VAL A 1 22  ? -5.507  -7.266  5.317   1.00 12.31 ? 22   VAL A CA  1 
ATOM   153  C C   . VAL A 1 22  ? -6.904  -7.862  5.294   1.00 13.68 ? 22   VAL A C   1 
ATOM   154  O O   . VAL A 1 22  ? -7.223  -8.716  4.468   1.00 13.75 ? 22   VAL A O   1 
ATOM   155  C CB  . VAL A 1 22  ? -5.430  -6.103  4.299   1.00 11.12 ? 22   VAL A CB  1 
ATOM   156  C CG1 . VAL A 1 22  ? -4.101  -5.375  4.442   1.00 17.00 ? 22   VAL A CG1 1 
ATOM   157  C CG2 . VAL A 1 22  ? -5.602  -6.610  2.883   1.00 11.59 ? 22   VAL A CG2 1 
ATOM   158  N N   . ASN A 1 23  ? -7.730  -7.404  6.227   1.00 13.24 ? 23   ASN A N   1 
ATOM   159  C CA  . ASN A 1 23  ? -9.146  -7.729  6.198   1.00 13.46 ? 23   ASN A CA  1 
ATOM   160  C C   . ASN A 1 23  ? -9.839  -6.808  5.200   1.00 13.05 ? 23   ASN A C   1 
ATOM   161  O O   . ASN A 1 23  ? -9.560  -5.604  5.150   1.00 18.46 ? 23   ASN A O   1 
ATOM   162  C CB  . ASN A 1 23  ? -9.755  -7.578  7.598   1.00 14.29 ? 23   ASN A CB  1 
ATOM   163  C CG  . ASN A 1 23  ? -9.161  -8.558  8.609   1.00 15.89 ? 23   ASN A CG  1 
ATOM   164  O OD1 . ASN A 1 23  ? -8.832  -9.697  8.276   1.00 19.83 ? 23   ASN A OD1 1 
ATOM   165  N ND2 . ASN A 1 23  ? -9.033  -8.114  9.853   0.44 21.73 ? 23   ASN A ND2 1 
ATOM   166  N N   . LEU A 1 24  ? -10.727 -7.374  4.388   1.00 12.63 ? 24   LEU A N   1 
ATOM   167  C CA  . LEU A 1 24  ? -11.408 -6.617  3.348   1.00 12.60 ? 24   LEU A CA  1 
ATOM   168  C C   . LEU A 1 24  ? -12.911 -6.688  3.551   1.00 11.37 ? 24   LEU A C   1 
ATOM   169  O O   . LEU A 1 24  ? -13.429 -7.707  4.026   1.00 13.22 ? 24   LEU A O   1 
ATOM   170  C CB  . LEU A 1 24  ? -11.086 -7.193  1.976   1.00 12.59 ? 24   LEU A CB  1 
ATOM   171  C CG  . LEU A 1 24  ? -9.613  -7.158  1.593   1.00 10.73 ? 24   LEU A CG  1 
ATOM   172  C CD1 . LEU A 1 24  ? -9.373  -8.038  0.372   1.00 14.19 ? 24   LEU A CD1 1 
ATOM   173  C CD2 . LEU A 1 24  ? -9.187  -5.725  1.323   1.00 14.49 ? 24   LEU A CD2 1 
ATOM   174  N N   . ALA A 1 25  ? -13.609 -5.618  3.182   1.00 10.02 ? 25   ALA A N   1 
ATOM   175  C CA  . ALA A 1 25  ? -15.072 -5.645  3.213   1.00 13.01 ? 25   ALA A CA  1 
ATOM   176  C C   . ALA A 1 25  ? -15.536 -6.867  2.431   1.00 15.23 ? 25   ALA A C   1 
ATOM   177  O O   . ALA A 1 25  ? -15.130 -7.061  1.289   1.00 14.36 ? 25   ALA A O   1 
ATOM   178  C CB  . ALA A 1 25  ? -15.652 -4.379  2.629   1.00 12.38 ? 25   ALA A CB  1 
ATOM   179  N N   . PRO A 1 26  ? -16.363 -7.715  3.055   1.00 14.38 ? 26   PRO A N   1 
ATOM   180  C CA  . PRO A 1 26  ? -16.677 -8.998  2.417   1.00 11.99 ? 26   PRO A CA  1 
ATOM   181  C C   . PRO A 1 26  ? -17.585 -8.890  1.186   1.00 11.31 ? 26   PRO A C   1 
ATOM   182  O O   . PRO A 1 26  ? -17.527 -9.784  0.335   1.00 11.02 ? 26   PRO A O   1 
ATOM   183  C CB  . PRO A 1 26  ? -17.371 -9.784  3.535   1.00 16.66 ? 26   PRO A CB  1 
ATOM   184  C CG  . PRO A 1 26  ? -17.934 -8.744  4.425   1.00 15.65 ? 26   PRO A CG  1 
ATOM   185  C CD  . PRO A 1 26  ? -16.953 -7.606  4.402   1.00 15.56 ? 26   PRO A CD  1 
ATOM   186  N N   . VAL A 1 27  ? -18.388 -7.828  1.105   1.00 9.95  ? 27   VAL A N   1 
ATOM   187  C CA  . VAL A 1 27  ? -19.309 -7.605  -0.010  1.00 11.33 ? 27   VAL A CA  1 
ATOM   188  C C   . VAL A 1 27  ? -19.180 -6.174  -0.531  1.00 12.98 ? 27   VAL A C   1 
ATOM   189  O O   . VAL A 1 27  ? -19.271 -5.212  0.231   1.00 14.96 ? 27   VAL A O   1 
ATOM   190  C CB  . VAL A 1 27  ? -20.767 -7.859  0.426   1.00 10.23 ? 27   VAL A CB  1 
ATOM   191  C CG1 . VAL A 1 27  ? -21.726 -7.625  -0.730  1.00 15.30 ? 27   VAL A CG1 1 
ATOM   192  C CG2 . VAL A 1 27  ? -20.909 -9.265  0.974   1.00 14.51 ? 27   VAL A CG2 1 
ATOM   193  N N   A VAL A 1 28  ? -18.945 -6.041  -1.829  0.53 11.20 ? 28   VAL A N   1 
ATOM   194  N N   B VAL A 1 28  ? -18.955 -6.042  -1.834  0.47 11.20 ? 28   VAL A N   1 
ATOM   195  C CA  A VAL A 1 28  ? -18.839 -4.732  -2.451  0.53 13.41 ? 28   VAL A CA  1 
ATOM   196  C CA  B VAL A 1 28  ? -18.801 -4.739  -2.471  0.47 13.38 ? 28   VAL A CA  1 
ATOM   197  C C   A VAL A 1 28  ? -19.602 -4.765  -3.769  0.53 12.26 ? 28   VAL A C   1 
ATOM   198  C C   B VAL A 1 28  ? -19.587 -4.760  -3.775  0.47 12.27 ? 28   VAL A C   1 
ATOM   199  O O   A VAL A 1 28  ? -19.456 -5.700  -4.564  0.53 10.56 ? 28   VAL A O   1 
ATOM   200  O O   B VAL A 1 28  ? -19.423 -5.681  -4.581  0.47 10.58 ? 28   VAL A O   1 
ATOM   201  C CB  A VAL A 1 28  ? -17.360 -4.299  -2.652  0.53 11.98 ? 28   VAL A CB  1 
ATOM   202  C CB  B VAL A 1 28  ? -17.318 -4.431  -2.783  0.47 11.88 ? 28   VAL A CB  1 
ATOM   203  C CG1 A VAL A 1 28  ? -16.607 -5.306  -3.483  0.53 12.46 ? 28   VAL A CG1 1 
ATOM   204  C CG1 B VAL A 1 28  ? -17.182 -3.072  -3.470  0.47 12.78 ? 28   VAL A CG1 1 
ATOM   205  C CG2 A VAL A 1 28  ? -17.279 -2.919  -3.300  0.53 12.77 ? 28   VAL A CG2 1 
ATOM   206  C CG2 B VAL A 1 28  ? -16.486 -4.462  -1.519  0.47 11.03 ? 28   VAL A CG2 1 
ATOM   207  N N   . ASN A 1 29  ? -20.446 -3.762  -3.982  1.00 12.24 ? 29   ASN A N   1 
ATOM   208  C CA  . ASN A 1 29  ? -21.233 -3.682  -5.203  1.00 11.39 ? 29   ASN A CA  1 
ATOM   209  C C   . ASN A 1 29  ? -20.517 -2.938  -6.303  1.00 10.94 ? 29   ASN A C   1 
ATOM   210  O O   . ASN A 1 29  ? -19.642 -2.112  -6.046  1.00 11.59 ? 29   ASN A O   1 
ATOM   211  C CB  . ASN A 1 29  ? -22.581 -2.990  -4.959  1.00 11.56 ? 29   ASN A CB  1 
ATOM   212  C CG  . ASN A 1 29  ? -23.543 -3.855  -4.195  1.00 19.26 ? 29   ASN A CG  1 
ATOM   213  O OD1 . ASN A 1 29  ? -24.060 -4.842  -4.722  1.00 21.38 ? 29   ASN A OD1 1 
ATOM   214  N ND2 . ASN A 1 29  ? -23.799 -3.488  -2.949  1.00 19.80 ? 29   ASN A ND2 1 
ATOM   215  N N   . VAL A 1 30  ? -20.926 -3.227  -7.535  1.00 11.54 ? 30   VAL A N   1 
ATOM   216  C CA  . VAL A 1 30  ? -20.485 -2.458  -8.688  1.00 12.24 ? 30   VAL A CA  1 
ATOM   217  C C   . VAL A 1 30  ? -20.761 -0.979  -8.404  1.00 12.79 ? 30   VAL A C   1 
ATOM   218  O O   . VAL A 1 30  ? -21.814 -0.625  -7.874  1.00 15.50 ? 30   VAL A O   1 
ATOM   219  C CB  . VAL A 1 30  ? -21.214 -2.922  -9.969  1.00 14.11 ? 30   VAL A CB  1 
ATOM   220  C CG1 . VAL A 1 30  ? -20.877 -2.009  -11.146 1.00 15.51 ? 30   VAL A CG1 1 
ATOM   221  C CG2 . VAL A 1 30  ? -20.847 -4.368  -10.293 1.00 14.20 ? 30   VAL A CG2 1 
ATOM   222  N N   . GLY A 1 31  ? -19.779 -0.128  -8.693  1.00 14.59 ? 31   GLY A N   1 
ATOM   223  C CA  . GLY A 1 31  ? -19.935 1.301   -8.475  1.00 19.64 ? 31   GLY A CA  1 
ATOM   224  C C   . GLY A 1 31  ? -19.457 1.787   -7.120  1.00 12.44 ? 31   GLY A C   1 
ATOM   225  O O   . GLY A 1 31  ? -19.347 2.995   -6.894  1.00 14.96 ? 31   GLY A O   1 
ATOM   226  N N   . GLN A 1 32  ? -19.164 0.852   -6.221  1.00 12.60 ? 32   GLN A N   1 
ATOM   227  C CA  . GLN A 1 32  ? -18.723 1.200   -4.876  1.00 12.61 ? 32   GLN A CA  1 
ATOM   228  C C   . GLN A 1 32  ? -17.246 0.855   -4.700  1.00 11.79 ? 32   GLN A C   1 
ATOM   229  O O   . GLN A 1 32  ? -16.737 -0.052  -5.357  1.00 12.48 ? 32   GLN A O   1 
ATOM   230  C CB  . GLN A 1 32  ? -19.588 0.483   -3.845  1.00 13.44 ? 32   GLN A CB  1 
ATOM   231  C CG  . GLN A 1 32  ? -21.065 0.857   -3.996  1.00 14.85 ? 32   GLN A CG  1 
ATOM   232  C CD  . GLN A 1 32  ? -21.959 0.181   -2.986  1.00 23.16 ? 32   GLN A CD  1 
ATOM   233  O OE1 . GLN A 1 32  ? -21.659 -0.910  -2.515  1.00 26.21 ? 32   GLN A OE1 1 
ATOM   234  N NE2 . GLN A 1 32  ? -23.072 0.826   -2.652  1.00 26.60 ? 32   GLN A NE2 1 
ATOM   235  N N   . ASN A 1 33  ? -16.547 1.598   -3.851  1.00 10.16 ? 33   ASN A N   1 
ATOM   236  C CA  . ASN A 1 33  ? -15.123 1.351   -3.675  1.00 10.33 ? 33   ASN A CA  1 
ATOM   237  C C   . ASN A 1 33  ? -14.874 0.414   -2.518  1.00 11.97 ? 33   ASN A C   1 
ATOM   238  O O   . ASN A 1 33  ? -15.398 0.617   -1.420  1.00 13.69 ? 33   ASN A O   1 
ATOM   239  C CB  . ASN A 1 33  ? -14.358 2.650   -3.405  1.00 10.10 ? 33   ASN A CB  1 
ATOM   240  C CG  . ASN A 1 33  ? -14.425 3.617   -4.564  1.00 19.29 ? 33   ASN A CG  1 
ATOM   241  O OD1 . ASN A 1 33  ? -14.324 3.228   -5.726  1.00 22.01 ? 33   ASN A OD1 1 
ATOM   242  N ND2 . ASN A 1 33  ? -14.588 4.893   -4.251  1.00 16.96 ? 33   ASN A ND2 1 
ATOM   243  N N   . LEU A 1 34  ? -14.074 -0.615  -2.777  1.00 9.03  ? 34   LEU A N   1 
ATOM   244  C CA  . LEU A 1 34  ? -13.450 -1.373  -1.708  1.00 10.37 ? 34   LEU A CA  1 
ATOM   245  C C   . LEU A 1 34  ? -12.215 -0.602  -1.286  1.00 11.14 ? 34   LEU A C   1 
ATOM   246  O O   . LEU A 1 34  ? -11.363 -0.293  -2.117  1.00 11.99 ? 34   LEU A O   1 
ATOM   247  C CB  . LEU A 1 34  ? -13.062 -2.755  -2.214  1.00 9.43  ? 34   LEU A CB  1 
ATOM   248  C CG  . LEU A 1 34  ? -12.167 -3.625  -1.341  1.00 13.28 ? 34   LEU A CG  1 
ATOM   249  C CD1 . LEU A 1 34  ? -12.920 -4.109  -0.111  1.00 18.23 ? 34   LEU A CD1 1 
ATOM   250  C CD2 . LEU A 1 34  ? -11.677 -4.798  -2.171  1.00 12.08 ? 34   LEU A CD2 1 
ATOM   251  N N   . VAL A 1 35  ? -12.121 -0.277  -0.001  1.00 10.86 ? 35   VAL A N   1 
ATOM   252  C CA  . VAL A 1 35  ? -11.006 0.523   0.482   1.00 13.10 ? 35   VAL A CA  1 
ATOM   253  C C   . VAL A 1 35  ? -10.007 -0.374  1.190   1.00 12.54 ? 35   VAL A C   1 
ATOM   254  O O   . VAL A 1 35  ? -10.376 -1.166  2.064   1.00 14.76 ? 35   VAL A O   1 
ATOM   255  C CB  . VAL A 1 35  ? -11.470 1.648   1.423   1.00 15.78 ? 35   VAL A CB  1 
ATOM   256  C CG1 . VAL A 1 35  ? -10.264 2.430   1.966   1.00 13.67 ? 35   VAL A CG1 1 
ATOM   257  C CG2 . VAL A 1 35  ? -12.432 2.585   0.688   1.00 14.06 ? 35   VAL A CG2 1 
ATOM   258  N N   . VAL A 1 36  ? -8.747  -0.283  0.771   1.00 9.03  ? 36   VAL A N   1 
ATOM   259  C CA  . VAL A 1 36  ? -7.665  -1.000  1.437   1.00 8.77  ? 36   VAL A CA  1 
ATOM   260  C C   . VAL A 1 36  ? -6.738  0.055   2.024   1.00 10.31 ? 36   VAL A C   1 
ATOM   261  O O   . VAL A 1 36  ? -5.896  0.602   1.317   1.00 8.88  ? 36   VAL A O   1 
ATOM   262  C CB  . VAL A 1 36  ? -6.883  -1.905  0.467   1.00 11.67 ? 36   VAL A CB  1 
ATOM   263  C CG1 . VAL A 1 36  ? -5.947  -2.833  1.251   1.00 13.33 ? 36   VAL A CG1 1 
ATOM   264  C CG2 . VAL A 1 36  ? -7.840  -2.712  -0.395  1.00 11.99 ? 36   VAL A CG2 1 
ATOM   265  N N   . ASP A 1 37  ? -6.906  0.348   3.314   1.00 10.97 ? 37   ASP A N   1 
ATOM   266  C CA  . ASP A 1 37  ? -6.197  1.456   3.945   1.00 11.53 ? 37   ASP A CA  1 
ATOM   267  C C   . ASP A 1 37  ? -4.940  0.914   4.602   1.00 11.22 ? 37   ASP A C   1 
ATOM   268  O O   . ASP A 1 37  ? -4.995  0.357   5.693   1.00 13.64 ? 37   ASP A O   1 
ATOM   269  C CB  . ASP A 1 37  ? -7.088  2.127   4.999   1.00 13.89 ? 37   ASP A CB  1 
ATOM   270  C CG  . ASP A 1 37  ? -6.472  3.393   5.578   1.00 20.13 ? 37   ASP A CG  1 
ATOM   271  O OD1 . ASP A 1 37  ? -5.301  3.708   5.268   1.00 16.47 ? 37   ASP A OD1 1 
ATOM   272  O OD2 . ASP A 1 37  ? -7.167  4.079   6.360   1.00 26.00 ? 37   ASP A OD2 1 
ATOM   273  N N   . LEU A 1 38  ? -3.807  1.070   3.934   1.00 7.81  ? 38   LEU A N   1 
ATOM   274  C CA  . LEU A 1 38  ? -2.565  0.528   4.475   1.00 8.60  ? 38   LEU A CA  1 
ATOM   275  C C   . LEU A 1 38  ? -1.983  1.402   5.578   1.00 9.38  ? 38   LEU A C   1 
ATOM   276  O O   . LEU A 1 38  ? -1.048  0.990   6.246   1.00 8.97  ? 38   LEU A O   1 
ATOM   277  C CB  . LEU A 1 38  ? -1.523  0.303   3.375   1.00 9.02  ? 38   LEU A CB  1 
ATOM   278  C CG  . LEU A 1 38  ? -1.769  -0.876  2.429   1.00 12.79 ? 38   LEU A CG  1 
ATOM   279  C CD1 . LEU A 1 38  ? -2.214  -2.125  3.209   1.00 12.57 ? 38   LEU A CD1 1 
ATOM   280  C CD2 . LEU A 1 38  ? -2.743  -0.543  1.316   1.00 21.11 ? 38   LEU A CD2 1 
ATOM   281  N N   . SER A 1 39  ? -2.530  2.599   5.781   1.00 8.59  ? 39   SER A N   1 
ATOM   282  C CA  . SER A 1 39  ? -2.025  3.489   6.826   1.00 8.66  ? 39   SER A CA  1 
ATOM   283  C C   . SER A 1 39  ? -2.393  2.968   8.211   1.00 9.26  ? 39   SER A C   1 
ATOM   284  O O   . SER A 1 39  ? -1.877  3.454   9.218   1.00 12.44 ? 39   SER A O   1 
ATOM   285  C CB  . SER A 1 39  ? -2.554  4.917   6.647   1.00 11.97 ? 39   SER A CB  1 
ATOM   286  O OG  . SER A 1 39  ? -3.920  5.010   7.009   1.00 13.78 ? 39   SER A OG  1 
ATOM   287  N N   . THR A 1 40  ? -3.284  1.984   8.271   1.00 8.93  ? 40   THR A N   1 
ATOM   288  C CA  . THR A 1 40  ? -3.550  1.327   9.549   1.00 9.70  ? 40   THR A CA  1 
ATOM   289  C C   . THR A 1 40  ? -2.638  0.126   9.752   1.00 10.01 ? 40   THR A C   1 
ATOM   290  O O   . THR A 1 40  ? -2.642  -0.477  10.829  1.00 12.62 ? 40   THR A O   1 
ATOM   291  C CB  . THR A 1 40  ? -5.007  0.837   9.658   1.00 12.65 ? 40   THR A CB  1 
ATOM   292  O OG1 . THR A 1 40  ? -5.289  -0.092  8.602   1.00 12.96 ? 40   THR A OG1 1 
ATOM   293  C CG2 . THR A 1 40  ? -5.979  2.013   9.603   1.00 16.89 ? 40   THR A CG2 1 
ATOM   294  N N   . GLN A 1 41  ? -1.856  -0.218  8.730   1.00 9.67  ? 41   GLN A N   1 
ATOM   295  C CA  . GLN A 1 41  ? -1.109  -1.474  8.710   1.00 9.14  ? 41   GLN A CA  1 
ATOM   296  C C   . GLN A 1 41  ? 0.393   -1.287  8.688   1.00 11.44 ? 41   GLN A C   1 
ATOM   297  O O   . GLN A 1 41  ? 1.127   -2.099  9.245   1.00 12.66 ? 41   GLN A O   1 
ATOM   298  C CB  . GLN A 1 41  ? -1.491  -2.288  7.471   1.00 13.12 ? 41   GLN A CB  1 
ATOM   299  C CG  . GLN A 1 41  ? -2.965  -2.563  7.352   1.00 16.26 ? 41   GLN A CG  1 
ATOM   300  C CD  . GLN A 1 41  ? -3.459  -3.411  8.498   1.00 22.29 ? 41   GLN A CD  1 
ATOM   301  O OE1 . GLN A 1 41  ? -2.902  -4.472  8.776   1.00 21.91 ? 41   GLN A OE1 1 
ATOM   302  N NE2 . GLN A 1 41  ? -4.497  -2.939  9.186   1.00 22.33 ? 41   GLN A NE2 1 
ATOM   303  N N   . ILE A 1 42  ? 0.857   -0.240  8.008   1.00 6.50  ? 42   ILE A N   1 
ATOM   304  C CA  . ILE A 1 42  ? 2.284   -0.060  7.771   1.00 7.28  ? 42   ILE A CA  1 
ATOM   305  C C   . ILE A 1 42  ? 2.760   1.243   8.416   1.00 7.38  ? 42   ILE A C   1 
ATOM   306  O O   . ILE A 1 42  ? 2.184   2.302   8.166   1.00 7.36  ? 42   ILE A O   1 
ATOM   307  C CB  . ILE A 1 42  ? 2.587   -0.017  6.248   1.00 6.42  ? 42   ILE A CB  1 
ATOM   308  C CG1 . ILE A 1 42  ? 2.128   -1.316  5.571   1.00 8.17  ? 42   ILE A CG1 1 
ATOM   309  C CG2 . ILE A 1 42  ? 4.084   0.236   6.007   1.00 7.99  ? 42   ILE A CG2 1 
ATOM   310  C CD1 . ILE A 1 42  ? 2.215   -1.266  4.035   1.00 9.02  ? 42   ILE A CD1 1 
ATOM   311  N N   . PHE A 1 43  ? 3.802   1.155   9.252   1.00 6.62  ? 43   PHE A N   1 
ATOM   312  C CA  . PHE A 1 43  ? 4.297   2.302   10.021  1.00 7.74  ? 43   PHE A CA  1 
ATOM   313  C C   . PHE A 1 43  ? 5.806   2.430   9.843   1.00 10.66 ? 43   PHE A C   1 
ATOM   314  O O   . PHE A 1 43  ? 6.523   1.431   9.863   1.00 12.09 ? 43   PHE A O   1 
ATOM   315  C CB  . PHE A 1 43  ? 3.979   2.131   11.512  1.00 8.81  ? 43   PHE A CB  1 
ATOM   316  C CG  . PHE A 1 43  ? 2.507   1.962   11.805  1.00 9.14  ? 43   PHE A CG  1 
ATOM   317  C CD1 . PHE A 1 43  ? 1.886   0.733   11.609  1.00 10.26 ? 43   PHE A CD1 1 
ATOM   318  C CD2 . PHE A 1 43  ? 1.749   3.028   12.275  1.00 16.09 ? 43   PHE A CD2 1 
ATOM   319  C CE1 . PHE A 1 43  ? 0.529   0.565   11.868  1.00 10.68 ? 43   PHE A CE1 1 
ATOM   320  C CE2 . PHE A 1 43  ? 0.391   2.870   12.540  1.00 14.74 ? 43   PHE A CE2 1 
ATOM   321  C CZ  . PHE A 1 43  ? -0.214  1.634   12.330  1.00 12.54 ? 43   PHE A CZ  1 
ATOM   322  N N   . CYS A 1 44  ? 6.292   3.652   9.671   1.00 6.37  ? 44   CYS A N   1 
ATOM   323  C CA  A CYS A 1 44  ? 7.728   3.849   9.512   0.49 6.83  ? 44   CYS A CA  1 
ATOM   324  C CA  C CYS A 1 44  ? 7.724   3.900   9.471   0.51 6.90  ? 44   CYS A CA  1 
ATOM   325  C C   . CYS A 1 44  ? 8.228   4.962   10.427  1.00 6.42  ? 44   CYS A C   1 
ATOM   326  O O   . CYS A 1 44  ? 7.444   5.721   11.005  1.00 7.69  ? 44   CYS A O   1 
ATOM   327  C CB  A CYS A 1 44  ? 8.071   4.167   8.048   0.49 7.94  ? 44   CYS A CB  1 
ATOM   328  C CB  C CYS A 1 44  ? 8.039   4.410   8.058   0.51 7.88  ? 44   CYS A CB  1 
ATOM   329  S SG  A CYS A 1 44  ? 7.582   2.895   6.830   0.49 6.04  ? 44   CYS A SG  1 
ATOM   330  S SG  C CYS A 1 44  ? 6.793   4.237   6.796   0.51 16.97 ? 44   CYS A SG  1 
ATOM   331  N N   . HIS A 1 45  ? 9.544   5.051   10.566  1.00 6.95  ? 45   HIS A N   1 
ATOM   332  C CA  . HIS A 1 45  ? 10.123  6.103   11.384  1.00 6.38  ? 45   HIS A CA  1 
ATOM   333  C C   . HIS A 1 45  ? 11.539  6.401   10.919  1.00 6.19  ? 45   HIS A C   1 
ATOM   334  O O   . HIS A 1 45  ? 12.188  5.552   10.284  1.00 6.23  ? 45   HIS A O   1 
ATOM   335  C CB  . HIS A 1 45  ? 10.152  5.686   12.863  1.00 7.81  ? 45   HIS A CB  1 
ATOM   336  C CG  . HIS A 1 45  ? 11.172  4.636   13.150  1.00 7.07  ? 45   HIS A CG  1 
ATOM   337  N ND1 . HIS A 1 45  ? 10.941  3.296   12.929  1.00 11.03 ? 45   HIS A ND1 1 
ATOM   338  C CD2 . HIS A 1 45  ? 12.458  4.736   13.564  1.00 9.41  ? 45   HIS A CD2 1 
ATOM   339  C CE1 . HIS A 1 45  ? 12.033  2.611   13.221  1.00 12.78 ? 45   HIS A CE1 1 
ATOM   340  N NE2 . HIS A 1 45  ? 12.967  3.463   13.611  1.00 10.36 ? 45   HIS A NE2 1 
ATOM   341  N N   . ASN A 1 46  ? 12.005  7.593   11.291  1.00 6.08  ? 46   ASN A N   1 
ATOM   342  C CA  . ASN A 1 46  ? 13.354  8.088   11.052  1.00 6.91  ? 46   ASN A CA  1 
ATOM   343  C C   . ASN A 1 46  ? 14.220  7.719   12.264  1.00 8.77  ? 46   ASN A C   1 
ATOM   344  O O   . ASN A 1 46  ? 13.823  7.946   13.404  1.00 7.70  ? 46   ASN A O   1 
ATOM   345  C CB  . ASN A 1 46  ? 13.232  9.615   10.863  1.00 6.10  ? 46   ASN A CB  1 
ATOM   346  C CG  . ASN A 1 46  ? 14.542  10.318  10.556  1.00 6.44  ? 46   ASN A CG  1 
ATOM   347  O OD1 . ASN A 1 46  ? 15.621  9.880   10.951  1.00 7.22  ? 46   ASN A OD1 1 
ATOM   348  N ND2 . ASN A 1 46  ? 14.438  11.464  9.892   1.00 8.46  ? 46   ASN A ND2 1 
ATOM   349  N N   . ASP A 1 47  ? 15.396  7.149   12.030  1.00 5.23  ? 47   ASP A N   1 
ATOM   350  C CA  . ASP A 1 47  ? 16.247  6.725   13.138  1.00 5.92  ? 47   ASP A CA  1 
ATOM   351  C C   . ASP A 1 47  ? 17.170  7.789   13.711  1.00 8.18  ? 47   ASP A C   1 
ATOM   352  O O   . ASP A 1 47  ? 17.793  7.564   14.748  1.00 10.14 ? 47   ASP A O   1 
ATOM   353  C CB  . ASP A 1 47  ? 17.071  5.488   12.765  1.00 8.94  ? 47   ASP A CB  1 
ATOM   354  C CG  . ASP A 1 47  ? 16.256  4.228   12.806  1.00 9.56  ? 47   ASP A CG  1 
ATOM   355  O OD1 . ASP A 1 47  ? 15.758  3.878   13.902  1.00 8.63  ? 47   ASP A OD1 1 
ATOM   356  O OD2 . ASP A 1 47  ? 16.098  3.582   11.754  1.00 8.71  ? 47   ASP A OD2 1 
ATOM   357  N N   . TYR A 1 48  ? 17.279  8.929   13.033  1.00 8.21  ? 48   TYR A N   1 
ATOM   358  C CA  . TYR A 1 48  ? 18.177  9.991   13.477  1.00 6.29  ? 48   TYR A CA  1 
ATOM   359  C C   . TYR A 1 48  ? 17.623  11.351  13.062  1.00 8.77  ? 48   TYR A C   1 
ATOM   360  O O   . TYR A 1 48  ? 18.312  12.123  12.388  1.00 7.14  ? 48   TYR A O   1 
ATOM   361  C CB  . TYR A 1 48  ? 19.567  9.770   12.867  1.00 8.05  ? 48   TYR A CB  1 
ATOM   362  C CG  . TYR A 1 48  ? 20.722  10.526  13.496  1.00 8.28  ? 48   TYR A CG  1 
ATOM   363  C CD1 . TYR A 1 48  ? 20.606  11.163  14.731  1.00 10.21 ? 48   TYR A CD1 1 
ATOM   364  C CD2 . TYR A 1 48  ? 21.937  10.606  12.828  1.00 9.97  ? 48   TYR A CD2 1 
ATOM   365  C CE1 . TYR A 1 48  ? 21.695  11.847  15.286  1.00 10.67 ? 48   TYR A CE1 1 
ATOM   366  C CE2 . TYR A 1 48  ? 23.016  11.276  13.370  1.00 9.90  ? 48   TYR A CE2 1 
ATOM   367  C CZ  . TYR A 1 48  ? 22.892  11.900  14.590  1.00 13.28 ? 48   TYR A CZ  1 
ATOM   368  O OH  . TYR A 1 48  ? 23.989  12.567  15.105  1.00 14.38 ? 48   TYR A OH  1 
ATOM   369  N N   . PRO A 1 49  ? 16.377  11.663  13.465  1.00 6.11  ? 49   PRO A N   1 
ATOM   370  C CA  . PRO A 1 49  ? 15.745  12.897  12.985  1.00 7.59  ? 49   PRO A CA  1 
ATOM   371  C C   . PRO A 1 49  ? 16.403  14.155  13.551  1.00 9.08  ? 49   PRO A C   1 
ATOM   372  O O   . PRO A 1 49  ? 16.142  15.256  13.057  1.00 10.95 ? 49   PRO A O   1 
ATOM   373  C CB  . PRO A 1 49  ? 14.311  12.779  13.507  1.00 7.95  ? 49   PRO A CB  1 
ATOM   374  C CG  . PRO A 1 49  ? 14.439  11.941  14.737  1.00 8.49  ? 49   PRO A CG  1 
ATOM   375  C CD  . PRO A 1 49  ? 15.490  10.923  14.384  1.00 7.97  ? 49   PRO A CD  1 
ATOM   376  N N   . GLU A 1 50  ? 17.225  13.993  14.584  1.00 8.25  ? 50   GLU A N   1 
ATOM   377  C CA  . GLU A 1 50  ? 17.996  15.098  15.125  1.00 11.82 ? 50   GLU A CA  1 
ATOM   378  C C   . GLU A 1 50  ? 18.948  15.697  14.085  1.00 13.41 ? 50   GLU A C   1 
ATOM   379  O O   . GLU A 1 50  ? 19.324  16.866  14.185  1.00 14.28 ? 50   GLU A O   1 
ATOM   380  C CB  . GLU A 1 50  ? 18.788  14.629  16.351  1.00 12.55 ? 50   GLU A CB  1 
ATOM   381  C CG  . GLU A 1 50  ? 17.909  14.221  17.530  1.00 14.04 ? 50   GLU A CG  1 
ATOM   382  C CD  . GLU A 1 50  ? 17.383  12.788  17.460  1.00 14.68 ? 50   GLU A CD  1 
ATOM   383  O OE1 . GLU A 1 50  ? 17.689  12.055  16.493  1.00 11.10 ? 50   GLU A OE1 1 
ATOM   384  O OE2 . GLU A 1 50  ? 16.645  12.391  18.390  1.00 13.85 ? 50   GLU A OE2 1 
ATOM   385  N N   . THR A 1 51  ? 19.328  14.902  13.083  1.00 11.02 ? 51   THR A N   1 
ATOM   386  C CA  . THR A 1 51  ? 20.327  15.322  12.103  1.00 10.89 ? 51   THR A CA  1 
ATOM   387  C C   . THR A 1 51  ? 19.882  15.060  10.661  1.00 11.63 ? 51   THR A C   1 
ATOM   388  O O   . THR A 1 51  ? 20.277  15.777  9.736   1.00 14.83 ? 51   THR A O   1 
ATOM   389  C CB  . THR A 1 51  ? 21.678  14.601  12.388  1.00 16.36 ? 51   THR A CB  1 
ATOM   390  O OG1 . THR A 1 51  ? 22.233  15.107  13.610  1.00 16.10 ? 51   THR A OG1 1 
ATOM   391  C CG2 . THR A 1 51  ? 22.695  14.801  11.265  1.00 20.56 ? 51   THR A CG2 1 
ATOM   392  N N   . ILE A 1 52  ? 19.046  14.044  10.467  1.00 9.11  ? 52   ILE A N   1 
ATOM   393  C CA  . ILE A 1 52  ? 18.705  13.581  9.120   1.00 8.48  ? 52   ILE A CA  1 
ATOM   394  C C   . ILE A 1 52  ? 17.210  13.734  8.866   1.00 7.25  ? 52   ILE A C   1 
ATOM   395  O O   . ILE A 1 52  ? 16.400  13.488  9.755   1.00 9.77  ? 52   ILE A O   1 
ATOM   396  C CB  . ILE A 1 52  ? 19.089  12.083  8.935   1.00 6.87  ? 52   ILE A CB  1 
ATOM   397  C CG1 . ILE A 1 52  ? 20.584  11.881  9.209   1.00 8.12  ? 52   ILE A CG1 1 
ATOM   398  C CG2 . ILE A 1 52  ? 18.678  11.564  7.557   1.00 7.63  ? 52   ILE A CG2 1 
ATOM   399  C CD1 . ILE A 1 52  ? 21.053  10.440  9.021   1.00 10.28 ? 52   ILE A CD1 1 
ATOM   400  N N   . THR A 1 53  ? 16.843  14.158  7.659   1.00 9.14  ? 53   THR A N   1 
ATOM   401  C CA  . THR A 1 53  ? 15.457  14.135  7.234   1.00 6.96  ? 53   THR A CA  1 
ATOM   402  C C   . THR A 1 53  ? 15.308  13.014  6.213   1.00 7.91  ? 53   THR A C   1 
ATOM   403  O O   . THR A 1 53  ? 16.112  12.913  5.281   1.00 8.44  ? 53   THR A O   1 
ATOM   404  C CB  . THR A 1 53  ? 15.055  15.470  6.606   1.00 9.39  ? 53   THR A CB  1 
ATOM   405  O OG1 . THR A 1 53  ? 15.229  16.504  7.591   1.00 13.79 ? 53   THR A OG1 1 
ATOM   406  C CG2 . THR A 1 53  ? 13.608  15.442  6.157   1.00 11.39 ? 53   THR A CG2 1 
ATOM   407  N N   . ASP A 1 54  ? 14.290  12.174  6.400   1.00 7.20  ? 54   ASP A N   1 
ATOM   408  C CA  . ASP A 1 54  ? 13.998  11.087  5.481   1.00 7.17  ? 54   ASP A CA  1 
ATOM   409  C C   . ASP A 1 54  ? 12.861  11.474  4.546   1.00 6.55  ? 54   ASP A C   1 
ATOM   410  O O   . ASP A 1 54  ? 11.955  12.224  4.907   1.00 7.59  ? 54   ASP A O   1 
ATOM   411  C CB  . ASP A 1 54  ? 13.621  9.821   6.265   1.00 7.63  ? 54   ASP A CB  1 
ATOM   412  C CG  . ASP A 1 54  ? 14.803  9.196   6.948   1.00 9.18  ? 54   ASP A CG  1 
ATOM   413  O OD1 . ASP A 1 54  ? 15.904  9.259   6.370   1.00 9.08  ? 54   ASP A OD1 1 
ATOM   414  O OD2 . ASP A 1 54  ? 14.637  8.628   8.059   1.00 8.06  ? 54   ASP A OD2 1 
ATOM   415  N N   . TYR A 1 55  ? 12.919  10.936  3.336   1.00 8.06  ? 55   TYR A N   1 
ATOM   416  C CA  . TYR A 1 55  ? 11.928  11.212  2.304   1.00 8.05  ? 55   TYR A CA  1 
ATOM   417  C C   . TYR A 1 55  ? 11.416  9.879   1.805   1.00 6.87  ? 55   TYR A C   1 
ATOM   418  O O   . TYR A 1 55  ? 12.201  8.961   1.550   1.00 8.12  ? 55   TYR A O   1 
ATOM   419  C CB  . TYR A 1 55  ? 12.570  11.971  1.136   1.00 8.18  ? 55   TYR A CB  1 
ATOM   420  C CG  . TYR A 1 55  ? 13.240  13.252  1.541   1.00 9.13  ? 55   TYR A CG  1 
ATOM   421  C CD1 . TYR A 1 55  ? 12.509  14.303  2.089   1.00 9.56  ? 55   TYR A CD1 1 
ATOM   422  C CD2 . TYR A 1 55  ? 14.605  13.403  1.385   1.00 9.57  ? 55   TYR A CD2 1 
ATOM   423  C CE1 . TYR A 1 55  ? 13.135  15.465  2.479   1.00 11.32 ? 55   TYR A CE1 1 
ATOM   424  C CE2 . TYR A 1 55  ? 15.244  14.568  1.758   1.00 9.81  ? 55   TYR A CE2 1 
ATOM   425  C CZ  . TYR A 1 55  ? 14.497  15.594  2.303   1.00 12.53 ? 55   TYR A CZ  1 
ATOM   426  O OH  . TYR A 1 55  ? 15.120  16.762  2.682   1.00 16.82 ? 55   TYR A OH  1 
ATOM   427  N N   . VAL A 1 56  ? 10.099  9.773   1.669   1.00 6.56  ? 56   VAL A N   1 
ATOM   428  C CA  . VAL A 1 56  ? 9.471   8.488   1.397   1.00 5.61  ? 56   VAL A CA  1 
ATOM   429  C C   . VAL A 1 56  ? 8.416   8.629   0.310   1.00 9.17  ? 56   VAL A C   1 
ATOM   430  O O   . VAL A 1 56  ? 7.475   9.420   0.437   1.00 7.25  ? 56   VAL A O   1 
ATOM   431  C CB  . VAL A 1 56  ? 8.806   7.951   2.678   1.00 7.01  ? 56   VAL A CB  1 
ATOM   432  C CG1 . VAL A 1 56  ? 7.980   6.721   2.372   1.00 11.02 ? 56   VAL A CG1 1 
ATOM   433  C CG2 . VAL A 1 56  ? 9.873   7.640   3.722   1.00 6.83  ? 56   VAL A CG2 1 
ATOM   434  N N   . THR A 1 57  ? 8.564   7.856   -0.760  1.00 8.31  ? 57   THR A N   1 
ATOM   435  C CA  . THR A 1 57  ? 7.573   7.865   -1.831  1.00 7.67  ? 57   THR A CA  1 
ATOM   436  C C   . THR A 1 57  ? 6.904   6.510   -1.970  1.00 8.84  ? 57   THR A C   1 
ATOM   437  O O   . THR A 1 57  ? 7.406   5.501   -1.459  1.00 9.89  ? 57   THR A O   1 
ATOM   438  C CB  . THR A 1 57  ? 8.224   8.179   -3.192  1.00 9.26  ? 57   THR A CB  1 
ATOM   439  O OG1 . THR A 1 57  ? 9.148   7.133   -3.543  1.00 9.00  ? 57   THR A OG1 1 
ATOM   440  C CG2 . THR A 1 57  ? 8.950   9.537   -3.156  1.00 9.00  ? 57   THR A CG2 1 
ATOM   441  N N   . LEU A 1 58  ? 5.766   6.483   -2.662  1.00 7.36  ? 58   LEU A N   1 
ATOM   442  C CA  . LEU A 1 58  ? 5.269   5.246   -3.250  1.00 6.67  ? 58   LEU A CA  1 
ATOM   443  C C   . LEU A 1 58  ? 5.879   5.231   -4.637  1.00 8.77  ? 58   LEU A C   1 
ATOM   444  O O   . LEU A 1 58  ? 5.490   6.031   -5.504  1.00 9.67  ? 58   LEU A O   1 
ATOM   445  C CB  . LEU A 1 58  ? 3.746   5.240   -3.351  1.00 9.64  ? 58   LEU A CB  1 
ATOM   446  C CG  . LEU A 1 58  ? 3.117   4.059   -4.088  1.00 8.74  ? 58   LEU A CG  1 
ATOM   447  C CD1 . LEU A 1 58  ? 3.320   2.742   -3.329  1.00 10.17 ? 58   LEU A CD1 1 
ATOM   448  C CD2 . LEU A 1 58  ? 1.635   4.329   -4.344  1.00 11.84 ? 58   LEU A CD2 1 
ATOM   449  N N   . GLN A 1 59  ? 6.863   4.370   -4.833  1.00 8.01  ? 59   GLN A N   1 
ATOM   450  C CA  . GLN A 1 59  ? 7.582   4.346   -6.101  1.00 8.33  ? 59   GLN A CA  1 
ATOM   451  C C   . GLN A 1 59  ? 6.767   3.652   -7.178  1.00 10.72 ? 59   GLN A C   1 
ATOM   452  O O   . GLN A 1 59  ? 6.720   4.092   -8.332  1.00 10.89 ? 59   GLN A O   1 
ATOM   453  C CB  . GLN A 1 59  ? 8.938   3.667   -5.939  1.00 11.84 ? 59   GLN A CB  1 
ATOM   454  C CG  . GLN A 1 59  ? 9.763   3.741   -7.208  1.00 14.40 ? 59   GLN A CG  1 
ATOM   455  C CD  . GLN A 1 59  ? 11.129  3.140   -7.036  1.00 24.74 ? 59   GLN A CD  1 
ATOM   456  O OE1 . GLN A 1 59  ? 11.348  2.315   -6.147  1.00 24.19 ? 59   GLN A OE1 1 
ATOM   457  N NE2 . GLN A 1 59  ? 12.068  3.561   -7.876  1.00 31.17 ? 59   GLN A NE2 1 
ATOM   458  N N   . ARG A 1 60  ? 6.109   2.569   -6.791  1.00 9.82  ? 60   ARG A N   1 
ATOM   459  C CA  . ARG A 1 60  ? 5.278   1.838   -7.723  1.00 11.01 ? 60   ARG A CA  1 
ATOM   460  C C   . ARG A 1 60  ? 4.284   1.002   -6.960  1.00 8.04  ? 60   ARG A C   1 
ATOM   461  O O   . ARG A 1 60  ? 4.581   0.517   -5.865  1.00 10.60 ? 60   ARG A O   1 
ATOM   462  C CB  . ARG A 1 60  ? 6.143   0.929   -8.584  1.00 16.94 ? 60   ARG A CB  1 
ATOM   463  C CG  . ARG A 1 60  ? 5.353   0.150   -9.623  1.00 20.57 ? 60   ARG A CG  1 
ATOM   464  C CD  . ARG A 1 60  ? 6.282   -0.713  -10.453 1.00 33.59 ? 60   ARG A CD  1 
ATOM   465  N NE  . ARG A 1 60  ? 7.406   0.067   -10.968 1.00 59.19 ? 60   ARG A NE  1 
ATOM   466  C CZ  . ARG A 1 60  ? 8.030   -0.184  -12.115 1.00 51.12 ? 60   ARG A CZ  1 
ATOM   467  N NH1 . ARG A 1 60  ? 7.638   -1.195  -12.882 1.00 32.71 ? 60   ARG A NH1 1 
ATOM   468  N NH2 . ARG A 1 60  ? 9.047   0.583   -12.495 1.00 31.56 ? 60   ARG A NH2 1 
ATOM   469  N N   . GLY A 1 61  ? 3.103   0.839   -7.546  1.00 9.95  ? 61   GLY A N   1 
ATOM   470  C CA  . GLY A 1 61  ? 2.075   -0.008  -6.977  1.00 11.56 ? 61   GLY A CA  1 
ATOM   471  C C   . GLY A 1 61  ? 1.501   -0.872  -8.079  1.00 11.28 ? 61   GLY A C   1 
ATOM   472  O O   . GLY A 1 61  ? 1.074   -0.357  -9.119  1.00 12.94 ? 61   GLY A O   1 
ATOM   473  N N   . SER A 1 62  ? 1.524   -2.184  -7.875  1.00 11.13 ? 62   SER A N   1 
ATOM   474  C CA  . SER A 1 62  ? 1.059   -3.133  -8.881  1.00 12.62 ? 62   SER A CA  1 
ATOM   475  C C   . SER A 1 62  ? -0.075  -3.957  -8.309  1.00 13.07 ? 62   SER A C   1 
ATOM   476  O O   . SER A 1 62  ? -0.121  -4.206  -7.108  1.00 10.95 ? 62   SER A O   1 
ATOM   477  C CB  . SER A 1 62  ? 2.199   -4.057  -9.325  1.00 17.39 ? 62   SER A CB  1 
ATOM   478  O OG  . SER A 1 62  ? 3.250   -3.317  -9.928  1.00 22.67 ? 62   SER A OG  1 
ATOM   479  N N   . ALA A 1 63  ? -0.992  -4.362  -9.179  1.00 12.89 ? 63   ALA A N   1 
ATOM   480  C CA  . ALA A 1 63  ? -2.159  -5.141  -8.787  1.00 10.19 ? 63   ALA A CA  1 
ATOM   481  C C   . ALA A 1 63  ? -2.005  -6.565  -9.281  1.00 9.94  ? 63   ALA A C   1 
ATOM   482  O O   . ALA A 1 63  ? -1.394  -6.811  -10.329 1.00 11.42 ? 63   ALA A O   1 
ATOM   483  C CB  . ALA A 1 63  ? -3.435  -4.498  -9.355  1.00 12.00 ? 63   ALA A CB  1 
ATOM   484  N N   . TYR A 1 64  ? -2.551  -7.516  -8.519  1.00 8.75  ? 64   TYR A N   1 
ATOM   485  C CA  . TYR A 1 64  ? -2.439  -8.925  -8.874  1.00 10.51 ? 64   TYR A CA  1 
ATOM   486  C C   . TYR A 1 64  ? -3.754  -9.649  -8.749  1.00 11.89 ? 64   TYR A C   1 
ATOM   487  O O   . TYR A 1 64  ? -4.683  -9.152  -8.102  1.00 11.36 ? 64   TYR A O   1 
ATOM   488  C CB  . TYR A 1 64  ? -1.370  -9.608  -8.016  1.00 9.24  ? 64   TYR A CB  1 
ATOM   489  C CG  . TYR A 1 64  ? -0.021  -9.052  -8.319  1.00 9.01  ? 64   TYR A CG  1 
ATOM   490  C CD1 . TYR A 1 64  ? 0.743   -9.577  -9.353  1.00 14.52 ? 64   TYR A CD1 1 
ATOM   491  C CD2 . TYR A 1 64  ? 0.472   -7.959  -7.618  1.00 10.13 ? 64   TYR A CD2 1 
ATOM   492  C CE1 . TYR A 1 64  ? 1.973   -9.047  -9.667  1.00 15.03 ? 64   TYR A CE1 1 
ATOM   493  C CE2 . TYR A 1 64  ? 1.692   -7.415  -7.931  1.00 13.35 ? 64   TYR A CE2 1 
ATOM   494  C CZ  . TYR A 1 64  ? 2.444   -7.971  -8.946  1.00 16.50 ? 64   TYR A CZ  1 
ATOM   495  O OH  . TYR A 1 64  ? 3.668   -7.416  -9.230  1.00 23.44 ? 64   TYR A OH  1 
ATOM   496  N N   . GLY A 1 65  ? -3.828  -10.814 -9.384  1.00 11.23 ? 65   GLY A N   1 
ATOM   497  C CA  . GLY A 1 65  ? -4.938  -11.732 -9.189  1.00 14.19 ? 65   GLY A CA  1 
ATOM   498  C C   . GLY A 1 65  ? -6.293  -11.100 -9.430  1.00 12.90 ? 65   GLY A C   1 
ATOM   499  O O   . GLY A 1 65  ? -6.494  -10.420 -10.434 1.00 12.50 ? 65   GLY A O   1 
ATOM   500  N N   . GLY A 1 66  ? -7.214  -11.301 -8.494  1.00 11.36 ? 66   GLY A N   1 
ATOM   501  C CA  . GLY A 1 66  ? -8.564  -10.778 -8.640  1.00 13.65 ? 66   GLY A CA  1 
ATOM   502  C C   . GLY A 1 66  ? -8.661  -9.261  -8.672  1.00 12.90 ? 66   GLY A C   1 
ATOM   503  O O   . GLY A 1 66  ? -9.565  -8.690  -9.296  1.00 12.34 ? 66   GLY A O   1 
ATOM   504  N N   . VAL A 1 67  ? -7.747  -8.586  -7.994  1.00 10.15 ? 67   VAL A N   1 
ATOM   505  C CA  . VAL A 1 67  ? -7.785  -7.129  -7.974  1.00 10.56 ? 67   VAL A CA  1 
ATOM   506  C C   . VAL A 1 67  ? -7.513  -6.553  -9.361  1.00 13.70 ? 67   VAL A C   1 
ATOM   507  O O   . VAL A 1 67  ? -8.238  -5.672  -9.833  1.00 12.67 ? 67   VAL A O   1 
ATOM   508  C CB  . VAL A 1 67  ? -6.837  -6.541  -6.921  1.00 12.06 ? 67   VAL A CB  1 
ATOM   509  C CG1 . VAL A 1 67  ? -6.678  -5.044  -7.133  1.00 14.47 ? 67   VAL A CG1 1 
ATOM   510  C CG2 . VAL A 1 67  ? -7.385  -6.817  -5.540  1.00 14.80 ? 67   VAL A CG2 1 
ATOM   511  N N   . LEU A 1 68  ? -6.488  -7.073  -10.029 1.00 10.96 ? 68   LEU A N   1 
ATOM   512  C CA  . LEU A 1 68  ? -6.140  -6.583  -11.350 1.00 13.80 ? 68   LEU A CA  1 
ATOM   513  C C   . LEU A 1 68  ? -7.238  -6.919  -12.353 1.00 14.42 ? 68   LEU A C   1 
ATOM   514  O O   . LEU A 1 68  ? -7.531  -6.127  -13.248 1.00 15.28 ? 68   LEU A O   1 
ATOM   515  C CB  . LEU A 1 68  ? -4.803  -7.170  -11.804 1.00 11.73 ? 68   LEU A CB  1 
ATOM   516  C CG  . LEU A 1 68  ? -4.301  -6.659  -13.156 1.00 14.55 ? 68   LEU A CG  1 
ATOM   517  C CD1 . LEU A 1 68  ? -4.174  -5.154  -13.150 1.00 19.66 ? 68   LEU A CD1 1 
ATOM   518  C CD2 . LEU A 1 68  ? -2.974  -7.313  -13.494 1.00 15.56 ? 68   LEU A CD2 1 
ATOM   519  N N   . SER A 1 69  ? -7.853  -8.086  -12.196 1.00 11.20 ? 69   SER A N   1 
ATOM   520  C CA  . SER A 1 69  ? -8.855  -8.537  -13.173 1.00 14.08 ? 69   SER A CA  1 
ATOM   521  C C   . SER A 1 69  ? -10.209 -7.873  -13.001 1.00 15.92 ? 69   SER A C   1 
ATOM   522  O O   . SER A 1 69  ? -10.875 -7.551  -13.984 1.00 15.78 ? 69   SER A O   1 
ATOM   523  C CB  . SER A 1 69  ? -9.050  -10.057 -13.108 1.00 11.68 ? 69   SER A CB  1 
ATOM   524  O OG  . SER A 1 69  ? -7.872  -10.730 -13.504 1.00 15.44 ? 69   SER A OG  1 
ATOM   525  N N   . ASN A 1 70  ? -10.623 -7.690  -11.753 1.00 11.50 ? 70   ASN A N   1 
ATOM   526  C CA  . ASN A 1 70  ? -12.016 -7.366  -11.462 1.00 11.37 ? 70   ASN A CA  1 
ATOM   527  C C   . ASN A 1 70  ? -12.303 -5.930  -11.019 1.00 12.62 ? 70   ASN A C   1 
ATOM   528  O O   . ASN A 1 70  ? -13.475 -5.553  -10.847 1.00 11.36 ? 70   ASN A O   1 
ATOM   529  C CB  . ASN A 1 70  ? -12.553 -8.347  -10.420 1.00 12.12 ? 70   ASN A CB  1 
ATOM   530  C CG  . ASN A 1 70  ? -12.558 -9.768  -10.924 1.00 16.80 ? 70   ASN A CG  1 
ATOM   531  O OD1 . ASN A 1 70  ? -12.935 -10.024 -12.069 1.00 19.67 ? 70   ASN A OD1 1 
ATOM   532  N ND2 . ASN A 1 70  ? -12.113 -10.701 -10.088 1.00 12.30 ? 70   ASN A ND2 1 
ATOM   533  N N   . PHE A 1 71  ? -11.258 -5.131  -10.829 1.00 9.97  ? 71   PHE A N   1 
ATOM   534  C CA  . PHE A 1 71  ? -11.430 -3.795  -10.274 1.00 11.46 ? 71   PHE A CA  1 
ATOM   535  C C   . PHE A 1 71  ? -10.705 -2.734  -11.077 1.00 10.64 ? 71   PHE A C   1 
ATOM   536  O O   . PHE A 1 71  ? -9.677  -2.990  -11.709 1.00 13.25 ? 71   PHE A O   1 
ATOM   537  C CB  . PHE A 1 71  ? -10.895 -3.723  -8.839  1.00 9.96  ? 71   PHE A CB  1 
ATOM   538  C CG  . PHE A 1 71  ? -11.623 -4.604  -7.856  1.00 8.62  ? 71   PHE A CG  1 
ATOM   539  C CD1 . PHE A 1 71  ? -11.340 -5.966  -7.785  1.00 8.07  ? 71   PHE A CD1 1 
ATOM   540  C CD2 . PHE A 1 71  ? -12.561 -4.070  -6.985  1.00 9.61  ? 71   PHE A CD2 1 
ATOM   541  C CE1 . PHE A 1 71  ? -11.993 -6.792  -6.878  1.00 9.78  ? 71   PHE A CE1 1 
ATOM   542  C CE2 . PHE A 1 71  ? -13.226 -4.893  -6.073  1.00 9.12  ? 71   PHE A CE2 1 
ATOM   543  C CZ  . PHE A 1 71  ? -12.927 -6.257  -6.018  1.00 10.55 ? 71   PHE A CZ  1 
ATOM   544  N N   . SER A 1 72  ? -11.266 -1.536  -11.065 1.00 11.02 ? 72   SER A N   1 
ATOM   545  C CA  A SER A 1 72  ? -10.512 -0.379  -11.508 0.37 11.46 ? 72   SER A CA  1 
ATOM   546  C CA  B SER A 1 72  ? -10.578 -0.339  -11.512 0.63 11.43 ? 72   SER A CA  1 
ATOM   547  C C   . SER A 1 72  ? -10.082 0.353   -10.251 1.00 10.25 ? 72   SER A C   1 
ATOM   548  O O   . SER A 1 72  ? -10.860 0.551   -9.316  1.00 13.74 ? 72   SER A O   1 
ATOM   549  C CB  A SER A 1 72  ? -11.325 0.511   -12.447 0.37 16.50 ? 72   SER A CB  1 
ATOM   550  C CB  B SER A 1 72  ? -11.565 0.561   -12.251 0.63 16.53 ? 72   SER A CB  1 
ATOM   551  O OG  A SER A 1 72  ? -12.506 0.975   -11.834 0.37 16.03 ? 72   SER A OG  1 
ATOM   552  O OG  B SER A 1 72  ? -10.980 1.788   -12.625 0.63 15.39 ? 72   SER A OG  1 
ATOM   553  N N   . GLY A 1 73  ? -8.814  0.724   -10.200 1.00 11.43 ? 73   GLY A N   1 
ATOM   554  C CA  . GLY A 1 73  ? -8.289  1.256   -8.959  1.00 13.54 ? 73   GLY A CA  1 
ATOM   555  C C   . GLY A 1 73  ? -7.698  2.643   -8.985  1.00 11.08 ? 73   GLY A C   1 
ATOM   556  O O   . GLY A 1 73  ? -7.293  3.161   -10.034 1.00 13.73 ? 73   GLY A O   1 
ATOM   557  N N   . THR A 1 74  ? -7.682  3.260   -7.810  1.00 10.61 ? 74   THR A N   1 
ATOM   558  C CA  A THR A 1 74  ? -6.900  4.464   -7.587  0.82 13.53 ? 74   THR A CA  1 
ATOM   559  C CA  B THR A 1 74  ? -6.906  4.470   -7.584  0.18 13.58 ? 74   THR A CA  1 
ATOM   560  C C   . THR A 1 74  ? -6.132  4.290   -6.288  1.00 14.52 ? 74   THR A C   1 
ATOM   561  O O   . THR A 1 74  ? -6.528  3.513   -5.418  1.00 11.67 ? 74   THR A O   1 
ATOM   562  C CB  A THR A 1 74  ? -7.767  5.735   -7.497  0.82 17.47 ? 74   THR A CB  1 
ATOM   563  C CB  B THR A 1 74  ? -7.791  5.734   -7.501  0.18 17.33 ? 74   THR A CB  1 
ATOM   564  O OG1 A THR A 1 74  ? -8.619  5.667   -6.351  0.82 20.44 ? 74   THR A OG1 1 
ATOM   565  O OG1 B THR A 1 74  ? -7.002  6.850   -7.069  0.18 17.81 ? 74   THR A OG1 1 
ATOM   566  C CG2 A THR A 1 74  ? -8.616  5.900   -8.741  0.82 14.89 ? 74   THR A CG2 1 
ATOM   567  C CG2 B THR A 1 74  ? -8.910  5.530   -6.519  0.18 17.90 ? 74   THR A CG2 1 
ATOM   568  N N   . VAL A 1 75  ? -5.019  4.986   -6.164  1.00 10.71 ? 75   VAL A N   1 
ATOM   569  C CA  . VAL A 1 75  ? -4.300  4.984   -4.898  1.00 9.83  ? 75   VAL A CA  1 
ATOM   570  C C   . VAL A 1 75  ? -4.196  6.414   -4.405  1.00 11.51 ? 75   VAL A C   1 
ATOM   571  O O   . VAL A 1 75  ? -3.922  7.330   -5.180  1.00 12.26 ? 75   VAL A O   1 
ATOM   572  C CB  . VAL A 1 75  ? -2.909  4.316   -5.013  1.00 11.03 ? 75   VAL A CB  1 
ATOM   573  C CG1 . VAL A 1 75  ? -2.092  4.928   -6.136  1.00 10.82 ? 75   VAL A CG1 1 
ATOM   574  C CG2 . VAL A 1 75  ? -2.163  4.384   -3.666  1.00 11.49 ? 75   VAL A CG2 1 
ATOM   575  N N   . LYS A 1 76  ? -4.472  6.613   -3.121  1.00 9.21  ? 76   LYS A N   1 
ATOM   576  C CA  . LYS A 1 76  ? -4.297  7.898   -2.480  1.00 11.90 ? 76   LYS A CA  1 
ATOM   577  C C   . LYS A 1 76  ? -3.032  7.850   -1.631  1.00 10.17 ? 76   LYS A C   1 
ATOM   578  O O   . LYS A 1 76  ? -2.889  6.967   -0.781  1.00 9.67  ? 76   LYS A O   1 
ATOM   579  C CB  . LYS A 1 76  ? -5.512  8.218   -1.612  1.00 17.85 ? 76   LYS A CB  1 
ATOM   580  C CG  . LYS A 1 76  ? -5.600  9.661   -1.173  1.00 20.22 ? 76   LYS A CG  1 
ATOM   581  C CD  . LYS A 1 76  ? -6.990  9.946   -0.627  1.00 23.49 ? 76   LYS A CD  1 
ATOM   582  C CE  . LYS A 1 76  ? -7.075  11.333  -0.027  1.00 32.75 ? 76   LYS A CE  1 
ATOM   583  N NZ  . LYS A 1 76  ? -8.331  11.499  0.762   1.00 29.19 ? 76   LYS A NZ  1 
ATOM   584  N N   . TYR A 1 77  ? -2.114  8.779   -1.880  1.00 10.49 ? 77   TYR A N   1 
ATOM   585  C CA  . TYR A 1 77  ? -0.875  8.866   -1.123  1.00 8.15  ? 77   TYR A CA  1 
ATOM   586  C C   . TYR A 1 77  ? -0.697  10.254  -0.542  1.00 14.06 ? 77   TYR A C   1 
ATOM   587  O O   . TYR A 1 77  ? -0.440  11.207  -1.272  1.00 13.00 ? 77   TYR A O   1 
ATOM   588  C CB  . TYR A 1 77  ? 0.335   8.537   -2.007  1.00 10.02 ? 77   TYR A CB  1 
ATOM   589  C CG  . TYR A 1 77  ? 1.622   8.423   -1.225  1.00 10.62 ? 77   TYR A CG  1 
ATOM   590  C CD1 . TYR A 1 77  ? 1.762   7.454   -0.241  1.00 14.21 ? 77   TYR A CD1 1 
ATOM   591  C CD2 . TYR A 1 77  ? 2.692   9.277   -1.456  1.00 8.86  ? 77   TYR A CD2 1 
ATOM   592  C CE1 . TYR A 1 77  ? 2.928   7.329   0.484   1.00 12.56 ? 77   TYR A CE1 1 
ATOM   593  C CE2 . TYR A 1 77  ? 3.868   9.154   -0.748  1.00 9.66  ? 77   TYR A CE2 1 
ATOM   594  C CZ  . TYR A 1 77  ? 3.984   8.172   0.220   1.00 11.19 ? 77   TYR A CZ  1 
ATOM   595  O OH  . TYR A 1 77  ? 5.135   8.034   0.936   1.00 10.50 ? 77   TYR A OH  1 
ATOM   596  N N   . SER A 1 78  ? -0.811  10.355  0.776   1.00 9.92  ? 78   SER A N   1 
ATOM   597  C CA  . SER A 1 78  ? -0.625  11.622  1.487   1.00 11.28 ? 78   SER A CA  1 
ATOM   598  C C   . SER A 1 78  ? -1.414  12.755  0.844   1.00 15.83 ? 78   SER A C   1 
ATOM   599  O O   . SER A 1 78  ? -0.857  13.813  0.509   1.00 15.59 ? 78   SER A O   1 
ATOM   600  C CB  . SER A 1 78  ? 0.855   11.995  1.579   1.00 12.53 ? 78   SER A CB  1 
ATOM   601  O OG  . SER A 1 78  ? 1.053   12.986  2.582   1.00 15.50 ? 78   SER A OG  1 
ATOM   602  N N   . GLY A 1 79  ? -2.702  12.513  0.646   1.00 14.94 ? 79   GLY A N   1 
ATOM   603  C CA  . GLY A 1 79  ? -3.592  13.541  0.141   1.00 23.68 ? 79   GLY A CA  1 
ATOM   604  C C   . GLY A 1 79  ? -3.749  13.567  -1.364  1.00 29.96 ? 79   GLY A C   1 
ATOM   605  O O   . GLY A 1 79  ? -4.655  14.216  -1.882  1.00 35.32 ? 79   GLY A O   1 
ATOM   606  N N   . SER A 1 80  ? -3.216  12.877  -2.194  1.00 28.29 ? 80   SER A N   1 
ATOM   607  C CA  A SER A 1 80  ? -3.291  12.856  -3.653  0.50 34.37 ? 80   SER A CA  1 
ATOM   608  C CA  B SER A 1 80  ? -3.270  12.917  -3.729  0.50 34.37 ? 80   SER A CA  1 
ATOM   609  C C   . SER A 1 80  ? -3.524  11.486  -4.269  1.00 33.17 ? 80   SER A C   1 
ATOM   610  O O   . SER A 1 80  ? -3.004  10.480  -3.796  1.00 22.64 ? 80   SER A O   1 
ATOM   611  C CB  A SER A 1 80  ? -2.082  13.542  -4.247  0.50 37.11 ? 80   SER A CB  1 
ATOM   612  C CB  B SER A 1 80  ? -2.061  13.603  -4.324  0.50 37.11 ? 80   SER A CB  1 
ATOM   613  O OG  A SER A 1 80  ? -2.137  14.905  -3.877  0.50 44.93 ? 80   SER A OG  1 
ATOM   614  O OG  B SER A 1 80  ? -0.924  12.829  -3.998  0.50 44.93 ? 80   SER A OG  1 
ATOM   615  N N   . SER A 1 81  ? -4.111  11.673  -5.276  1.00 24.39 ? 81   SER A N   1 
ATOM   616  C CA  A SER A 1 81  ? -4.714  10.498  -5.896  0.49 24.42 ? 81   SER A CA  1 
ATOM   617  C CA  B SER A 1 81  ? -4.688  10.486  -5.885  0.51 24.44 ? 81   SER A CA  1 
ATOM   618  C C   . SER A 1 81  ? -4.107  10.203  -7.264  1.00 22.85 ? 81   SER A C   1 
ATOM   619  O O   . SER A 1 81  ? -3.850  11.121  -8.046  1.00 23.75 ? 81   SER A O   1 
ATOM   620  C CB  A SER A 1 81  ? -6.223  10.700  -6.030  0.49 28.20 ? 81   SER A CB  1 
ATOM   621  C CB  B SER A 1 81  ? -6.203  10.628  -5.947  0.51 28.17 ? 81   SER A CB  1 
ATOM   622  O OG  A SER A 1 81  ? -6.897  9.472   -6.240  0.49 25.52 ? 81   SER A OG  1 
ATOM   623  O OG  B SER A 1 81  ? -6.707  10.991  -4.672  0.51 30.42 ? 81   SER A OG  1 
ATOM   624  N N   . TYR A 1 82  ? -3.891  8.921   -7.544  1.00 14.56 ? 82   TYR A N   1 
ATOM   625  C CA  . TYR A 1 82  ? -3.267  8.475   -8.783  1.00 15.81 ? 82   TYR A CA  1 
ATOM   626  C C   . TYR A 1 82  ? -3.918  7.187   -9.258  1.00 14.51 ? 82   TYR A C   1 
ATOM   627  O O   . TYR A 1 82  ? -4.545  6.483   -8.465  1.00 14.08 ? 82   TYR A O   1 
ATOM   628  C CB  . TYR A 1 82  ? -1.781  8.218   -8.544  1.00 17.29 ? 82   TYR A CB  1 
ATOM   629  C CG  . TYR A 1 82  ? -1.096  9.351   -7.823  1.00 19.96 ? 82   TYR A CG  1 
ATOM   630  C CD1 . TYR A 1 82  ? -0.564  10.426  -8.525  1.00 34.59 ? 82   TYR A CD1 1 
ATOM   631  C CD2 . TYR A 1 82  ? -1.018  9.363   -6.436  1.00 22.46 ? 82   TYR A CD2 1 
ATOM   632  C CE1 . TYR A 1 82  ? 0.047   11.467  -7.864  1.00 31.88 ? 82   TYR A CE1 1 
ATOM   633  C CE2 . TYR A 1 82  ? -0.417  10.402  -5.769  1.00 28.14 ? 82   TYR A CE2 1 
ATOM   634  C CZ  . TYR A 1 82  ? 0.115   11.448  -6.488  1.00 33.28 ? 82   TYR A CZ  1 
ATOM   635  O OH  . TYR A 1 82  ? 0.712   12.480  -5.812  1.00 32.09 ? 82   TYR A OH  1 
ATOM   636  N N   . PRO A 1 83  ? -3.767  6.866   -10.552 1.00 12.88 ? 83   PRO A N   1 
ATOM   637  C CA  . PRO A 1 83  ? -4.230  5.559   -11.031 1.00 14.51 ? 83   PRO A CA  1 
ATOM   638  C C   . PRO A 1 83  ? -3.531  4.439   -10.276 1.00 13.07 ? 83   PRO A C   1 
ATOM   639  O O   . PRO A 1 83  ? -2.381  4.601   -9.858  1.00 14.63 ? 83   PRO A O   1 
ATOM   640  C CB  . PRO A 1 83  ? -3.796  5.544   -12.503 1.00 18.90 ? 83   PRO A CB  1 
ATOM   641  C CG  . PRO A 1 83  ? -3.667  6.982   -12.881 1.00 25.58 ? 83   PRO A CG  1 
ATOM   642  C CD  . PRO A 1 83  ? -3.228  7.703   -11.642 1.00 17.05 ? 83   PRO A CD  1 
ATOM   643  N N   . PHE A 1 84  ? -4.233  3.330   -10.078 1.00 10.45 ? 84   PHE A N   1 
ATOM   644  C CA  . PHE A 1 84  ? -3.629  2.124   -9.532  1.00 11.11 ? 84   PHE A CA  1 
ATOM   645  C C   . PHE A 1 84  ? -4.073  0.970   -10.414 1.00 13.57 ? 84   PHE A C   1 
ATOM   646  O O   . PHE A 1 84  ? -5.275  0.770   -10.585 1.00 14.75 ? 84   PHE A O   1 
ATOM   647  C CB  . PHE A 1 84  ? -4.074  1.872   -8.095  1.00 12.15 ? 84   PHE A CB  1 
ATOM   648  C CG  . PHE A 1 84  ? -3.519  0.602   -7.519  1.00 11.82 ? 84   PHE A CG  1 
ATOM   649  C CD1 . PHE A 1 84  ? -2.189  0.530   -7.114  1.00 13.84 ? 84   PHE A CD1 1 
ATOM   650  C CD2 . PHE A 1 84  ? -4.325  -0.532  -7.399  1.00 14.86 ? 84   PHE A CD2 1 
ATOM   651  C CE1 . PHE A 1 84  ? -1.671  -0.651  -6.587  1.00 13.94 ? 84   PHE A CE1 1 
ATOM   652  C CE2 . PHE A 1 84  ? -3.820  -1.709  -6.872  1.00 14.06 ? 84   PHE A CE2 1 
ATOM   653  C CZ  . PHE A 1 84  ? -2.489  -1.768  -6.469  1.00 15.50 ? 84   PHE A CZ  1 
ATOM   654  N N   . PRO A 1 85  ? -3.122  0.205   -10.982 1.00 12.67 ? 85   PRO A N   1 
ATOM   655  C CA  . PRO A 1 85  ? -1.653  0.243   -10.869 1.00 13.02 ? 85   PRO A CA  1 
ATOM   656  C C   . PRO A 1 85  ? -1.036  1.585   -11.274 1.00 12.05 ? 85   PRO A C   1 
ATOM   657  O O   . PRO A 1 85  ? -1.579  2.286   -12.124 1.00 14.09 ? 85   PRO A O   1 
ATOM   658  C CB  . PRO A 1 85  ? -1.200  -0.844  -11.847 1.00 18.42 ? 85   PRO A CB  1 
ATOM   659  C CG  . PRO A 1 85  ? -2.369  -1.760  -11.962 1.00 17.49 ? 85   PRO A CG  1 
ATOM   660  C CD  . PRO A 1 85  ? -3.572  -0.886  -11.864 1.00 17.02 ? 85   PRO A CD  1 
ATOM   661  N N   . THR A 1 86  ? 0.081   1.940   -10.648 1.00 12.92 ? 86   THR A N   1 
ATOM   662  C CA  . THR A 1 86  ? 0.649   3.277   -10.804 1.00 12.40 ? 86   THR A CA  1 
ATOM   663  C C   . THR A 1 86  ? 1.357   3.500   -12.131 1.00 19.93 ? 86   THR A C   1 
ATOM   664  O O   . THR A 1 86  ? 1.786   2.551   -12.791 1.00 21.82 ? 86   THR A O   1 
ATOM   665  C CB  . THR A 1 86  ? 1.625   3.594   -9.672  1.00 15.71 ? 86   THR A CB  1 
ATOM   666  O OG1 . THR A 1 86  ? 2.694   2.639   -9.694  1.00 15.71 ? 86   THR A OG1 1 
ATOM   667  C CG2 . THR A 1 86  ? 0.908   3.532   -8.328  1.00 14.93 ? 86   THR A CG2 1 
ATOM   668  N N   . THR A 1 87  ? 1.475   4.772   -12.509 1.00 21.30 ? 87   THR A N   1 
ATOM   669  C CA  . THR A 1 87  ? 2.102   5.164   -13.771 1.00 22.09 ? 87   THR A CA  1 
ATOM   670  C C   . THR A 1 87  ? 3.275   6.123   -13.535 1.00 29.82 ? 87   THR A C   1 
ATOM   671  O O   . THR A 1 87  ? 3.887   6.610   -14.489 0.46 22.46 ? 87   THR A O   1 
ATOM   672  C CB  . THR A 1 87  ? 1.087   5.850   -14.718 1.00 26.13 ? 87   THR A CB  1 
ATOM   673  O OG1 . THR A 1 87  ? 0.538   7.010   -14.081 1.00 30.25 ? 87   THR A OG1 1 
ATOM   674  C CG2 . THR A 1 87  ? -0.053  4.898   -15.077 1.00 24.41 ? 87   THR A CG2 1 
ATOM   675  N N   . SER A 1 88  ? 3.580   6.386   -12.264 1.00 19.38 ? 88   SER A N   1 
ATOM   676  C CA  . SER A 1 88  ? 4.662   7.292   -11.885 1.00 17.76 ? 88   SER A CA  1 
ATOM   677  C C   . SER A 1 88  ? 4.914   7.208   -10.378 1.00 12.85 ? 88   SER A C   1 
ATOM   678  O O   . SER A 1 88  ? 4.042   6.802   -9.621  1.00 18.87 ? 88   SER A O   1 
ATOM   679  C CB  . SER A 1 88  ? 4.306   8.733   -12.255 1.00 21.34 ? 88   SER A CB  1 
ATOM   680  O OG  . SER A 1 88  ? 3.189   9.187   -11.509 0.51 23.88 ? 88   SER A OG  1 
ATOM   681  N N   . GLU A 1 89  ? 6.105   7.606   -9.948  1.00 13.28 ? 89   GLU A N   1 
ATOM   682  C CA  . GLU A 1 89  ? 6.421   7.719   -8.525  1.00 11.11 ? 89   GLU A CA  1 
ATOM   683  C C   . GLU A 1 89  ? 5.723   8.963   -7.940  1.00 14.13 ? 89   GLU A C   1 
ATOM   684  O O   . GLU A 1 89  ? 5.586   9.991   -8.612  1.00 13.44 ? 89   GLU A O   1 
ATOM   685  C CB  . GLU A 1 89  ? 7.940   7.807   -8.345  1.00 11.74 ? 89   GLU A CB  1 
ATOM   686  C CG  . GLU A 1 89  ? 8.430   8.031   -6.911  1.00 11.03 ? 89   GLU A CG  1 
ATOM   687  C CD  . GLU A 1 89  ? 9.935   8.005   -6.818  1.00 22.58 ? 89   GLU A CD  1 
ATOM   688  O OE1 . GLU A 1 89  ? 10.606  8.293   -7.835  1.00 26.64 ? 89   GLU A OE1 1 
ATOM   689  O OE2 . GLU A 1 89  ? 10.450  7.709   -5.726  1.00 14.95 ? 89   GLU A OE2 1 
ATOM   690  N N   . THR A 1 90  ? 5.281   8.860   -6.692  1.00 11.22 ? 90   THR A N   1 
ATOM   691  C CA  . THR A 1 90  ? 4.592   9.954   -6.020  1.00 9.42  ? 90   THR A CA  1 
ATOM   692  C C   . THR A 1 90  ? 5.569   11.013  -5.517  1.00 10.04 ? 90   THR A C   1 
ATOM   693  O O   . THR A 1 90  ? 6.780   10.800  -5.527  1.00 10.82 ? 90   THR A O   1 
ATOM   694  C CB  . THR A 1 90  ? 3.822   9.435   -4.788  1.00 10.86 ? 90   THR A CB  1 
ATOM   695  O OG1 . THR A 1 90  ? 4.761   8.944   -3.824  1.00 10.48 ? 90   THR A OG1 1 
ATOM   696  C CG2 . THR A 1 90  ? 2.850   8.341   -5.176  1.00 10.54 ? 90   THR A CG2 1 
ATOM   697  N N   . PRO A 1 91  ? 5.041   12.163  -5.064  1.00 11.19 ? 91   PRO A N   1 
ATOM   698  C CA  . PRO A 1 91  ? 5.867   13.106  -4.300  1.00 11.69 ? 91   PRO A CA  1 
ATOM   699  C C   . PRO A 1 91  ? 6.389   12.457  -3.022  1.00 12.54 ? 91   PRO A C   1 
ATOM   700  O O   . PRO A 1 91  ? 5.845   11.437  -2.589  1.00 12.27 ? 91   PRO A O   1 
ATOM   701  C CB  . PRO A 1 91  ? 4.872   14.199  -3.907  1.00 16.36 ? 91   PRO A CB  1 
ATOM   702  C CG  . PRO A 1 91  ? 3.808   14.140  -4.934  1.00 21.01 ? 91   PRO A CG  1 
ATOM   703  C CD  . PRO A 1 91  ? 3.709   12.719  -5.377  1.00 14.24 ? 91   PRO A CD  1 
ATOM   704  N N   . ARG A 1 92  ? 7.419   13.046  -2.428  1.00 12.90 ? 92   ARG A N   1 
ATOM   705  C CA  . ARG A 1 92  ? 7.981   12.545  -1.178  1.00 12.86 ? 92   ARG A CA  1 
ATOM   706  C C   . ARG A 1 92  ? 7.167   13.010  0.021   1.00 12.13 ? 92   ARG A C   1 
ATOM   707  O O   . ARG A 1 92  ? 6.725   14.162  0.079   1.00 14.26 ? 92   ARG A O   1 
ATOM   708  C CB  . ARG A 1 92  ? 9.393   13.084  -0.989  1.00 14.13 ? 92   ARG A CB  1 
ATOM   709  C CG  . ARG A 1 92  ? 10.390  12.703  -2.040  1.00 20.60 ? 92   ARG A CG  1 
ATOM   710  C CD  . ARG A 1 92  ? 11.633  13.520  -1.812  1.00 24.23 ? 92   ARG A CD  1 
ATOM   711  N NE  . ARG A 1 92  ? 12.397  13.731  -3.026  1.00 44.81 ? 92   ARG A NE  1 
ATOM   712  C CZ  . ARG A 1 92  ? 13.480  14.493  -3.078  1.00 51.19 ? 92   ARG A CZ  1 
ATOM   713  N NH1 . ARG A 1 92  ? 13.908  15.100  -1.977  1.00 36.47 ? 92   ARG A NH1 1 
ATOM   714  N NH2 . ARG A 1 92  ? 14.136  14.644  -4.219  1.00 50.73 ? 92   ARG A NH2 1 
ATOM   715  N N   . VAL A 1 93  ? 7.002   12.113  0.994   1.00 8.23  ? 93   VAL A N   1 
ATOM   716  C CA  . VAL A 1 93  ? 6.514   12.483  2.320   1.00 7.61  ? 93   VAL A CA  1 
ATOM   717  C C   . VAL A 1 93  ? 7.726   12.593  3.237   1.00 7.33  ? 93   VAL A C   1 
ATOM   718  O O   . VAL A 1 93  ? 8.602   11.712  3.260   1.00 8.56  ? 93   VAL A O   1 
ATOM   719  C CB  . VAL A 1 93  ? 5.571   11.406  2.862   1.00 8.16  ? 93   VAL A CB  1 
ATOM   720  C CG1 . VAL A 1 93  ? 5.204   11.691  4.305   1.00 8.60  ? 93   VAL A CG1 1 
ATOM   721  C CG2 . VAL A 1 93  ? 4.311   11.324  1.993   1.00 9.30  ? 93   VAL A CG2 1 
ATOM   722  N N   . VAL A 1 94  ? 7.795   13.686  3.987   1.00 7.51  ? 94   VAL A N   1 
ATOM   723  C CA  . VAL A 1 94  ? 8.889   13.878  4.936   1.00 8.56  ? 94   VAL A CA  1 
ATOM   724  C C   . VAL A 1 94  ? 8.664   13.042  6.196   1.00 7.37  ? 94   VAL A C   1 
ATOM   725  O O   . VAL A 1 94  ? 7.604   13.106  6.815   1.00 8.87  ? 94   VAL A O   1 
ATOM   726  C CB  . VAL A 1 94  ? 9.025   15.368  5.324   1.00 8.06  ? 94   VAL A CB  1 
ATOM   727  C CG1 . VAL A 1 94  ? 9.997   15.552  6.479   1.00 13.01 ? 94   VAL A CG1 1 
ATOM   728  C CG2 . VAL A 1 94  ? 9.457   16.192  4.105   1.00 10.96 ? 94   VAL A CG2 1 
ATOM   729  N N   . TYR A 1 95  ? 9.663   12.237  6.552   1.00 6.40  ? 95   TYR A N   1 
ATOM   730  C CA  . TYR A 1 95  ? 9.692   11.584  7.855   1.00 6.57  ? 95   TYR A CA  1 
ATOM   731  C C   . TYR A 1 95  ? 10.761  12.268  8.708   1.00 7.01  ? 95   TYR A C   1 
ATOM   732  O O   . TYR A 1 95  ? 11.963  12.169  8.427   1.00 7.37  ? 95   TYR A O   1 
ATOM   733  C CB  . TYR A 1 95  ? 9.932   10.069  7.696   1.00 7.90  ? 95   TYR A CB  1 
ATOM   734  C CG  . TYR A 1 95  ? 8.664   9.302   7.344   1.00 6.64  ? 95   TYR A CG  1 
ATOM   735  C CD1 . TYR A 1 95  ? 8.034   9.482   6.114   1.00 7.74  ? 95   TYR A CD1 1 
ATOM   736  C CD2 . TYR A 1 95  ? 8.091   8.416   8.246   1.00 8.13  ? 95   TYR A CD2 1 
ATOM   737  C CE1 . TYR A 1 95  ? 6.869   8.798   5.791   1.00 9.01  ? 95   TYR A CE1 1 
ATOM   738  C CE2 . TYR A 1 95  ? 6.925   7.730   7.931   1.00 8.08  ? 95   TYR A CE2 1 
ATOM   739  C CZ  . TYR A 1 95  ? 6.330   7.926   6.704   1.00 11.48 ? 95   TYR A CZ  1 
ATOM   740  O OH  . TYR A 1 95  ? 5.168   7.266   6.368   1.00 18.28 ? 95   TYR A OH  1 
ATOM   741  N N   . ASN A 1 96  ? 10.304  13.005  9.722   1.00 8.72  ? 96   ASN A N   1 
ATOM   742  C CA  . ASN A 1 96  ? 11.184  13.828  10.550  1.00 8.93  ? 96   ASN A CA  1 
ATOM   743  C C   . ASN A 1 96  ? 11.088  13.493  12.024  1.00 8.11  ? 96   ASN A C   1 
ATOM   744  O O   . ASN A 1 96  ? 11.451  14.302  12.887  1.00 9.04  ? 96   ASN A O   1 
ATOM   745  C CB  . ASN A 1 96  ? 10.854  15.306  10.353  1.00 10.21 ? 96   ASN A CB  1 
ATOM   746  C CG  . ASN A 1 96  ? 9.406   15.630  10.672  1.00 12.98 ? 96   ASN A CG  1 
ATOM   747  O OD1 . ASN A 1 96  ? 8.642   14.773  11.121  1.00 11.55 ? 96   ASN A OD1 1 
ATOM   748  N ND2 . ASN A 1 96  ? 9.021   16.885  10.454  1.00 17.33 ? 96   ASN A ND2 1 
ATOM   749  N N   . SER A 1 97  ? 10.625  12.278  12.314  1.00 9.29  ? 97   SER A N   1 
ATOM   750  C CA  . SER A 1 97  ? 10.492  11.850  13.701  1.00 9.39  ? 97   SER A CA  1 
ATOM   751  C C   . SER A 1 97  ? 10.804  10.373  13.863  1.00 9.46  ? 97   SER A C   1 
ATOM   752  O O   . SER A 1 97  ? 10.606  9.578   12.942  1.00 8.43  ? 97   SER A O   1 
ATOM   753  C CB  . SER A 1 97  ? 9.074   12.116  14.200  1.00 15.02 ? 97   SER A CB  1 
ATOM   754  O OG  . SER A 1 97  ? 8.945   11.718  15.553  1.00 14.05 ? 97   SER A OG  1 
ATOM   755  N N   . ARG A 1 98  ? 11.255  10.010  15.060  1.00 10.08 ? 98   ARG A N   1 
ATOM   756  C CA  . ARG A 1 98  ? 11.510  8.617   15.409  1.00 8.82  ? 98   ARG A CA  1 
ATOM   757  C C   . ARG A 1 98  ? 10.236  7.930   15.895  1.00 9.67  ? 98   ARG A C   1 
ATOM   758  O O   . ARG A 1 98  ? 10.165  6.701   16.030  1.00 9.48  ? 98   ARG A O   1 
ATOM   759  C CB  . ARG A 1 98  ? 12.609  8.546   16.466  1.00 10.92 ? 98   ARG A CB  1 
ATOM   760  C CG  . ARG A 1 98  ? 13.056  7.126   16.776  1.00 8.43  ? 98   ARG A CG  1 
ATOM   761  C CD  . ARG A 1 98  ? 14.181  7.106   17.795  1.00 11.89 ? 98   ARG A CD  1 
ATOM   762  N NE  . ARG A 1 98  ? 15.447  7.614   17.260  1.00 10.43 ? 98   ARG A NE  1 
ATOM   763  C CZ  . ARG A 1 98  ? 15.909  8.854   17.445  1.00 10.46 ? 98   ARG A CZ  1 
ATOM   764  N NH1 . ARG A 1 98  ? 15.209  9.758   18.124  1.00 13.07 ? 98   ARG A NH1 1 
ATOM   765  N NH2 . ARG A 1 98  ? 17.089  9.192   16.934  1.00 10.89 ? 98   ARG A NH2 1 
ATOM   766  N N   . THR A 1 99  ? 9.209   8.729   16.141  1.00 10.16 ? 99   THR A N   1 
ATOM   767  C CA  . THR A 1 99  ? 7.936   8.171   16.553  1.00 10.04 ? 99   THR A CA  1 
ATOM   768  C C   . THR A 1 99  ? 7.244   7.584   15.329  1.00 9.22  ? 99   THR A C   1 
ATOM   769  O O   . THR A 1 99  ? 7.157   8.268   14.298  1.00 13.05 ? 99   THR A O   1 
ATOM   770  C CB  . THR A 1 99  ? 7.083   9.258   17.209  1.00 8.73  ? 99   THR A CB  1 
ATOM   771  O OG1 . THR A 1 99  ? 7.771   9.760   18.369  1.00 12.61 ? 99   THR A OG1 1 
ATOM   772  C CG2 . THR A 1 99  ? 5.716   8.699   17.600  1.00 12.40 ? 99   THR A CG2 1 
ATOM   773  N N   . ASP A 1 100 ? 6.783   6.333   15.431  1.00 9.05  ? 100  ASP A N   1 
ATOM   774  C CA  . ASP A 1 100 ? 6.117   5.631   14.321  1.00 12.30 ? 100  ASP A CA  1 
ATOM   775  C C   . ASP A 1 100 ? 5.039   6.487   13.662  1.00 10.98 ? 100  ASP A C   1 
ATOM   776  O O   . ASP A 1 100 ? 4.145   6.998   14.338  1.00 12.47 ? 100  ASP A O   1 
ATOM   777  C CB  . ASP A 1 100 ? 5.453   4.330   14.799  1.00 11.70 ? 100  ASP A CB  1 
ATOM   778  C CG  . ASP A 1 100 ? 6.423   3.358   15.424  1.00 25.69 ? 100  ASP A CG  1 
ATOM   779  O OD1 . ASP A 1 100 ? 7.411   3.003   14.766  1.00 17.43 ? 100  ASP A OD1 1 
ATOM   780  O OD2 . ASP A 1 100 ? 6.182   2.942   16.577  1.00 27.94 ? 100  ASP A OD2 1 
ATOM   781  N N   . LYS A 1 101 ? 5.111   6.627   12.342  1.00 9.34  ? 101  LYS A N   1 
ATOM   782  C CA  . LYS A 1 101 ? 4.101   7.362   11.598  1.00 9.90  ? 101  LYS A CA  1 
ATOM   783  C C   . LYS A 1 101 ? 3.558   6.451   10.504  1.00 7.52  ? 101  LYS A C   1 
ATOM   784  O O   . LYS A 1 101 ? 4.335   5.836   9.775   1.00 9.13  ? 101  LYS A O   1 
ATOM   785  C CB  . LYS A 1 101 ? 4.711   8.630   10.978  1.00 12.57 ? 101  LYS A CB  1 
ATOM   786  C CG  . LYS A 1 101 ? 3.769   9.369   10.051  1.00 14.62 ? 101  LYS A CG  1 
ATOM   787  C CD  . LYS A 1 101 ? 4.223   10.806  9.815   1.00 17.93 ? 101  LYS A CD  1 
ATOM   788  C CE  . LYS A 1 101 ? 5.151   10.924  8.626   1.00 16.26 ? 101  LYS A CE  1 
ATOM   789  N NZ  . LYS A 1 101 ? 5.384   12.378  8.335   1.00 12.45 ? 101  LYS A NZ  1 
ATOM   790  N N   . PRO A 1 102 ? 2.223   6.375   10.366  1.00 7.19  ? 102  PRO A N   1 
ATOM   791  C CA  . PRO A 1 102 ? 1.611   5.563   9.312   1.00 7.32  ? 102  PRO A CA  1 
ATOM   792  C C   . PRO A 1 102 ? 2.145   5.932   7.931   1.00 9.48  ? 102  PRO A C   1 
ATOM   793  O O   . PRO A 1 102 ? 2.395   7.113   7.671   1.00 11.64 ? 102  PRO A O   1 
ATOM   794  C CB  . PRO A 1 102 ? 0.131   5.942   9.414   1.00 9.59  ? 102  PRO A CB  1 
ATOM   795  C CG  . PRO A 1 102 ? -0.058  6.261   10.870  1.00 12.46 ? 102  PRO A CG  1 
ATOM   796  C CD  . PRO A 1 102 ? 1.210   6.984   11.255  1.00 8.97  ? 102  PRO A CD  1 
ATOM   797  N N   . TRP A 1 103 ? 2.357   4.938   7.076   1.00 6.52  ? 103  TRP A N   1 
ATOM   798  C CA  . TRP A 1 103 ? 2.639   5.183   5.667   1.00 9.18  ? 103  TRP A CA  1 
ATOM   799  C C   . TRP A 1 103 ? 1.292   5.491   5.016   1.00 9.05  ? 103  TRP A C   1 
ATOM   800  O O   . TRP A 1 103 ? 0.395   4.637   4.998   1.00 7.70  ? 103  TRP A O   1 
ATOM   801  C CB  . TRP A 1 103 ? 3.301   3.948   5.060   1.00 6.91  ? 103  TRP A CB  1 
ATOM   802  C CG  . TRP A 1 103 ? 3.870   4.168   3.701   1.00 6.28  ? 103  TRP A CG  1 
ATOM   803  C CD1 . TRP A 1 103 ? 4.526   5.284   3.244   1.00 10.61 ? 103  TRP A CD1 1 
ATOM   804  C CD2 . TRP A 1 103 ? 3.819   3.252   2.611   1.00 6.77  ? 103  TRP A CD2 1 
ATOM   805  N NE1 . TRP A 1 103 ? 4.893   5.104   1.933   1.00 8.76  ? 103  TRP A NE1 1 
ATOM   806  C CE2 . TRP A 1 103 ? 4.473   3.868   1.516   1.00 7.04  ? 103  TRP A CE2 1 
ATOM   807  C CE3 . TRP A 1 103 ? 3.295   1.961   2.450   1.00 8.97  ? 103  TRP A CE3 1 
ATOM   808  C CZ2 . TRP A 1 103 ? 4.606   3.240   0.271   1.00 9.10  ? 103  TRP A CZ2 1 
ATOM   809  C CZ3 . TRP A 1 103 ? 3.439   1.332   1.216   1.00 8.70  ? 103  TRP A CZ3 1 
ATOM   810  C CH2 . TRP A 1 103 ? 4.096   1.973   0.145   1.00 8.14  ? 103  TRP A CH2 1 
ATOM   811  N N   . PRO A 1 104 ? 1.125   6.728   4.508   1.00 7.64  ? 104  PRO A N   1 
ATOM   812  C CA  . PRO A 1 104 ? -0.229  7.199   4.200   1.00 8.53  ? 104  PRO A CA  1 
ATOM   813  C C   . PRO A 1 104 ? -0.729  6.765   2.830   1.00 10.03 ? 104  PRO A C   1 
ATOM   814  O O   . PRO A 1 104 ? -0.967  7.610   1.963   1.00 10.37 ? 104  PRO A O   1 
ATOM   815  C CB  . PRO A 1 104 ? -0.083  8.721   4.250   1.00 10.75 ? 104  PRO A CB  1 
ATOM   816  C CG  . PRO A 1 104 ? 1.345   8.960   3.828   1.00 10.24 ? 104  PRO A CG  1 
ATOM   817  C CD  . PRO A 1 104 ? 2.120   7.822   4.460   1.00 8.52  ? 104  PRO A CD  1 
ATOM   818  N N   . VAL A 1 105 ? -0.902  5.457   2.659   1.00 7.84  ? 105  VAL A N   1 
ATOM   819  C CA  . VAL A 1 105 ? -1.342  4.873   1.398   1.00 7.80  ? 105  VAL A CA  1 
ATOM   820  C C   . VAL A 1 105 ? -2.683  4.183   1.573   1.00 10.42 ? 105  VAL A C   1 
ATOM   821  O O   . VAL A 1 105 ? -2.873  3.410   2.507   1.00 9.37  ? 105  VAL A O   1 
ATOM   822  C CB  . VAL A 1 105 ? -0.360  3.794   0.905   1.00 11.04 ? 105  VAL A CB  1 
ATOM   823  C CG1 . VAL A 1 105 ? -0.851  3.207   -0.418  1.00 13.10 ? 105  VAL A CG1 1 
ATOM   824  C CG2 . VAL A 1 105 ? 1.030   4.354   0.736   1.00 13.02 ? 105  VAL A CG2 1 
ATOM   825  N N   . ALA A 1 106 ? -3.617  4.437   0.668   1.00 8.07  ? 106  ALA A N   1 
ATOM   826  C CA  . ALA A 1 106 ? -4.860  3.677   0.643   1.00 8.81  ? 106  ALA A CA  1 
ATOM   827  C C   . ALA A 1 106 ? -5.246  3.361   -0.786  1.00 9.45  ? 106  ALA A C   1 
ATOM   828  O O   . ALA A 1 106 ? -5.075  4.195   -1.676  1.00 11.03 ? 106  ALA A O   1 
ATOM   829  C CB  . ALA A 1 106 ? -5.987  4.430   1.346   1.00 11.21 ? 106  ALA A CB  1 
ATOM   830  N N   . LEU A 1 107 ? -5.733  2.149   -1.012  1.00 7.68  ? 107  LEU A N   1 
ATOM   831  C CA  . LEU A 1 107 ? -6.228  1.775   -2.329  1.00 7.60  ? 107  LEU A CA  1 
ATOM   832  C C   . LEU A 1 107 ? -7.741  1.898   -2.358  1.00 9.21  ? 107  LEU A C   1 
ATOM   833  O O   . LEU A 1 107 ? -8.420  1.572   -1.377  1.00 10.28 ? 107  LEU A O   1 
ATOM   834  C CB  . LEU A 1 107 ? -5.837  0.343   -2.675  1.00 10.77 ? 107  LEU A CB  1 
ATOM   835  C CG  . LEU A 1 107 ? -4.371  -0.020  -2.484  1.00 8.76  ? 107  LEU A CG  1 
ATOM   836  C CD1 . LEU A 1 107 ? -4.172  -1.482  -2.821  1.00 12.98 ? 107  LEU A CD1 1 
ATOM   837  C CD2 . LEU A 1 107 ? -3.496  0.853   -3.362  1.00 14.80 ? 107  LEU A CD2 1 
ATOM   838  N N   . TYR A 1 108 ? -8.264  2.386   -3.480  1.00 8.74  ? 108  TYR A N   1 
ATOM   839  C CA  . TYR A 1 108 ? -9.710  2.448   -3.684  1.00 8.96  ? 108  TYR A CA  1 
ATOM   840  C C   . TYR A 1 108 ? -10.033 1.663   -4.944  1.00 12.08 ? 108  TYR A C   1 
ATOM   841  O O   . TYR A 1 108 ? -9.669  2.050   -6.061  1.00 13.16 ? 108  TYR A O   1 
ATOM   842  C CB  . TYR A 1 108 ? -10.182 3.896   -3.785  1.00 10.80 ? 108  TYR A CB  1 
ATOM   843  C CG  . TYR A 1 108 ? -9.968  4.682   -2.516  1.00 11.89 ? 108  TYR A CG  1 
ATOM   844  C CD1 . TYR A 1 108 ? -8.729  5.247   -2.226  1.00 13.32 ? 108  TYR A CD1 1 
ATOM   845  C CD2 . TYR A 1 108 ? -11.002 4.852   -1.609  1.00 17.88 ? 108  TYR A CD2 1 
ATOM   846  C CE1 . TYR A 1 108 ? -8.529  5.962   -1.064  1.00 13.76 ? 108  TYR A CE1 1 
ATOM   847  C CE2 . TYR A 1 108 ? -10.814 5.561   -0.447  1.00 18.20 ? 108  TYR A CE2 1 
ATOM   848  C CZ  . TYR A 1 108 ? -9.580  6.109   -0.175  1.00 17.79 ? 108  TYR A CZ  1 
ATOM   849  O OH  . TYR A 1 108 ? -9.416  6.813   0.995   1.00 23.34 ? 108  TYR A OH  1 
ATOM   850  N N   . LEU A 1 109 ? -10.709 0.538   -4.755  1.00 9.77  ? 109  LEU A N   1 
ATOM   851  C CA  . LEU A 1 109 ? -10.863 -0.456  -5.810  1.00 8.85  ? 109  LEU A CA  1 
ATOM   852  C C   . LEU A 1 109 ? -12.345 -0.622  -6.098  1.00 8.79  ? 109  LEU A C   1 
ATOM   853  O O   . LEU A 1 109 ? -13.109 -1.048  -5.237  1.00 10.38 ? 109  LEU A O   1 
ATOM   854  C CB  . LEU A 1 109 ? -10.267 -1.787  -5.355  1.00 10.35 ? 109  LEU A CB  1 
ATOM   855  C CG  . LEU A 1 109 ? -8.824  -1.711  -4.853  1.00 9.03  ? 109  LEU A CG  1 
ATOM   856  C CD1 . LEU A 1 109 ? -8.397  -3.022  -4.215  1.00 12.88 ? 109  LEU A CD1 1 
ATOM   857  C CD2 . LEU A 1 109 ? -7.906  -1.371  -6.011  1.00 13.78 ? 109  LEU A CD2 1 
ATOM   858  N N   . THR A 1 110 ? -12.768 -0.303  -7.314  1.00 9.31  ? 110  THR A N   1 
ATOM   859  C CA  A THR A 1 110 ? -14.189 -0.408  -7.626  0.59 11.45 ? 110  THR A CA  1 
ATOM   860  C CA  B THR A 1 110 ? -14.182 -0.370  -7.657  0.41 11.48 ? 110  THR A CA  1 
ATOM   861  C C   . THR A 1 110 ? -14.415 -1.530  -8.629  1.00 12.03 ? 110  THR A C   1 
ATOM   862  O O   . THR A 1 110 ? -13.723 -1.622  -9.630  1.00 10.50 ? 110  THR A O   1 
ATOM   863  C CB  A THR A 1 110 ? -14.791 0.947   -8.101  0.59 14.18 ? 110  THR A CB  1 
ATOM   864  C CB  B THR A 1 110 ? -14.630 0.962   -8.288  0.41 13.31 ? 110  THR A CB  1 
ATOM   865  O OG1 A THR A 1 110 ? -16.191 0.798   -8.361  0.59 16.09 ? 110  THR A OG1 1 
ATOM   866  O OG1 B THR A 1 110 ? -14.113 2.053   -7.516  0.41 13.08 ? 110  THR A OG1 1 
ATOM   867  C CG2 A THR A 1 110 ? -14.119 1.442   -9.351  0.59 11.82 ? 110  THR A CG2 1 
ATOM   868  C CG2 B THR A 1 110 ? -16.135 1.071   -8.322  0.41 15.07 ? 110  THR A CG2 1 
ATOM   869  N N   . PRO A 1 111 ? -15.371 -2.427  -8.329  1.00 9.24  ? 111  PRO A N   1 
ATOM   870  C CA  . PRO A 1 111 ? -15.614 -3.562  -9.227  1.00 11.22 ? 111  PRO A CA  1 
ATOM   871  C C   . PRO A 1 111 ? -16.021 -3.088  -10.604 1.00 15.02 ? 111  PRO A C   1 
ATOM   872  O O   . PRO A 1 111 ? -16.857 -2.175  -10.719 1.00 16.09 ? 111  PRO A O   1 
ATOM   873  C CB  . PRO A 1 111 ? -16.784 -4.302  -8.562  1.00 12.37 ? 111  PRO A CB  1 
ATOM   874  C CG  . PRO A 1 111 ? -16.723 -3.895  -7.127  1.00 13.52 ? 111  PRO A CG  1 
ATOM   875  C CD  . PRO A 1 111 ? -16.226 -2.479  -7.130  1.00 9.88  ? 111  PRO A CD  1 
ATOM   876  N N   . VAL A 1 112 ? -15.422 -3.683  -11.630 1.00 11.14 ? 112  VAL A N   1 
ATOM   877  C CA  . VAL A 1 112 ? -15.812 -3.374  -13.002 1.00 14.27 ? 112  VAL A CA  1 
ATOM   878  C C   . VAL A 1 112 ? -17.215 -3.935  -13.228 1.00 21.40 ? 112  VAL A C   1 
ATOM   879  O O   . VAL A 1 112 ? -17.679 -4.784  -12.458 1.00 17.24 ? 112  VAL A O   1 
ATOM   880  C CB  . VAL A 1 112 ? -14.810 -3.925  -14.043 1.00 16.42 ? 112  VAL A CB  1 
ATOM   881  C CG1 . VAL A 1 112 ? -13.431 -3.291  -13.850 1.00 17.45 ? 112  VAL A CG1 1 
ATOM   882  C CG2 . VAL A 1 112 ? -14.711 -5.441  -13.963 1.00 14.92 ? 112  VAL A CG2 1 
ATOM   883  N N   . SER A 1 113 ? -17.894 -3.445  -14.265 1.00 22.14 ? 113  SER A N   1 
ATOM   884  C CA  . SER A 1 113 ? -19.274 -3.828  -14.537 1.00 24.53 ? 113  SER A CA  1 
ATOM   885  C C   . SER A 1 113 ? -19.526 -5.325  -14.546 1.00 24.74 ? 113  SER A C   1 
ATOM   886  O O   . SER A 1 113 ? -20.579 -5.791  -14.105 1.00 33.93 ? 113  SER A O   1 
ATOM   887  N N   . SER A 1 114 ? -18.549 -6.086  -15.025 1.00 21.60 ? 114  SER A N   1 
ATOM   888  C CA  . SER A 1 114 ? -18.684 -7.535  -15.150 1.00 28.90 ? 114  SER A CA  1 
ATOM   889  C C   . SER A 1 114 ? -18.007 -8.365  -14.049 1.00 36.36 ? 114  SER A C   1 
ATOM   890  O O   . SER A 1 114 ? -17.713 -9.541  -14.262 1.00 37.46 ? 114  SER A O   1 
ATOM   891  C CB  . SER A 1 114 ? -18.156 -7.971  -16.512 1.00 42.78 ? 114  SER A CB  1 
ATOM   892  N N   . ALA A 1 115 ? -17.778 -7.773  -12.877 1.00 18.51 ? 115  ALA A N   1 
ATOM   893  C CA  . ALA A 1 115 ? -16.944 -8.388  -11.835 1.00 22.74 ? 115  ALA A CA  1 
ATOM   894  C C   . ALA A 1 115 ? -17.645 -9.351  -10.877 1.00 30.67 ? 115  ALA A C   1 
ATOM   895  O O   . ALA A 1 115 ? -17.018 -9.871  -9.951  1.00 28.63 ? 115  ALA A O   1 
ATOM   896  C CB  . ALA A 1 115 ? -16.267 -7.304  -11.018 1.00 21.54 ? 115  ALA A CB  1 
ATOM   897  N N   . GLY A 1 116 ? -18.937 -9.563  -11.068 1.00 23.19 ? 116  GLY A N   1 
ATOM   898  C CA  . GLY A 1 116 ? -19.708 -10.374 -10.142 1.00 19.22 ? 116  GLY A CA  1 
ATOM   899  C C   . GLY A 1 116 ? -19.129 -11.705 -9.706  1.00 19.26 ? 116  GLY A C   1 
ATOM   900  O O   . GLY A 1 116 ? -18.413 -12.363 -10.459 1.00 34.14 ? 116  GLY A O   1 
ATOM   901  N N   . GLY A 1 117 ? -19.440 -12.100 -8.476  1.00 12.66 ? 117  GLY A N   1 
ATOM   902  C CA  . GLY A 1 117 ? -18.928 -13.337 -7.923  1.00 16.33 ? 117  GLY A CA  1 
ATOM   903  C C   . GLY A 1 117 ? -17.833 -13.132 -6.890  1.00 14.68 ? 117  GLY A C   1 
ATOM   904  O O   . GLY A 1 117 ? -17.751 -12.081 -6.259  1.00 12.68 ? 117  GLY A O   1 
ATOM   905  N N   . VAL A 1 118 ? -16.993 -14.144 -6.700  1.00 14.69 ? 118  VAL A N   1 
ATOM   906  C CA  . VAL A 1 118 ? -15.852 -13.984 -5.802  1.00 14.13 ? 118  VAL A CA  1 
ATOM   907  C C   . VAL A 1 118 ? -14.760 -13.242 -6.554  1.00 17.40 ? 118  VAL A C   1 
ATOM   908  O O   . VAL A 1 118 ? -14.053 -13.818 -7.386  1.00 20.88 ? 118  VAL A O   1 
ATOM   909  C CB  . VAL A 1 118 ? -15.322 -15.324 -5.262  1.00 14.79 ? 118  VAL A CB  1 
ATOM   910  C CG1 . VAL A 1 118 ? -14.073 -15.084 -4.423  1.00 16.49 ? 118  VAL A CG1 1 
ATOM   911  C CG2 . VAL A 1 118 ? -16.386 -16.013 -4.422  1.00 18.24 ? 118  VAL A CG2 1 
ATOM   912  N N   . ALA A 1 119 ? -14.648 -11.951 -6.272  1.00 10.83 ? 119  ALA A N   1 
ATOM   913  C CA  . ALA A 1 119 ? -13.783 -11.063 -7.037  1.00 9.96  ? 119  ALA A CA  1 
ATOM   914  C C   . ALA A 1 119 ? -12.365 -11.021 -6.477  1.00 11.76 ? 119  ALA A C   1 
ATOM   915  O O   . ALA A 1 119 ? -11.431 -10.655 -7.194  1.00 10.49 ? 119  ALA A O   1 
ATOM   916  C CB  . ALA A 1 119 ? -14.376 -9.675  -7.070  1.00 10.79 ? 119  ALA A CB  1 
ATOM   917  N N   . ILE A 1 120 ? -12.219 -11.373 -5.201  1.00 10.24 ? 120  ILE A N   1 
ATOM   918  C CA  . ILE A 1 120 ? -10.910 -11.548 -4.574  1.00 9.16  ? 120  ILE A CA  1 
ATOM   919  C C   . ILE A 1 120 ? -10.970 -12.808 -3.722  1.00 11.01 ? 120  ILE A C   1 
ATOM   920  O O   . ILE A 1 120 ? -11.891 -12.960 -2.919  1.00 11.21 ? 120  ILE A O   1 
ATOM   921  C CB  . ILE A 1 120 ? -10.560 -10.367 -3.659  1.00 9.89  ? 120  ILE A CB  1 
ATOM   922  C CG1 . ILE A 1 120 ? -10.436 -9.070  -4.461  1.00 10.76 ? 120  ILE A CG1 1 
ATOM   923  C CG2 . ILE A 1 120 ? -9.231  -10.619 -2.933  1.00 11.27 ? 120  ILE A CG2 1 
ATOM   924  C CD1 . ILE A 1 120 ? -10.339 -7.849  -3.587  1.00 12.37 ? 120  ILE A CD1 1 
ATOM   925  N N   . LYS A 1 121 ? -10.000 -13.702 -3.889  1.00 10.60 ? 121  LYS A N   1 
ATOM   926  C CA  . LYS A 1 121 ? -9.971  -14.936 -3.103  1.00 10.89 ? 121  LYS A CA  1 
ATOM   927  C C   . LYS A 1 121 ? -9.185  -14.759 -1.825  1.00 12.42 ? 121  LYS A C   1 
ATOM   928  O O   . LYS A 1 121 ? -8.125  -14.127 -1.815  1.00 12.34 ? 121  LYS A O   1 
ATOM   929  C CB  . LYS A 1 121 ? -9.355  -16.080 -3.911  1.00 13.94 ? 121  LYS A CB  1 
ATOM   930  C CG  . LYS A 1 121 ? -10.279 -16.664 -4.959  1.00 26.68 ? 121  LYS A CG  1 
ATOM   931  C CD  . LYS A 1 121 ? -9.642  -17.876 -5.616  1.00 46.07 ? 121  LYS A CD  1 
ATOM   932  C CE  . LYS A 1 121 ? -10.631 -18.599 -6.520  1.00 56.27 ? 121  LYS A CE  1 
ATOM   933  N NZ  . LYS A 1 121 ? -9.946  -19.568 -7.424  1.00 64.41 ? 121  LYS A NZ  1 
ATOM   934  N N   . ALA A 1 122 ? -9.693  -15.339 -0.741  1.00 10.86 ? 122  ALA A N   1 
ATOM   935  C CA  . ALA A 1 122 ? -8.971  -15.356 0.521   1.00 11.70 ? 122  ALA A CA  1 
ATOM   936  C C   . ALA A 1 122 ? -7.571  -15.930 0.341   1.00 11.29 ? 122  ALA A C   1 
ATOM   937  O O   . ALA A 1 122 ? -7.387  -16.971 -0.303  1.00 13.05 ? 122  ALA A O   1 
ATOM   938  C CB  . ALA A 1 122 ? -9.740  -16.178 1.548   1.00 14.78 ? 122  ALA A CB  1 
ATOM   939  N N   . GLY A 1 123 ? -6.589  -15.244 0.919   1.00 9.95  ? 123  GLY A N   1 
ATOM   940  C CA  . GLY A 1 123 ? -5.210  -15.689 0.888   1.00 11.61 ? 123  GLY A CA  1 
ATOM   941  C C   . GLY A 1 123 ? -4.440  -15.206 -0.327  1.00 11.78 ? 123  GLY A C   1 
ATOM   942  O O   . GLY A 1 123 ? -3.220  -15.386 -0.407  1.00 12.88 ? 123  GLY A O   1 
ATOM   943  N N   . SER A 1 124 ? -5.130  -14.591 -1.278  1.00 11.03 ? 124  SER A N   1 
ATOM   944  C CA  . SER A 1 124 ? -4.464  -14.250 -2.536  1.00 8.56  ? 124  SER A CA  1 
ATOM   945  C C   . SER A 1 124 ? -3.653  -12.958 -2.451  1.00 9.33  ? 124  SER A C   1 
ATOM   946  O O   . SER A 1 124 ? -3.974  -12.050 -1.678  1.00 9.95  ? 124  SER A O   1 
ATOM   947  C CB  . SER A 1 124 ? -5.464  -14.153 -3.685  1.00 10.82 ? 124  SER A CB  1 
ATOM   948  O OG  . SER A 1 124 ? -6.330  -13.047 -3.522  1.00 11.12 ? 124  SER A OG  1 
ATOM   949  N N   . LEU A 1 125 ? -2.607  -12.885 -3.267  1.00 8.81  ? 125  LEU A N   1 
ATOM   950  C CA  . LEU A 1 125 ? -1.859  -11.647 -3.437  1.00 7.70  ? 125  LEU A CA  1 
ATOM   951  C C   . LEU A 1 125 ? -2.738  -10.653 -4.180  1.00 9.33  ? 125  LEU A C   1 
ATOM   952  O O   . LEU A 1 125 ? -3.262  -10.959 -5.255  1.00 11.92 ? 125  LEU A O   1 
ATOM   953  C CB  . LEU A 1 125 ? -0.580  -11.920 -4.234  1.00 9.55  ? 125  LEU A CB  1 
ATOM   954  C CG  . LEU A 1 125 ? 0.327   -10.716 -4.496  1.00 7.53  ? 125  LEU A CG  1 
ATOM   955  C CD1 . LEU A 1 125 ? 0.959   -10.195 -3.206  1.00 8.39  ? 125  LEU A CD1 1 
ATOM   956  C CD2 . LEU A 1 125 ? 1.403   -11.086 -5.502  1.00 8.02  ? 125  LEU A CD2 1 
ATOM   957  N N   . ILE A 1 126 ? -2.902  -9.462  -3.612  1.00 9.31  ? 126  ILE A N   1 
ATOM   958  C CA  . ILE A 1 126 ? -3.724  -8.449  -4.267  1.00 8.19  ? 126  ILE A CA  1 
ATOM   959  C C   . ILE A 1 126 ? -2.913  -7.264  -4.777  1.00 8.23  ? 126  ILE A C   1 
ATOM   960  O O   . ILE A 1 126 ? -3.327  -6.598  -5.721  1.00 9.80  ? 126  ILE A O   1 
ATOM   961  C CB  . ILE A 1 126 ? -4.893  -7.960  -3.380  1.00 11.04 ? 126  ILE A CB  1 
ATOM   962  C CG1 . ILE A 1 126 ? -4.388  -7.272  -2.114  1.00 11.31 ? 126  ILE A CG1 1 
ATOM   963  C CG2 . ILE A 1 126 ? -5.836  -9.124  -3.039  1.00 11.59 ? 126  ILE A CG2 1 
ATOM   964  C CD1 . ILE A 1 126 ? -5.509  -6.644  -1.284  1.00 14.02 ? 126  ILE A CD1 1 
ATOM   965  N N   . ALA A 1 127 ? -1.760  -6.998  -4.168  1.00 8.10  ? 127  ALA A N   1 
ATOM   966  C CA  . ALA A 1 127 ? -0.971  -5.835  -4.553  1.00 8.38  ? 127  ALA A CA  1 
ATOM   967  C C   . ALA A 1 127 ? 0.456   -5.980  -4.077  1.00 7.14  ? 127  ALA A C   1 
ATOM   968  O O   . ALA A 1 127 ? 0.742   -6.676  -3.105  1.00 8.54  ? 127  ALA A O   1 
ATOM   969  C CB  . ALA A 1 127 ? -1.574  -4.543  -3.969  1.00 7.69  ? 127  ALA A CB  1 
ATOM   970  N N   . VAL A 1 128 ? 1.355   -5.315  -4.783  1.00 6.78  ? 128  VAL A N   1 
ATOM   971  C CA  . VAL A 1 128 ? 2.716   -5.127  -4.305  1.00 8.23  ? 128  VAL A CA  1 
ATOM   972  C C   . VAL A 1 128 ? 2.975   -3.638  -4.346  1.00 9.84  ? 128  VAL A C   1 
ATOM   973  O O   . VAL A 1 128 ? 2.787   -3.000  -5.383  1.00 10.45 ? 128  VAL A O   1 
ATOM   974  C CB  . VAL A 1 128 ? 3.756   -5.887  -5.152  1.00 7.99  ? 128  VAL A CB  1 
ATOM   975  C CG1 . VAL A 1 128 ? 5.173   -5.514  -4.720  1.00 8.87  ? 128  VAL A CG1 1 
ATOM   976  C CG2 . VAL A 1 128 ? 3.553   -7.391  -5.016  1.00 8.20  ? 128  VAL A CG2 1 
ATOM   977  N N   . LEU A 1 129 ? 3.375   -3.073  -3.212  1.00 7.62  ? 129  LEU A N   1 
ATOM   978  C CA  . LEU A 1 129 ? 3.588   -1.635  -3.110  1.00 8.54  ? 129  LEU A CA  1 
ATOM   979  C C   . LEU A 1 129 ? 5.041   -1.407  -2.732  1.00 9.62  ? 129  LEU A C   1 
ATOM   980  O O   . LEU A 1 129 ? 5.534   -1.986  -1.759  1.00 9.48  ? 129  LEU A O   1 
ATOM   981  C CB  . LEU A 1 129 ? 2.677   -1.023  -2.046  1.00 8.89  ? 129  LEU A CB  1 
ATOM   982  C CG  . LEU A 1 129 ? 1.189   -1.322  -2.203  1.00 11.45 ? 129  LEU A CG  1 
ATOM   983  C CD1 . LEU A 1 129 ? 0.429   -0.790  -0.995  1.00 14.78 ? 129  LEU A CD1 1 
ATOM   984  C CD2 . LEU A 1 129 ? 0.674   -0.715  -3.507  1.00 11.66 ? 129  LEU A CD2 1 
ATOM   985  N N   A ILE A 1 130 ? 5.728   -0.570  -3.507  0.37 8.48  ? 130  ILE A N   1 
ATOM   986  N N   B ILE A 1 130 ? 5.741   -0.581  -3.503  0.63 8.48  ? 130  ILE A N   1 
ATOM   987  C CA  A ILE A 1 130 ? 7.132   -0.269  -3.266  0.37 6.38  ? 130  ILE A CA  1 
ATOM   988  C CA  B ILE A 1 130 ? 7.145   -0.310  -3.226  0.63 6.32  ? 130  ILE A CA  1 
ATOM   989  C C   A ILE A 1 130 ? 7.285   1.098   -2.617  0.37 6.81  ? 130  ILE A C   1 
ATOM   990  C C   B ILE A 1 130 ? 7.315   1.077   -2.631  0.63 6.76  ? 130  ILE A C   1 
ATOM   991  O O   A ILE A 1 130 ? 6.939   2.122   -3.207  0.37 7.75  ? 130  ILE A O   1 
ATOM   992  O O   B ILE A 1 130 ? 7.001   2.088   -3.260  0.63 7.76  ? 130  ILE A O   1 
ATOM   993  C CB  A ILE A 1 130 ? 7.955   -0.273  -4.571  0.37 8.45  ? 130  ILE A CB  1 
ATOM   994  C CB  B ILE A 1 130 ? 8.023   -0.440  -4.484  0.63 8.21  ? 130  ILE A CB  1 
ATOM   995  C CG1 A ILE A 1 130 ? 7.594   -1.487  -5.425  0.37 9.24  ? 130  ILE A CG1 1 
ATOM   996  C CG1 B ILE A 1 130 ? 7.909   -1.851  -5.055  0.63 8.34  ? 130  ILE A CG1 1 
ATOM   997  C CG2 A ILE A 1 130 ? 9.453   -0.215  -4.250  0.37 8.99  ? 130  ILE A CG2 1 
ATOM   998  C CG2 B ILE A 1 130 ? 9.473   -0.088  -4.164  0.63 8.90  ? 130  ILE A CG2 1 
ATOM   999  C CD1 A ILE A 1 130 ? 8.035   -2.801  -4.816  0.37 8.52  ? 130  ILE A CD1 1 
ATOM   1000 C CD1 B ILE A 1 130 ? 8.655   -2.041  -6.372  0.63 14.06 ? 130  ILE A CD1 1 
ATOM   1001 N N   . LEU A 1 131 ? 7.799   1.103   -1.395  1.00 6.23  ? 131  LEU A N   1 
ATOM   1002 C CA  . LEU A 1 131 ? 8.096   2.326   -0.679  1.00 6.75  ? 131  LEU A CA  1 
ATOM   1003 C C   . LEU A 1 131 ? 9.563   2.621   -0.949  1.00 7.52  ? 131  LEU A C   1 
ATOM   1004 O O   . LEU A 1 131 ? 10.423  1.762   -0.736  1.00 7.56  ? 131  LEU A O   1 
ATOM   1005 C CB  . LEU A 1 131 ? 7.840   2.085   0.822   1.00 7.41  ? 131  LEU A CB  1 
ATOM   1006 C CG  . LEU A 1 131 ? 8.082   3.213   1.832   1.00 6.15  ? 131  LEU A CG  1 
ATOM   1007 C CD1 . LEU A 1 131 ? 7.391   2.883   3.163   1.00 8.22  ? 131  LEU A CD1 1 
ATOM   1008 C CD2 . LEU A 1 131 ? 9.580   3.429   2.079   1.00 8.06  ? 131  LEU A CD2 1 
ATOM   1009 N N   . ARG A 1 132 ? 9.858   3.822   -1.439  1.00 6.81  ? 132  ARG A N   1 
ATOM   1010 C CA  . ARG A 1 132 ? 11.241  4.203   -1.692  1.00 7.31  ? 132  ARG A CA  1 
ATOM   1011 C C   . ARG A 1 132 ? 11.664  5.284   -0.712  1.00 7.07  ? 132  ARG A C   1 
ATOM   1012 O O   . ARG A 1 132 ? 11.013  6.325   -0.587  1.00 7.61  ? 132  ARG A O   1 
ATOM   1013 C CB  . ARG A 1 132 ? 11.397  4.711   -3.124  1.00 9.51  ? 132  ARG A CB  1 
ATOM   1014 C CG  . ARG A 1 132 ? 12.788  5.184   -3.485  1.00 7.85  ? 132  ARG A CG  1 
ATOM   1015 C CD  . ARG A 1 132 ? 12.751  5.678   -4.917  1.00 13.41 ? 132  ARG A CD  1 
ATOM   1016 N NE  . ARG A 1 132 ? 14.084  5.930   -5.439  1.00 17.70 ? 132  ARG A NE  1 
ATOM   1017 C CZ  . ARG A 1 132 ? 14.326  6.362   -6.673  1.00 22.83 ? 132  ARG A CZ  1 
ATOM   1018 N NH1 . ARG A 1 132 ? 13.319  6.592   -7.505  1.00 29.01 ? 132  ARG A NH1 1 
ATOM   1019 N NH2 . ARG A 1 132 ? 15.576  6.568   -7.071  1.00 22.00 ? 132  ARG A NH2 1 
ATOM   1020 N N   . GLN A 1 133 ? 12.764  5.032   -0.020  1.00 5.28  ? 133  GLN A N   1 
ATOM   1021 C CA  . GLN A 1 133 ? 13.255  5.953   0.991   1.00 5.97  ? 133  GLN A CA  1 
ATOM   1022 C C   . GLN A 1 133 ? 14.636  6.498   0.654   1.00 6.79  ? 133  GLN A C   1 
ATOM   1023 O O   . GLN A 1 133 ? 15.566  5.750   0.339   1.00 7.47  ? 133  GLN A O   1 
ATOM   1024 C CB  . GLN A 1 133 ? 13.291  5.247   2.352   1.00 7.10  ? 133  GLN A CB  1 
ATOM   1025 C CG  . GLN A 1 133 ? 13.924  6.087   3.492   1.00 6.41  ? 133  GLN A CG  1 
ATOM   1026 C CD  . GLN A 1 133 ? 15.323  5.611   3.889   1.00 7.05  ? 133  GLN A CD  1 
ATOM   1027 O OE1 . GLN A 1 133 ? 15.596  4.411   3.923   1.00 8.05  ? 133  GLN A OE1 1 
ATOM   1028 N NE2 . GLN A 1 133 ? 16.206  6.552   4.213   1.00 7.98  ? 133  GLN A NE2 1 
ATOM   1029 N N   . THR A 1 134 ? 14.747  7.817   0.754   1.00 6.87  ? 134  THR A N   1 
ATOM   1030 C CA  . THR A 1 134 ? 15.990  8.545   0.563   1.00 6.75  ? 134  THR A CA  1 
ATOM   1031 C C   . THR A 1 134 ? 16.131  9.506   1.736   1.00 9.12  ? 134  THR A C   1 
ATOM   1032 O O   . THR A 1 134 ? 15.315  9.489   2.675   1.00 7.78  ? 134  THR A O   1 
ATOM   1033 C CB  . THR A 1 134 ? 15.971  9.332   -0.764  1.00 8.49  ? 134  THR A CB  1 
ATOM   1034 O OG1 . THR A 1 134 ? 14.814  10.175  -0.806  1.00 10.53 ? 134  THR A OG1 1 
ATOM   1035 C CG2 . THR A 1 134 ? 15.933  8.362   -1.974  1.00 8.67  ? 134  THR A CG2 1 
ATOM   1036 N N   . ASN A 1 135 ? 17.152  10.356  1.709   1.00 7.76  ? 135  ASN A N   1 
ATOM   1037 C CA  . ASN A 1 135 ? 17.330  11.302  2.792   1.00 7.65  ? 135  ASN A CA  1 
ATOM   1038 C C   . ASN A 1 135 ? 18.076  12.538  2.329   1.00 8.10  ? 135  ASN A C   1 
ATOM   1039 O O   . ASN A 1 135 ? 18.391  12.669  1.135   1.00 9.81  ? 135  ASN A O   1 
ATOM   1040 C CB  . ASN A 1 135 ? 18.045  10.640  3.979   1.00 7.62  ? 135  ASN A CB  1 
ATOM   1041 C CG  . ASN A 1 135 ? 19.431  10.136  3.624   1.00 9.86  ? 135  ASN A CG  1 
ATOM   1042 O OD1 . ASN A 1 135 ? 20.162  10.783  2.880   1.00 8.49  ? 135  ASN A OD1 1 
ATOM   1043 N ND2 . ASN A 1 135 ? 19.806  8.988   4.169   1.00 7.62  ? 135  ASN A ND2 1 
ATOM   1044 N N   . ASN A 1 136 ? 18.374  13.426  3.270   1.00 8.82  ? 136  ASN A N   1 
ATOM   1045 C CA  . ASN A 1 136 ? 19.171  14.618  2.978   1.00 8.91  ? 136  ASN A CA  1 
ATOM   1046 C C   . ASN A 1 136 ? 20.591  14.539  3.528   1.00 9.55  ? 136  ASN A C   1 
ATOM   1047 O O   . ASN A 1 136 ? 21.239  15.572  3.752   1.00 14.18 ? 136  ASN A O   1 
ATOM   1048 C CB  . ASN A 1 136 ? 18.474  15.871  3.512   1.00 11.43 ? 136  ASN A CB  1 
ATOM   1049 C CG  . ASN A 1 136 ? 18.522  15.966  5.024   1.00 10.89 ? 136  ASN A CG  1 
ATOM   1050 O OD1 . ASN A 1 136 ? 18.762  14.973  5.717   1.00 10.29 ? 136  ASN A OD1 1 
ATOM   1051 N ND2 . ASN A 1 136 ? 18.289  17.168  5.546   1.00 14.47 ? 136  ASN A ND2 1 
ATOM   1052 N N   . TYR A 1 137 ? 21.082  13.317  3.712   1.00 10.50 ? 137  TYR A N   1 
ATOM   1053 C CA  . TYR A 1 137 ? 22.317  13.042  4.431   1.00 9.62  ? 137  TYR A CA  1 
ATOM   1054 C C   . TYR A 1 137 ? 23.369  12.373  3.549   1.00 13.86 ? 137  TYR A C   1 
ATOM   1055 O O   . TYR A 1 137 ? 24.531  12.794  3.521   1.00 14.43 ? 137  TYR A O   1 
ATOM   1056 C CB  . TYR A 1 137 ? 21.984  12.142  5.621   1.00 10.90 ? 137  TYR A CB  1 
ATOM   1057 C CG  . TYR A 1 137 ? 23.152  11.694  6.472   1.00 18.46 ? 137  TYR A CG  1 
ATOM   1058 C CD1 . TYR A 1 137 ? 23.696  12.533  7.438   1.00 21.30 ? 137  TYR A CD1 1 
ATOM   1059 C CD2 . TYR A 1 137 ? 23.671  10.411  6.346   1.00 15.86 ? 137  TYR A CD2 1 
ATOM   1060 C CE1 . TYR A 1 137 ? 24.740  12.117  8.237   1.00 24.53 ? 137  TYR A CE1 1 
ATOM   1061 C CE2 . TYR A 1 137 ? 24.720  9.982   7.142   1.00 22.90 ? 137  TYR A CE2 1 
ATOM   1062 C CZ  . TYR A 1 137 ? 25.248  10.842  8.085   1.00 33.72 ? 137  TYR A CZ  1 
ATOM   1063 O OH  . TYR A 1 137 ? 26.290  10.426  8.880   1.00 37.99 ? 137  TYR A OH  1 
ATOM   1064 N N   . ASN A 1 138 ? 22.974  11.321  2.843   1.00 10.93 ? 138  ASN A N   1 
ATOM   1065 C CA  . ASN A 1 138 ? 23.905  10.601  1.982   1.00 10.86 ? 138  ASN A CA  1 
ATOM   1066 C C   . ASN A 1 138 ? 23.191  10.098  0.733   1.00 10.10 ? 138  ASN A C   1 
ATOM   1067 O O   . ASN A 1 138 ? 22.136  10.623  0.375   1.00 9.04  ? 138  ASN A O   1 
ATOM   1068 C CB  . ASN A 1 138 ? 24.586  9.459   2.747   1.00 9.00  ? 138  ASN A CB  1 
ATOM   1069 C CG  . ASN A 1 138 ? 23.599  8.447   3.278   1.00 12.05 ? 138  ASN A CG  1 
ATOM   1070 O OD1 . ASN A 1 138 ? 22.439  8.427   2.874   1.00 9.87  ? 138  ASN A OD1 1 
ATOM   1071 N ND2 . ASN A 1 138 ? 24.057  7.590   4.185   1.00 18.87 ? 138  ASN A ND2 1 
ATOM   1072 N N   . SER A 1 139 ? 23.752  9.090   0.066   1.00 9.56  ? 139  SER A N   1 
ATOM   1073 C CA  . SER A 1 139 ? 23.168  8.607   -1.184  1.00 8.59  ? 139  SER A CA  1 
ATOM   1074 C C   . SER A 1 139 ? 22.195  7.439   -0.994  1.00 9.28  ? 139  SER A C   1 
ATOM   1075 O O   . SER A 1 139 ? 21.802  6.801   -1.968  1.00 8.99  ? 139  SER A O   1 
ATOM   1076 C CB  . SER A 1 139 ? 24.283  8.198   -2.152  1.00 11.53 ? 139  SER A CB  1 
ATOM   1077 O OG  . SER A 1 139 ? 25.022  7.106   -1.628  1.00 12.70 ? 139  SER A OG  1 
ATOM   1078 N N   . ASP A 1 140 ? 21.795  7.162   0.249   1.00 9.40  ? 140  ASP A N   1 
ATOM   1079 C CA  . ASP A 1 140 ? 20.888  6.034   0.513   1.00 8.84  ? 140  ASP A CA  1 
ATOM   1080 C C   . ASP A 1 140 ? 19.619  6.115   -0.337  1.00 8.64  ? 140  ASP A C   1 
ATOM   1081 O O   . ASP A 1 140 ? 18.972  7.155   -0.427  1.00 8.12  ? 140  ASP A O   1 
ATOM   1082 C CB  . ASP A 1 140 ? 20.479  5.979   1.990   1.00 8.08  ? 140  ASP A CB  1 
ATOM   1083 C CG  . ASP A 1 140 ? 21.601  5.525   2.912   1.00 11.95 ? 140  ASP A CG  1 
ATOM   1084 O OD1 . ASP A 1 140 ? 22.704  5.150   2.437   1.00 11.75 ? 140  ASP A OD1 1 
ATOM   1085 O OD2 . ASP A 1 140 ? 21.371  5.548   4.148   1.00 10.09 ? 140  ASP A OD2 1 
ATOM   1086 N N   . ASP A 1 141 ? 19.269  4.998   -0.961  1.00 8.38  ? 141  ASP A N   1 
ATOM   1087 C CA  . ASP A 1 141 ? 18.107  4.904   -1.818  1.00 8.17  ? 141  ASP A CA  1 
ATOM   1088 C C   . ASP A 1 141 ? 17.661  3.468   -1.674  1.00 9.29  ? 141  ASP A C   1 
ATOM   1089 O O   . ASP A 1 141 ? 18.215  2.557   -2.295  1.00 8.89  ? 141  ASP A O   1 
ATOM   1090 C CB  . ASP A 1 141 ? 18.508  5.224   -3.261  1.00 7.45  ? 141  ASP A CB  1 
ATOM   1091 C CG  . ASP A 1 141 ? 17.326  5.349   -4.191  1.00 15.92 ? 141  ASP A CG  1 
ATOM   1092 O OD1 . ASP A 1 141 ? 16.232  4.845   -3.871  1.00 14.68 ? 141  ASP A OD1 1 
ATOM   1093 O OD2 . ASP A 1 141 ? 17.500  5.960   -5.271  1.00 22.20 ? 141  ASP A OD2 1 
ATOM   1094 N N   . PHE A 1 142 ? 16.671  3.262   -0.811  1.00 6.98  ? 142  PHE A N   1 
ATOM   1095 C CA  . PHE A 1 142 ? 16.294  1.918   -0.398  1.00 6.69  ? 142  PHE A CA  1 
ATOM   1096 C C   . PHE A 1 142 ? 14.837  1.619   -0.723  1.00 6.55  ? 142  PHE A C   1 
ATOM   1097 O O   . PHE A 1 142 ? 13.964  2.500   -0.630  1.00 9.64  ? 142  PHE A O   1 
ATOM   1098 C CB  . PHE A 1 142 ? 16.513  1.752   1.115   1.00 6.75  ? 142  PHE A CB  1 
ATOM   1099 C CG  . PHE A 1 142 ? 17.943  1.881   1.549   1.00 7.54  ? 142  PHE A CG  1 
ATOM   1100 C CD1 . PHE A 1 142 ? 18.951  1.229   0.858   1.00 7.64  ? 142  PHE A CD1 1 
ATOM   1101 C CD2 . PHE A 1 142 ? 18.270  2.632   2.673   1.00 8.78  ? 142  PHE A CD2 1 
ATOM   1102 C CE1 . PHE A 1 142 ? 20.271  1.325   1.273   1.00 8.11  ? 142  PHE A CE1 1 
ATOM   1103 C CE2 . PHE A 1 142 ? 19.583  2.741   3.100   1.00 9.17  ? 142  PHE A CE2 1 
ATOM   1104 C CZ  . PHE A 1 142 ? 20.592  2.092   2.394   1.00 9.71  ? 142  PHE A CZ  1 
ATOM   1105 N N   . GLN A 1 143 ? 14.575  0.375   -1.103  1.00 7.97  ? 143  GLN A N   1 
ATOM   1106 C CA  . GLN A 1 143 ? 13.216  -0.062  -1.409  1.00 7.66  ? 143  GLN A CA  1 
ATOM   1107 C C   . GLN A 1 143 ? 12.693  -0.955  -0.298  1.00 5.57  ? 143  GLN A C   1 
ATOM   1108 O O   . GLN A 1 143 ? 13.369  -1.897  0.151   1.00 8.24  ? 143  GLN A O   1 
ATOM   1109 C CB  . GLN A 1 143 ? 13.164  -0.788  -2.758  1.00 9.74  ? 143  GLN A CB  1 
ATOM   1110 C CG  . GLN A 1 143 ? 13.315  0.154   -3.941  1.00 15.06 ? 143  GLN A CG  1 
ATOM   1111 C CD  . GLN A 1 143 ? 13.628  -0.572  -5.237  1.00 24.44 ? 143  GLN A CD  1 
ATOM   1112 O OE1 . GLN A 1 143 ? 14.380  -1.547  -5.250  1.00 39.78 ? 143  GLN A OE1 1 
ATOM   1113 N NE2 . GLN A 1 143 ? 13.064  -0.087  -6.337  1.00 32.02 ? 143  GLN A NE2 1 
ATOM   1114 N N   . PHE A 1 144 ? 11.489  -0.626  0.149   1.00 6.36  ? 144  PHE A N   1 
ATOM   1115 C CA  . PHE A 1 144 ? 10.760  -1.407  1.139   1.00 5.68  ? 144  PHE A CA  1 
ATOM   1116 C C   . PHE A 1 144 ? 9.551   -1.960  0.400   1.00 8.17  ? 144  PHE A C   1 
ATOM   1117 O O   . PHE A 1 144 ? 8.640   -1.210  0.023   1.00 7.57  ? 144  PHE A O   1 
ATOM   1118 C CB  . PHE A 1 144 ? 10.327  -0.522  2.320   1.00 5.87  ? 144  PHE A CB  1 
ATOM   1119 C CG  . PHE A 1 144 ? 11.474  -0.052  3.184   1.00 6.25  ? 144  PHE A CG  1 
ATOM   1120 C CD1 . PHE A 1 144 ? 12.388  0.895   2.713   1.00 5.86  ? 144  PHE A CD1 1 
ATOM   1121 C CD2 . PHE A 1 144 ? 11.653  -0.575  4.458   1.00 6.80  ? 144  PHE A CD2 1 
ATOM   1122 C CE1 . PHE A 1 144 ? 13.451  1.309   3.508   1.00 8.83  ? 144  PHE A CE1 1 
ATOM   1123 C CE2 . PHE A 1 144 ? 12.712  -0.175  5.262   1.00 8.61  ? 144  PHE A CE2 1 
ATOM   1124 C CZ  . PHE A 1 144 ? 13.616  0.770   4.786   1.00 7.02  ? 144  PHE A CZ  1 
ATOM   1125 N N   . VAL A 1 145 ? 9.552   -3.271  0.164   1.00 7.23  ? 145  VAL A N   1 
ATOM   1126 C CA  . VAL A 1 145 ? 8.582   -3.889  -0.726  1.00 7.48  ? 145  VAL A CA  1 
ATOM   1127 C C   . VAL A 1 145 ? 7.508   -4.594  0.085   1.00 8.39  ? 145  VAL A C   1 
ATOM   1128 O O   . VAL A 1 145 ? 7.810   -5.495  0.874   1.00 9.79  ? 145  VAL A O   1 
ATOM   1129 C CB  . VAL A 1 145 ? 9.264   -4.905  -1.652  1.00 7.37  ? 145  VAL A CB  1 
ATOM   1130 C CG1 . VAL A 1 145 ? 8.242   -5.561  -2.579  1.00 10.41 ? 145  VAL A CG1 1 
ATOM   1131 C CG2 . VAL A 1 145 ? 10.350  -4.212  -2.469  1.00 10.37 ? 145  VAL A CG2 1 
ATOM   1132 N N   . TRP A 1 146 ? 6.258   -4.200  -0.118  1.00 6.46  ? 146  TRP A N   1 
ATOM   1133 C CA  . TRP A 1 146 ? 5.161   -4.730  0.689   1.00 5.90  ? 146  TRP A CA  1 
ATOM   1134 C C   . TRP A 1 146 ? 4.246   -5.582  -0.166  1.00 8.31  ? 146  TRP A C   1 
ATOM   1135 O O   . TRP A 1 146 ? 3.611   -5.073  -1.098  1.00 7.87  ? 146  TRP A O   1 
ATOM   1136 C CB  . TRP A 1 146 ? 4.366   -3.571  1.296   1.00 8.19  ? 146  TRP A CB  1 
ATOM   1137 C CG  . TRP A 1 146 ? 5.219   -2.595  2.077   1.00 7.43  ? 146  TRP A CG  1 
ATOM   1138 C CD1 . TRP A 1 146 ? 5.675   -1.369  1.657   1.00 5.80  ? 146  TRP A CD1 1 
ATOM   1139 C CD2 . TRP A 1 146 ? 5.711   -2.766  3.413   1.00 4.73  ? 146  TRP A CD2 1 
ATOM   1140 N NE1 . TRP A 1 146 ? 6.412   -0.778  2.649   1.00 6.64  ? 146  TRP A NE1 1 
ATOM   1141 C CE2 . TRP A 1 146 ? 6.453   -1.610  3.731   1.00 7.01  ? 146  TRP A CE2 1 
ATOM   1142 C CE3 . TRP A 1 146 ? 5.595   -3.784  4.364   1.00 8.36  ? 146  TRP A CE3 1 
ATOM   1143 C CZ2 . TRP A 1 146 ? 7.070   -1.444  4.970   1.00 6.22  ? 146  TRP A CZ2 1 
ATOM   1144 C CZ3 . TRP A 1 146 ? 6.216   -3.621  5.586   1.00 9.61  ? 146  TRP A CZ3 1 
ATOM   1145 C CH2 . TRP A 1 146 ? 6.947   -2.461  5.885   1.00 6.66  ? 146  TRP A CH2 1 
ATOM   1146 N N   . ASN A 1 147 ? 4.202   -6.879  0.131   1.00 7.32  ? 147  ASN A N   1 
ATOM   1147 C CA  A ASN A 1 147 ? 3.273   -7.773  -0.546  0.37 6.77  ? 147  ASN A CA  1 
ATOM   1148 C CA  B ASN A 1 147 ? 3.288   -7.799  -0.529  0.63 6.73  ? 147  ASN A CA  1 
ATOM   1149 C C   . ASN A 1 147 ? 1.983   -7.800  0.243   1.00 6.91  ? 147  ASN A C   1 
ATOM   1150 O O   . ASN A 1 147 ? 1.984   -8.141  1.420   1.00 9.26  ? 147  ASN A O   1 
ATOM   1151 C CB  A ASN A 1 147 ? 3.836   -9.189  -0.644  0.37 8.36  ? 147  ASN A CB  1 
ATOM   1152 C CB  B ASN A 1 147 ? 3.860   -9.220  -0.517  0.63 8.33  ? 147  ASN A CB  1 
ATOM   1153 C CG  A ASN A 1 147 ? 5.152   -9.247  -1.378  0.37 12.69 ? 147  ASN A CG  1 
ATOM   1154 C CG  B ASN A 1 147 ? 4.817   -9.491  -1.664  0.63 14.40 ? 147  ASN A CG  1 
ATOM   1155 O OD1 A ASN A 1 147 ? 5.302   -8.689  -2.464  0.37 11.70 ? 147  ASN A OD1 1 
ATOM   1156 O OD1 B ASN A 1 147 ? 5.538   -8.602  -2.116  0.63 10.32 ? 147  ASN A OD1 1 
ATOM   1157 N ND2 A ASN A 1 147 ? 6.133   -9.907  -0.776  0.37 15.85 ? 147  ASN A ND2 1 
ATOM   1158 N ND2 B ASN A 1 147 ? 4.829   -10.738 -2.137  0.63 13.28 ? 147  ASN A ND2 1 
ATOM   1159 N N   . ILE A 1 148 ? 0.888   -7.408  -0.403  1.00 7.04  ? 148  ILE A N   1 
ATOM   1160 C CA  . ILE A 1 148 ? -0.406  -7.278  0.273   1.00 6.65  ? 148  ILE A CA  1 
ATOM   1161 C C   . ILE A 1 148 ? -1.293  -8.460  -0.074  1.00 6.20  ? 148  ILE A C   1 
ATOM   1162 O O   . ILE A 1 148 ? -1.521  -8.736  -1.251  1.00 7.57  ? 148  ILE A O   1 
ATOM   1163 C CB  . ILE A 1 148 ? -1.141  -5.973  -0.148  1.00 8.36  ? 148  ILE A CB  1 
ATOM   1164 C CG1 . ILE A 1 148 ? -0.187  -4.765  -0.167  1.00 8.06  ? 148  ILE A CG1 1 
ATOM   1165 C CG2 . ILE A 1 148 ? -2.337  -5.716  0.758   1.00 10.14 ? 148  ILE A CG2 1 
ATOM   1166 C CD1 . ILE A 1 148 ? 0.596   -4.535  1.120   1.00 8.08  ? 148  ILE A CD1 1 
ATOM   1167 N N   . TYR A 1 149 ? -1.781  -9.152  0.963   1.00 6.62  ? 149  TYR A N   1 
ATOM   1168 C CA  . TYR A 1 149 ? -2.618  -10.348 0.814   1.00 9.19  ? 149  TYR A CA  1 
ATOM   1169 C C   . TYR A 1 149 ? -3.982  -10.153 1.445   1.00 8.33  ? 149  TYR A C   1 
ATOM   1170 O O   . TYR A 1 149 ? -4.104  -9.549  2.507   1.00 8.45  ? 149  TYR A O   1 
ATOM   1171 C CB  . TYR A 1 149 ? -1.953  -11.560 1.496   1.00 8.24  ? 149  TYR A CB  1 
ATOM   1172 C CG  . TYR A 1 149 ? -0.665  -11.965 0.830   1.00 6.21  ? 149  TYR A CG  1 
ATOM   1173 C CD1 . TYR A 1 149 ? -0.663  -12.876 -0.224  1.00 9.04  ? 149  TYR A CD1 1 
ATOM   1174 C CD2 . TYR A 1 149 ? 0.540   -11.415 1.234   1.00 8.82  ? 149  TYR A CD2 1 
ATOM   1175 C CE1 . TYR A 1 149 ? 0.517   -13.241 -0.849  1.00 8.46  ? 149  TYR A CE1 1 
ATOM   1176 C CE2 . TYR A 1 149 ? 1.725   -11.761 0.609   1.00 8.35  ? 149  TYR A CE2 1 
ATOM   1177 C CZ  . TYR A 1 149 ? 1.708   -12.677 -0.429  1.00 6.84  ? 149  TYR A CZ  1 
ATOM   1178 O OH  . TYR A 1 149 ? 2.888   -13.006 -1.054  1.00 10.62 ? 149  TYR A OH  1 
ATOM   1179 N N   . ALA A 1 150 ? -5.005  -10.698 0.791   1.00 7.64  ? 150  ALA A N   1 
ATOM   1180 C CA  . ALA A 1 150 ? -6.358  -10.717 1.350   1.00 7.33  ? 150  ALA A CA  1 
ATOM   1181 C C   . ALA A 1 150 ? -6.522  -11.767 2.434   1.00 9.41  ? 150  ALA A C   1 
ATOM   1182 O O   . ALA A 1 150 ? -6.124  -12.918 2.250   1.00 12.13 ? 150  ALA A O   1 
ATOM   1183 C CB  . ALA A 1 150 ? -7.355  -10.992 0.240   1.00 10.14 ? 150  ALA A CB  1 
ATOM   1184 N N   . ASN A 1 151 ? -7.149  -11.390 3.550   1.00 11.13 ? 151  ASN A N   1 
ATOM   1185 C CA  . ASN A 1 151 ? -7.477  -12.374 4.586   1.00 11.84 ? 151  ASN A CA  1 
ATOM   1186 C C   . ASN A 1 151 ? -8.789  -13.097 4.302   1.00 15.34 ? 151  ASN A C   1 
ATOM   1187 O O   . ASN A 1 151 ? -9.080  -14.125 4.918   1.00 17.10 ? 151  ASN A O   1 
ATOM   1188 C CB  . ASN A 1 151 ? -7.563  -11.723 5.963   1.00 11.31 ? 151  ASN A CB  1 
ATOM   1189 C CG  . ASN A 1 151 ? -6.198  -11.532 6.612   1.00 14.82 ? 151  ASN A CG  1 
ATOM   1190 O OD1 . ASN A 1 151 ? -5.247  -12.248 6.302   1.00 17.58 ? 151  ASN A OD1 1 
ATOM   1191 N ND2 . ASN A 1 151 ? -6.105  -10.571 7.517   1.00 16.52 ? 151  ASN A ND2 1 
ATOM   1192 N N   . ASN A 1 152 ? -9.579  -12.571 3.376   1.00 12.31 ? 152  ASN A N   1 
ATOM   1193 C CA  . ASN A 1 152 ? -10.907 -13.137 3.140   1.00 11.27 ? 152  ASN A CA  1 
ATOM   1194 C C   . ASN A 1 152 ? -11.377 -12.922 1.721   1.00 12.56 ? 152  ASN A C   1 
ATOM   1195 O O   . ASN A 1 152 ? -10.867 -12.048 1.008   1.00 11.32 ? 152  ASN A O   1 
ATOM   1196 C CB  . ASN A 1 152 ? -11.926 -12.525 4.110   1.00 11.22 ? 152  ASN A CB  1 
ATOM   1197 C CG  . ASN A 1 152 ? -11.966 -10.999 4.034   1.00 14.87 ? 152  ASN A CG  1 
ATOM   1198 O OD1 . ASN A 1 152 ? -11.172 -10.314 4.682   1.00 14.08 ? 152  ASN A OD1 1 
ATOM   1199 N ND2 . ASN A 1 152 ? -12.897 -10.462 3.241   1.00 15.04 ? 152  ASN A ND2 1 
ATOM   1200 N N   . ASP A 1 153 ? -12.346 -13.736 1.309   1.00 11.17 ? 153  ASP A N   1 
ATOM   1201 C CA  . ASP A 1 153 ? -13.023 -13.554 0.031   1.00 10.94 ? 153  ASP A CA  1 
ATOM   1202 C C   . ASP A 1 153 ? -13.751 -12.220 -0.001  1.00 9.45  ? 153  ASP A C   1 
ATOM   1203 O O   . ASP A 1 153 ? -14.276 -11.747 1.018   1.00 11.60 ? 153  ASP A O   1 
ATOM   1204 C CB  . ASP A 1 153 ? -14.107 -14.614 -0.163  1.00 12.28 ? 153  ASP A CB  1 
ATOM   1205 C CG  . ASP A 1 153 ? -13.577 -15.991 -0.483  1.00 15.34 ? 153  ASP A CG  1 
ATOM   1206 O OD1 . ASP A 1 153 ? -12.372 -16.178 -0.764  1.00 14.90 ? 153  ASP A OD1 1 
ATOM   1207 O OD2 . ASP A 1 153 ? -14.419 -16.914 -0.486  1.00 15.35 ? 153  ASP A OD2 1 
ATOM   1208 N N   . VAL A 1 154 ? -13.814 -11.620 -1.184  1.00 10.93 ? 154  VAL A N   1 
ATOM   1209 C CA  . VAL A 1 154 ? -14.691 -10.485 -1.405  1.00 10.83 ? 154  VAL A CA  1 
ATOM   1210 C C   . VAL A 1 154 ? -15.652 -10.842 -2.529  1.00 11.29 ? 154  VAL A C   1 
ATOM   1211 O O   . VAL A 1 154 ? -15.234 -11.274 -3.611  1.00 10.02 ? 154  VAL A O   1 
ATOM   1212 C CB  . VAL A 1 154 ? -13.918 -9.225  -1.815  1.00 9.02  ? 154  VAL A CB  1 
ATOM   1213 C CG1 . VAL A 1 154 ? -14.889 -8.076  -2.136  1.00 10.83 ? 154  VAL A CG1 1 
ATOM   1214 C CG2 . VAL A 1 154 ? -12.950 -8.815  -0.717  1.00 11.72 ? 154  VAL A CG2 1 
ATOM   1215 N N   . VAL A 1 155 ? -16.940 -10.657 -2.269  1.00 7.98  ? 155  VAL A N   1 
ATOM   1216 C CA  . VAL A 1 155 ? -17.973 -11.027 -3.222  1.00 8.93  ? 155  VAL A CA  1 
ATOM   1217 C C   . VAL A 1 155 ? -18.641 -9.778  -3.776  1.00 8.40  ? 155  VAL A C   1 
ATOM   1218 O O   . VAL A 1 155 ? -18.951 -8.847  -3.034  1.00 10.80 ? 155  VAL A O   1 
ATOM   1219 C CB  . VAL A 1 155 ? -19.038 -11.924 -2.563  1.00 10.50 ? 155  VAL A CB  1 
ATOM   1220 C CG1 . VAL A 1 155 ? -20.299 -12.014 -3.435  1.00 11.47 ? 155  VAL A CG1 1 
ATOM   1221 C CG2 . VAL A 1 155 ? -18.469 -13.299 -2.291  1.00 11.45 ? 155  VAL A CG2 1 
ATOM   1222 N N   . VAL A 1 156 ? -18.851 -9.771  -5.087  1.00 9.61  ? 156  VAL A N   1 
ATOM   1223 C CA  . VAL A 1 156 ? -19.601 -8.721  -5.762  1.00 9.87  ? 156  VAL A CA  1 
ATOM   1224 C C   . VAL A 1 156 ? -20.958 -9.297  -6.137  1.00 9.63  ? 156  VAL A C   1 
ATOM   1225 O O   . VAL A 1 156 ? -21.031 -10.226 -6.931  1.00 9.94  ? 156  VAL A O   1 
ATOM   1226 C CB  . VAL A 1 156 ? -18.864 -8.258  -7.030  1.00 9.33  ? 156  VAL A CB  1 
ATOM   1227 C CG1 . VAL A 1 156 ? -19.700 -7.246  -7.802  1.00 9.79  ? 156  VAL A CG1 1 
ATOM   1228 C CG2 . VAL A 1 156 ? -17.519 -7.650  -6.649  1.00 11.61 ? 156  VAL A CG2 1 
ATOM   1229 N N   . PRO A 1 157 ? -22.042 -8.767  -5.546  1.00 8.05  ? 157  PRO A N   1 
ATOM   1230 C CA  . PRO A 1 157 ? -23.374 -9.294  -5.868  1.00 7.91  ? 157  PRO A CA  1 
ATOM   1231 C C   . PRO A 1 157 ? -23.727 -9.100  -7.327  1.00 10.98 ? 157  PRO A C   1 
ATOM   1232 O O   . PRO A 1 157 ? -23.265 -8.146  -7.966  1.00 11.25 ? 157  PRO A O   1 
ATOM   1233 C CB  . PRO A 1 157 ? -24.309 -8.448  -4.994  1.00 11.70 ? 157  PRO A CB  1 
ATOM   1234 C CG  . PRO A 1 157 ? -23.455 -8.023  -3.831  1.00 11.70 ? 157  PRO A CG  1 
ATOM   1235 C CD  . PRO A 1 157 ? -22.081 -7.789  -4.443  1.00 8.84  ? 157  PRO A CD  1 
ATOM   1236 N N   . THR A 1 158 ? -24.548 -10.001 -7.855  1.00 12.15 ? 158  THR A N   1 
ATOM   1237 C CA  . THR A 1 158 ? -24.982 -9.913  -9.243  1.00 11.05 ? 158  THR A CA  1 
ATOM   1238 C C   . THR A 1 158 ? -26.493 -9.870  -9.364  1.00 15.00 ? 158  THR A C   1 
ATOM   1239 O O   . THR A 1 158 ? -27.225 -10.130 -8.403  1.00 14.24 ? 158  THR A O   1 
ATOM   1240 C CB  . THR A 1 158 ? -24.461 -11.088 -10.095 1.00 15.13 ? 158  THR A CB  1 
ATOM   1241 O OG1 . THR A 1 158 ? -24.681 -12.331 -9.421  1.00 17.50 ? 158  THR A OG1 1 
ATOM   1242 C CG2 . THR A 1 158 ? -22.993 -10.945 -10.346 1.00 22.31 ? 158  THR A CG2 1 
ATOM   1243 O OXT . THR A 1 158 ? -27.008 -9.581  -10.447 1.00 19.54 ? 158  THR A OXT 1 
HETATM 1244 O O6  . HNW B 2 .   ? 16.381  7.373   9.381   1.00 6.75  ? 201  HNW A O6  1 
HETATM 1245 C C6  . HNW B 2 .   ? 17.616  8.016   9.261   1.00 8.70  ? 201  HNW A C6  1 
HETATM 1246 C C5  . HNW B 2 .   ? 18.656  7.255   8.580   1.00 6.12  ? 201  HNW A C5  1 
HETATM 1247 O O5  . HNW B 2 .   ? 18.910  6.029   9.353   1.00 7.66  ? 201  HNW A O5  1 
HETATM 1248 C C4  . HNW B 2 .   ? 18.304  6.924   7.118   1.00 6.30  ? 201  HNW A C4  1 
HETATM 1249 O O4  . HNW B 2 .   ? 18.265  8.168   6.413   1.00 7.38  ? 201  HNW A O4  1 
HETATM 1250 C C3  . HNW B 2 .   ? 19.263  6.043   6.553   1.00 7.91  ? 201  HNW A C3  1 
HETATM 1251 O O3  . HNW B 2 .   ? 18.901  5.647   5.210   1.00 7.81  ? 201  HNW A O3  1 
HETATM 1252 C C2  . HNW B 2 .   ? 19.462  4.821   7.363   1.00 8.94  ? 201  HNW A C2  1 
HETATM 1253 O O2  . HNW B 2 .   ? 18.316  4.084   7.381   1.00 7.85  ? 201  HNW A O2  1 
HETATM 1254 O O7  . HNW B 2 .   ? 26.587  9.287   14.974  1.00 19.27 ? 201  HNW A O7  1 
HETATM 1255 C C7  . HNW B 2 .   ? 25.269  8.907   15.179  1.00 19.61 ? 201  HNW A C7  1 
HETATM 1256 C C8  . HNW B 2 .   ? 24.556  8.317   13.959  1.00 14.43 ? 201  HNW A C8  1 
HETATM 1257 C C9  . HNW B 2 .   ? 23.914  7.855   13.039  1.00 12.89 ? 201  HNW A C9  1 
HETATM 1258 C C10 . HNW B 2 .   ? 23.176  7.296   11.911  1.00 10.74 ? 201  HNW A C10 1 
HETATM 1259 C C15 . HNW B 2 .   ? 23.579  7.591   10.632  1.00 11.69 ? 201  HNW A C15 1 
HETATM 1260 C C14 . HNW B 2 .   ? 22.843  7.042   9.564   1.00 8.75  ? 201  HNW A C14 1 
HETATM 1261 C C13 . HNW B 2 .   ? 21.770  6.281   9.791   1.00 8.51  ? 201  HNW A C13 1 
HETATM 1262 O O1  . HNW B 2 .   ? 21.113  5.795   8.663   1.00 8.20  ? 201  HNW A O1  1 
HETATM 1263 C C1  . HNW B 2 .   ? 19.880  5.188   8.803   1.00 8.93  ? 201  HNW A C1  1 
HETATM 1264 C C12 . HNW B 2 .   ? 21.368  5.990   11.079  1.00 11.14 ? 201  HNW A C12 1 
HETATM 1265 C C11 . HNW B 2 .   ? 22.095  6.528   12.142  1.00 12.88 ? 201  HNW A C11 1 
HETATM 1266 O O   . HOH C 3 .   ? 16.766  2.587   5.679   0.93 4.78  ? 2001 HOH A O   1 
HETATM 1267 O O   . HOH C 3 .   ? 8.400   1.976   12.394  0.81 11.61 ? 2002 HOH A O   1 
HETATM 1268 O O   . HOH C 3 .   ? 14.029  -2.726  12.083  0.70 26.41 ? 2003 HOH A O   1 
HETATM 1269 O O   . HOH C 3 .   ? 11.458  -2.157  11.694  0.85 19.53 ? 2004 HOH A O   1 
HETATM 1270 O O   . HOH C 3 .   ? 2.243   0.421   15.797  1.00 35.01 ? 2005 HOH A O   1 
HETATM 1271 O O   . HOH C 3 .   ? 5.260   -5.114  14.207  0.82 26.89 ? 2006 HOH A O   1 
HETATM 1272 O O   . HOH C 3 .   ? -0.381  -5.285  9.146   0.53 17.13 ? 2007 HOH A O   1 
HETATM 1273 O O   . HOH C 3 .   ? 0.517   -9.341  14.578  0.64 23.53 ? 2008 HOH A O   1 
HETATM 1274 O O   . HOH C 3 .   ? 16.344  -3.950  -1.654  1.00 42.15 ? 2009 HOH A O   1 
HETATM 1275 O O   . HOH C 3 .   ? 7.232   -6.328  13.831  0.80 31.59 ? 2010 HOH A O   1 
HETATM 1276 O O   . HOH C 3 .   ? 8.918   -9.481  7.769   0.61 20.01 ? 2011 HOH A O   1 
HETATM 1277 O O   . HOH C 3 .   ? 11.728  -8.056  6.321   0.73 21.90 ? 2012 HOH A O   1 
HETATM 1278 O O   . HOH C 3 .   ? -18.790 -3.745  4.697   0.80 28.45 ? 2013 HOH A O   1 
HETATM 1279 O O   . HOH C 3 .   ? -24.723 -4.178  -9.192  0.85 32.77 ? 2014 HOH A O   1 
HETATM 1280 O O   . HOH C 3 .   ? -20.308 3.505   -11.486 1.00 28.50 ? 2015 HOH A O   1 
HETATM 1281 O O   . HOH C 3 .   ? 16.704  -1.483  11.434  0.93 10.58 ? 2016 HOH A O   1 
HETATM 1282 O O   . HOH C 3 .   ? 18.179  -4.127  4.897   0.97 8.84  ? 2017 HOH A O   1 
HETATM 1283 O O   . HOH C 3 .   ? 19.727  -3.418  8.645   0.71 14.22 ? 2018 HOH A O   1 
HETATM 1284 O O   . HOH C 3 .   ? 16.941  -1.447  -0.684  0.83 10.76 ? 2019 HOH A O   1 
HETATM 1285 O O   . HOH C 3 .   ? 20.329  -2.340  1.379   0.87 19.25 ? 2020 HOH A O   1 
HETATM 1286 O O   . HOH C 3 .   ? -11.117 1.740   5.552   0.77 31.98 ? 2021 HOH A O   1 
HETATM 1287 O O   . HOH C 3 .   ? 17.562  -5.005  0.496   1.00 41.22 ? 2022 HOH A O   1 
HETATM 1288 O O   . HOH C 3 .   ? 16.145  -6.953  4.468   0.92 26.68 ? 2023 HOH A O   1 
HETATM 1289 O O   . HOH C 3 .   ? -5.611  8.592   3.784   1.00 44.35 ? 2024 HOH A O   1 
HETATM 1290 O O   . HOH C 3 .   ? -9.472  3.339   9.174   0.92 39.65 ? 2025 HOH A O   1 
HETATM 1291 O O   . HOH C 3 .   ? 14.024  -4.479  -1.513  0.79 20.20 ? 2026 HOH A O   1 
HETATM 1292 O O   . HOH C 3 .   ? 13.092  -6.693  -1.462  0.97 33.13 ? 2027 HOH A O   1 
HETATM 1293 O O   . HOH C 3 .   ? -1.939  8.717   7.491   1.00 42.61 ? 2028 HOH A O   1 
HETATM 1294 O O   . HOH C 3 .   ? -8.617  -0.707  11.273  1.00 45.18 ? 2029 HOH A O   1 
HETATM 1295 O O   . HOH C 3 .   ? 9.498   -9.086  -2.708  0.83 20.31 ? 2030 HOH A O   1 
HETATM 1296 O O   . HOH C 3 .   ? 7.626   -10.524 1.545   0.77 15.08 ? 2031 HOH A O   1 
HETATM 1297 O O   . HOH C 3 .   ? 7.200   -8.150  -0.375  0.46 12.47 ? 2032 HOH A O   1 
HETATM 1298 O O   . HOH C 3 .   ? 7.009   -10.786 6.003   0.94 14.03 ? 2033 HOH A O   1 
HETATM 1299 O O   . HOH C 3 .   ? 4.631   -14.071 0.910   0.92 11.37 ? 2034 HOH A O   1 
HETATM 1300 O O   . HOH C 3 .   ? 5.782   -13.143 6.577   0.92 20.23 ? 2035 HOH A O   1 
HETATM 1301 O O   . HOH C 3 .   ? 3.989   -13.776 6.473   0.73 30.65 ? 2036 HOH A O   1 
HETATM 1302 O O   . HOH C 3 .   ? -13.925 -18.504 -6.957  0.73 29.24 ? 2037 HOH A O   1 
HETATM 1303 O O   . HOH C 3 .   ? -4.425  -6.570  9.035   0.70 17.21 ? 2038 HOH A O   1 
HETATM 1304 O O   . HOH C 3 .   ? 12.454  18.765  0.559   1.00 39.44 ? 2039 HOH A O   1 
HETATM 1305 O O   . HOH C 3 .   ? -6.845  -5.563  8.145   0.70 17.95 ? 2040 HOH A O   1 
HETATM 1306 O O   . HOH C 3 .   ? -8.205  -3.403  4.629   0.71 24.71 ? 2041 HOH A O   1 
HETATM 1307 O O   . HOH C 3 .   ? -8.743  -12.004 9.564   0.76 25.00 ? 2042 HOH A O   1 
HETATM 1308 O O   . HOH C 3 .   ? -10.892 -11.214 7.360   0.97 34.53 ? 2043 HOH A O   1 
HETATM 1309 O O   . HOH C 3 .   ? -5.555  -8.211  10.741  1.00 42.67 ? 2044 HOH A O   1 
HETATM 1310 O O   . HOH C 3 .   ? -13.512 -8.255  6.808   0.76 32.83 ? 2045 HOH A O   1 
HETATM 1311 O O   . HOH C 3 .   ? -6.013  -14.523 -7.153  0.81 17.58 ? 2046 HOH A O   1 
HETATM 1312 O O   . HOH C 3 .   ? -12.321 -2.995  3.073   1.00 16.23 ? 2047 HOH A O   1 
HETATM 1313 O O   . HOH C 3 .   ? -6.510  -1.692  -14.443 1.00 37.68 ? 2048 HOH A O   1 
HETATM 1314 O O   . HOH C 3 .   ? -19.385 -5.565  2.947   0.82 16.21 ? 2049 HOH A O   1 
HETATM 1315 O O   . HOH C 3 .   ? -18.631 -2.502  0.805   0.85 28.58 ? 2050 HOH A O   1 
HETATM 1316 O O   . HOH C 3 .   ? -20.317 -2.010  -1.547  0.57 22.17 ? 2051 HOH A O   1 
HETATM 1317 O O   . HOH C 3 .   ? -23.133 -5.425  -7.318  0.94 13.46 ? 2052 HOH A O   1 
HETATM 1318 O O   . HOH C 3 .   ? -26.845 -5.812  -4.008  0.98 34.19 ? 2053 HOH A O   1 
HETATM 1319 O O   . HOH C 3 .   ? -2.974  11.554  4.550   1.00 38.06 ? 2054 HOH A O   1 
HETATM 1320 O O   . HOH C 3 .   ? 1.628   11.482  6.329   0.92 28.57 ? 2055 HOH A O   1 
HETATM 1321 O O   . HOH C 3 .   ? -24.275 -1.563  -7.658  0.86 17.19 ? 2056 HOH A O   1 
HETATM 1322 O O   . HOH C 3 .   ? -17.680 -0.033  -10.101 0.59 26.63 ? 2057 HOH A O   1 
HETATM 1323 O O   . HOH C 3 .   ? -19.395 4.584   -8.961  1.00 31.56 ? 2058 HOH A O   1 
HETATM 1324 O O   . HOH C 3 .   ? -21.727 -1.038  0.804   1.00 42.84 ? 2059 HOH A O   1 
HETATM 1325 O O   . HOH C 3 .   ? -17.544 3.844   -2.676  0.79 13.41 ? 2060 HOH A O   1 
HETATM 1326 O O   . HOH C 3 .   ? -16.423 -1.183  0.545   0.78 25.15 ? 2061 HOH A O   1 
HETATM 1327 O O   . HOH C 3 .   ? -16.143 3.071   -0.307  0.78 14.51 ? 2062 HOH A O   1 
HETATM 1328 O O   . HOH C 3 .   ? -11.534 3.349   -7.824  0.81 25.42 ? 2063 HOH A O   1 
HETATM 1329 O O   . HOH C 3 .   ? 14.882  9.955   -5.298  0.94 33.02 ? 2064 HOH A O   1 
HETATM 1330 O O   . HOH C 3 .   ? 8.786   17.546  -2.286  0.95 36.67 ? 2065 HOH A O   1 
HETATM 1331 O O   . HOH C 3 .   ? -14.150 -1.061  2.028   0.96 14.90 ? 2066 HOH A O   1 
HETATM 1332 O O   . HOH C 3 .   ? -9.093  -0.827  4.762   0.90 23.95 ? 2067 HOH A O   1 
HETATM 1333 O O   . HOH C 3 .   ? -6.391  7.128   4.834   1.00 36.43 ? 2068 HOH A O   1 
HETATM 1334 O O   . HOH C 3 .   ? -3.994  6.665   3.989   0.94 27.28 ? 2069 HOH A O   1 
HETATM 1335 O O   . HOH C 3 .   ? -9.715  1.925   7.559   1.00 42.37 ? 2070 HOH A O   1 
HETATM 1336 O O   . HOH C 3 .   ? 0.200   10.879  10.738  0.92 32.09 ? 2071 HOH A O   1 
HETATM 1337 O O   . HOH C 3 .   ? -2.767  4.198   11.726  0.91 12.32 ? 2072 HOH A O   1 
HETATM 1338 O O   . HOH C 3 .   ? -4.159  7.357   8.534   0.67 19.00 ? 2073 HOH A O   1 
HETATM 1339 O O   . HOH C 3 .   ? -3.722  2.150   12.953  1.00 24.55 ? 2074 HOH A O   1 
HETATM 1340 O O   . HOH C 3 .   ? -8.059  -0.357  8.208   1.00 40.82 ? 2075 HOH A O   1 
HETATM 1341 O O   . HOH C 3 .   ? 8.148   8.995   11.765  0.98 9.92  ? 2076 HOH A O   1 
HETATM 1342 O O   . HOH C 3 .   ? 10.272  0.032   12.646  0.66 21.13 ? 2077 HOH A O   1 
HETATM 1343 O O   . HOH C 3 .   ? 9.480   2.089   16.001  0.80 20.77 ? 2078 HOH A O   1 
HETATM 1344 O O   . HOH C 3 .   ? 16.288  5.066   16.439  0.93 13.37 ? 2079 HOH A O   1 
HETATM 1345 O O   . HOH C 3 .   ? 26.550  12.145  14.105  0.83 23.40 ? 2080 HOH A O   1 
HETATM 1346 O O   . HOH C 3 .   ? 19.343  10.493  -2.831  0.86 24.62 ? 2081 HOH A O   1 
HETATM 1347 O O   . HOH C 3 .   ? 14.255  15.316  10.757  0.94 13.39 ? 2082 HOH A O   1 
HETATM 1348 O O   . HOH C 3 .   ? 17.319  17.262  11.018  0.81 25.31 ? 2083 HOH A O   1 
HETATM 1349 O O   . HOH C 3 .   ? 22.291  17.304  15.232  0.99 41.44 ? 2084 HOH A O   1 
HETATM 1350 O O   . HOH C 3 .   ? 14.081  13.076  18.746  0.69 19.39 ? 2085 HOH A O   1 
HETATM 1351 O O   . HOH C 3 .   ? 16.708  11.985  20.858  0.69 28.65 ? 2086 HOH A O   1 
HETATM 1352 O O   . HOH C 3 .   ? 21.266  15.556  7.069   1.00 23.22 ? 2087 HOH A O   1 
HETATM 1353 O O   . HOH C 3 .   ? 17.768  17.396  8.492   0.88 19.40 ? 2088 HOH A O   1 
HETATM 1354 O O   . HOH C 3 .   ? 13.759  17.214  9.535   0.75 29.87 ? 2089 HOH A O   1 
HETATM 1355 O O   . HOH C 3 .   ? -13.986 -21.638 -2.197  1.00 40.01 ? 2090 HOH A O   1 
HETATM 1356 O O   . HOH C 3 .   ? -13.512 -19.142 -4.663  1.00 37.20 ? 2091 HOH A O   1 
HETATM 1357 O O   . HOH C 3 .   ? 12.329  8.867   -1.587  0.89 9.96  ? 2092 HOH A O   1 
HETATM 1358 O O   . HOH C 3 .   ? 17.017  17.796  0.575   0.86 32.56 ? 2093 HOH A O   1 
HETATM 1359 O O   . HOH C 3 .   ? 13.586  18.725  3.636   0.93 18.99 ? 2094 HOH A O   1 
HETATM 1360 O O   . HOH C 3 .   ? 3.544   5.269   -7.456  0.78 11.29 ? 2095 HOH A O   1 
HETATM 1361 O O   . HOH C 3 .   ? 4.780   3.785   -10.731 0.75 18.82 ? 2096 HOH A O   1 
HETATM 1362 O O   . HOH C 3 .   ? 14.294  2.919   -9.000  0.79 28.83 ? 2097 HOH A O   1 
HETATM 1363 O O   . HOH C 3 .   ? 9.993   0.106   -9.798  0.97 39.55 ? 2098 HOH A O   1 
HETATM 1364 O O   . HOH C 3 .   ? 2.593   -0.170  -11.699 0.61 19.72 ? 2099 HOH A O   1 
HETATM 1365 O O   . HOH C 3 .   ? 5.131   -2.989  -7.644  0.83 20.60 ? 2100 HOH A O   1 
HETATM 1366 O O   . HOH C 3 .   ? -0.026  -4.085  -11.931 0.92 16.10 ? 2101 HOH A O   1 
HETATM 1367 O O   . HOH C 3 .   ? -6.104  -11.150 -5.826  0.86 12.85 ? 2102 HOH A O   1 
HETATM 1368 O O   . HOH C 3 .   ? 5.051   -7.730  -11.209 0.72 27.07 ? 2103 HOH A O   1 
HETATM 1369 O O   . HOH C 3 .   ? -6.474  -14.615 -9.679  0.98 28.72 ? 2104 HOH A O   1 
HETATM 1370 O O   . HOH C 3 .   ? -8.376  -13.317 -6.211  1.00 18.32 ? 2105 HOH A O   1 
HETATM 1371 O O   . HOH C 3 .   ? -6.961  -3.182  -10.498 0.73 21.89 ? 2106 HOH A O   1 
HETATM 1372 O O   . HOH C 3 .   ? -6.981  -3.060  -12.459 0.94 31.36 ? 2107 HOH A O   1 
HETATM 1373 O O   . HOH C 3 .   ? -7.055  -7.249  -16.485 1.00 31.11 ? 2108 HOH A O   1 
HETATM 1374 O O   . HOH C 3 .   ? -10.895 -8.671  -16.432 0.90 29.85 ? 2109 HOH A O   1 
HETATM 1375 O O   . HOH C 3 .   ? -14.315 -12.164 -12.851 0.92 35.63 ? 2110 HOH A O   1 
HETATM 1376 O O   . HOH C 3 .   ? -15.378 -12.153 -10.046 0.78 23.51 ? 2111 HOH A O   1 
HETATM 1377 O O   . HOH C 3 .   ? -12.186 -13.800 -10.484 0.83 28.57 ? 2112 HOH A O   1 
HETATM 1378 O O   . HOH C 3 .   ? -11.795 3.523   -10.412 0.95 27.84 ? 2113 HOH A O   1 
HETATM 1379 O O   . HOH C 3 .   ? -8.850  1.489   -14.150 0.96 40.68 ? 2114 HOH A O   1 
HETATM 1380 O O   . HOH C 3 .   ? -7.068  -0.170  -12.179 1.00 23.43 ? 2115 HOH A O   1 
HETATM 1381 O O   . HOH C 3 .   ? -6.652  2.744   -12.822 0.66 24.46 ? 2116 HOH A O   1 
HETATM 1382 O O   . HOH C 3 .   ? -4.106  7.979   1.810   0.89 18.51 ? 2117 HOH A O   1 
HETATM 1383 O O   . HOH C 3 .   ? -3.963  10.294  2.067   0.87 20.01 ? 2118 HOH A O   1 
HETATM 1384 O O   . HOH C 3 .   ? 0.611   15.552  2.974   0.56 13.22 ? 2119 HOH A O   1 
HETATM 1385 O O   . HOH C 3 .   ? -0.324  12.424  5.000   0.84 27.47 ? 2120 HOH A O   1 
HETATM 1386 O O   . HOH C 3 .   ? -1.288  16.056  -5.283  0.95 16.25 ? 2121 HOH A O   1 
HETATM 1387 O O   . HOH C 3 .   ? 1.176   15.003  -6.507  0.72 26.55 ? 2122 HOH A O   1 
HETATM 1388 O O   . HOH C 3 .   ? -0.145  6.313   -10.420 0.60 16.45 ? 2123 HOH A O   1 
HETATM 1389 O O   . HOH C 3 .   ? -3.852  2.097   -13.845 0.87 21.71 ? 2124 HOH A O   1 
HETATM 1390 O O   . HOH C 3 .   ? 2.899   9.358   -15.512 0.87 21.39 ? 2125 HOH A O   1 
HETATM 1391 O O   . HOH C 3 .   ? 1.040   6.828   -7.995  0.68 16.28 ? 2126 HOH A O   1 
HETATM 1392 O O   . HOH C 3 .   ? 2.169   8.996   -8.687  0.80 27.44 ? 2127 HOH A O   1 
HETATM 1393 O O   . HOH C 3 .   ? 3.813   11.759  -9.037  0.99 37.43 ? 2128 HOH A O   1 
HETATM 1394 O O   . HOH C 3 .   ? 8.296   8.076   -11.921 1.00 27.02 ? 2129 HOH A O   1 
HETATM 1395 O O   . HOH C 3 .   ? 9.584   11.545  -8.446  1.00 37.76 ? 2130 HOH A O   1 
HETATM 1396 O O   . HOH C 3 .   ? 12.499  9.226   -4.381  0.99 19.51 ? 2131 HOH A O   1 
HETATM 1397 O O   . HOH C 3 .   ? 9.182   12.119  -6.129  1.00 26.85 ? 2132 HOH A O   1 
HETATM 1398 O O   . HOH C 3 .   ? 8.694   15.302  -3.785  0.82 21.58 ? 2133 HOH A O   1 
HETATM 1399 O O   . HOH C 3 .   ? 6.857   16.631  -0.473  0.74 13.09 ? 2134 HOH A O   1 
HETATM 1400 O O   . HOH C 3 .   ? 11.639  11.787  -5.077  0.74 26.51 ? 2135 HOH A O   1 
HETATM 1401 O O   . HOH C 3 .   ? 15.062  12.188  -2.327  0.73 25.22 ? 2136 HOH A O   1 
HETATM 1402 O O   . HOH C 3 .   ? 6.159   16.208  7.819   0.95 29.91 ? 2137 HOH A O   1 
HETATM 1403 O O   . HOH C 3 .   ? 7.903   11.499  10.733  1.00 11.54 ? 2138 HOH A O   1 
HETATM 1404 O O   . HOH C 3 .   ? 6.170   12.945  12.721  0.92 25.13 ? 2139 HOH A O   1 
HETATM 1405 O O   . HOH C 3 .   ? 5.912   13.843  10.620  0.69 17.64 ? 2140 HOH A O   1 
HETATM 1406 O O   . HOH C 3 .   ? 7.308   15.313  13.667  0.61 20.83 ? 2141 HOH A O   1 
HETATM 1407 O O   . HOH C 3 .   ? 5.766   10.781  14.066  0.88 14.57 ? 2142 HOH A O   1 
HETATM 1408 O O   . HOH C 3 .   ? 11.013  4.171   16.683  0.79 15.74 ? 2143 HOH A O   1 
HETATM 1409 O O   . HOH C 3 .   ? 8.104   11.539  20.033  0.64 19.47 ? 2144 HOH A O   1 
HETATM 1410 O O   . HOH C 3 .   ? 2.725   5.822   16.623  0.92 9.21  ? 2145 HOH A O   1 
HETATM 1411 O O   . HOH C 3 .   ? 4.404   4.308   18.117  0.74 19.35 ? 2146 HOH A O   1 
HETATM 1412 O O   . HOH C 3 .   ? 3.049   13.508  6.995   0.73 17.00 ? 2147 HOH A O   1 
HETATM 1413 O O   . HOH C 3 .   ? 0.913   9.422   8.181   0.97 17.97 ? 2148 HOH A O   1 
HETATM 1414 O O   . HOH C 3 .   ? -6.867  7.929   2.408   0.68 22.39 ? 2149 HOH A O   1 
HETATM 1415 O O   . HOH C 3 .   ? -16.898 -4.583  -17.195 0.80 20.28 ? 2150 HOH A O   1 
HETATM 1416 O O   . HOH C 3 .   ? -22.745 -4.444  -13.588 0.45 16.42 ? 2151 HOH A O   1 
HETATM 1417 O O   . HOH C 3 .   ? -17.289 -16.119 -9.534  0.50 26.46 ? 2152 HOH A O   1 
HETATM 1418 O O   . HOH C 3 .   ? -10.735 -14.164 -8.080  0.99 30.25 ? 2153 HOH A O   1 
HETATM 1419 O O   . HOH C 3 .   ? -8.973  -19.100 -0.790  0.76 18.08 ? 2154 HOH A O   1 
HETATM 1420 O O   . HOH C 3 .   ? -5.256  -18.086 -2.364  0.97 34.86 ? 2155 HOH A O   1 
HETATM 1421 O O   . HOH C 3 .   ? -1.310  -16.754 -1.948  0.85 28.21 ? 2156 HOH A O   1 
HETATM 1422 O O   . HOH C 3 .   ? -2.059  -15.586 2.249   0.64 18.39 ? 2157 HOH A O   1 
HETATM 1423 O O   . HOH C 3 .   ? -3.305  -13.395 -6.542  0.91 14.74 ? 2158 HOH A O   1 
HETATM 1424 O O   . HOH C 3 .   ? -1.792  -15.402 -4.629  0.92 18.64 ? 2159 HOH A O   1 
HETATM 1425 O O   . HOH C 3 .   ? 14.483  5.561   -10.559 0.99 38.10 ? 2160 HOH A O   1 
HETATM 1426 O O   . HOH C 3 .   ? 19.419  9.753   -0.134  0.97 7.90  ? 2161 HOH A O   1 
HETATM 1427 O O   . HOH C 3 .   ? 17.423  12.949  -1.398  1.00 34.23 ? 2162 HOH A O   1 
HETATM 1428 O O   . HOH C 3 .   ? 20.921  13.064  0.170   0.91 13.81 ? 2163 HOH A O   1 
HETATM 1429 O O   . HOH C 3 .   ? 23.764  16.470  6.162   0.80 26.38 ? 2164 HOH A O   1 
HETATM 1430 O O   . HOH C 3 .   ? 24.568  15.697  3.635   0.92 21.50 ? 2165 HOH A O   1 
HETATM 1431 O O   . HOH C 3 .   ? 17.860  19.592  4.065   0.95 28.51 ? 2166 HOH A O   1 
HETATM 1432 O O   . HOH C 3 .   ? 27.361  12.381  3.411   1.00 45.81 ? 2167 HOH A O   1 
HETATM 1433 O O   . HOH C 3 .   ? 23.240  5.117   5.966   0.92 32.78 ? 2168 HOH A O   1 
HETATM 1434 O O   . HOH C 3 .   ? 24.986  6.216   1.303   0.81 20.19 ? 2169 HOH A O   1 
HETATM 1435 O O   . HOH C 3 .   ? 26.853  7.570   5.034   0.98 30.94 ? 2170 HOH A O   1 
HETATM 1436 O O   . HOH C 3 .   ? 26.823  8.451   -0.197  0.74 17.94 ? 2171 HOH A O   1 
HETATM 1437 O O   . HOH C 3 .   ? 21.360  7.764   -4.595  0.90 18.56 ? 2172 HOH A O   1 
HETATM 1438 O O   . HOH C 3 .   ? 17.814  1.419   -4.648  0.90 20.36 ? 2173 HOH A O   1 
HETATM 1439 O O   . HOH C 3 .   ? 15.823  2.584   -5.910  1.00 30.52 ? 2174 HOH A O   1 
HETATM 1440 O O   . HOH C 3 .   ? 19.817  6.114   -6.254  0.77 17.22 ? 2175 HOH A O   1 
HETATM 1441 O O   . HOH C 3 .   ? 14.143  0.901   -9.644  0.59 20.00 ? 2176 HOH A O   1 
HETATM 1442 O O   . HOH C 3 .   ? 7.384   -8.747  -4.240  0.75 18.25 ? 2177 HOH A O   1 
HETATM 1443 O O   . HOH C 3 .   ? 2.252   -15.336 1.255   0.71 25.70 ? 2178 HOH A O   1 
HETATM 1444 O O   . HOH C 3 .   ? -11.343 -16.196 5.151   1.00 37.53 ? 2179 HOH A O   1 
HETATM 1445 O O   . HOH C 3 .   ? -13.319 -20.069 0.530   1.00 40.58 ? 2180 HOH A O   1 
HETATM 1446 O O   . HOH C 3 .   ? -11.615 -18.851 -0.671  0.73 23.17 ? 2181 HOH A O   1 
HETATM 1447 O O   . HOH C 3 .   ? -14.619 -18.877 -2.440  0.88 26.35 ? 2182 HOH A O   1 
HETATM 1448 O O   . HOH C 3 .   ? -13.294 -15.643 3.260   1.00 19.27 ? 2183 HOH A O   1 
HETATM 1449 O O   . HOH C 3 .   ? -22.818 -7.300  -10.801 0.77 22.76 ? 2184 HOH A O   1 
HETATM 1450 O O   . HOH C 3 .   ? -27.429 -9.892  -5.604  0.97 9.36  ? 2185 HOH A O   1 
HETATM 1451 O O   . HOH C 3 .   ? -25.959 -8.863  -12.718 0.78 30.15 ? 2186 HOH A O   1 
HETATM 1452 O O   . HOH C 3 .   ? -29.424 -10.556 -11.455 0.80 29.42 ? 2187 HOH A O   1 
# 
